data_6WPY
#
_entry.id   6WPY
#
_cell.length_a   102.077
_cell.length_b   122.518
_cell.length_c   157.920
_cell.angle_alpha   90.000
_cell.angle_beta   90.000
_cell.angle_gamma   90.000
#
_symmetry.space_group_name_H-M   'P 21 2 21'
#
loop_
_entity.id
_entity.type
_entity.pdbx_description
1 polymer BlEst2
2 water water
#
_entity_poly.entity_id   1
_entity_poly.type   'polypeptide(L)'
_entity_poly.pdbx_seq_one_letter_code
;MKKLVLLMLVLLLVYPHVSKAGGFKGGGGNPGYWFAGDPVEHPDPAKPPIVFVHGLNGSSSAWFDENDMAEQAWKNGYDA
AFIDLHPDKDMQDNGAMLAAKLREIYQYFGRKVILVSYSKGGIDSQSALIHHNAYHYVERVITLGTPHHGSQLADLAYSN
WAGWLADILGQKNDAVYSLQTGFMKSFRDQTDNHPNRLKTKYFTLAGNKIGGFGSALFFGGVYLNMFGENDGAVTEKNAR
LPYATNLDTGKWDHFSIIKGNLTFPVFMPLLTIQANANETAATKENLSYPFIRGGENHGLREEEFAVEKGVKEITVHWLS
NHSSGNIKLTDPRGKPFKDFSIAKTADVFEGGFVHSAAIKNPAAGTWKIASSVKQKEAFLFIVTFDSPLNQQIKNAVTRE
SSNLANVKASVRSIRYENGKQAEKKSLKPASINALQNSLSFKKAGMYSVTIDLSGKTADNSPFNRTIIRSIYVNDKGEKF
ENSPLSD
;
_entity_poly.pdbx_strand_id   A,B,C,D,E,F
#
# COMPACT_ATOMS: atom_id res chain seq x y z
N GLY A 29 25.36 -21.61 7.58
CA GLY A 29 25.54 -20.38 6.81
C GLY A 29 25.61 -19.12 7.65
N ASN A 30 25.21 -17.96 7.08
CA ASN A 30 25.22 -16.66 7.76
C ASN A 30 23.80 -16.03 7.76
N PRO A 31 22.97 -16.28 8.81
CA PRO A 31 21.58 -15.79 8.79
C PRO A 31 21.37 -14.36 8.39
N GLY A 32 20.42 -14.14 7.49
CA GLY A 32 20.07 -12.83 6.96
C GLY A 32 20.71 -12.56 5.62
N TYR A 33 21.83 -13.26 5.36
CA TYR A 33 22.55 -13.08 4.12
C TYR A 33 21.82 -13.72 2.93
N TRP A 34 21.74 -12.96 1.85
CA TRP A 34 21.17 -13.47 0.61
C TRP A 34 21.96 -12.96 -0.55
N PHE A 35 21.94 -13.70 -1.66
CA PHE A 35 22.64 -13.30 -2.85
C PHE A 35 21.87 -13.72 -4.07
N ALA A 36 22.08 -13.00 -5.18
CA ALA A 36 21.42 -13.37 -6.42
C ALA A 36 22.28 -14.31 -7.19
N GLY A 37 21.66 -15.21 -7.92
CA GLY A 37 22.38 -16.14 -8.76
C GLY A 37 22.82 -15.40 -10.00
N ASP A 38 23.60 -16.09 -10.82
CA ASP A 38 24.04 -15.58 -12.10
C ASP A 38 22.87 -15.08 -12.97
N PRO A 39 23.08 -13.94 -13.65
CA PRO A 39 22.02 -13.39 -14.51
C PRO A 39 21.73 -14.30 -15.69
N VAL A 40 20.45 -14.45 -15.99
CA VAL A 40 20.00 -15.32 -17.04
C VAL A 40 20.42 -14.78 -18.39
N GLU A 41 20.91 -15.69 -19.22
CA GLU A 41 21.36 -15.44 -20.58
C GLU A 41 20.29 -14.66 -21.37
N HIS A 42 19.07 -15.21 -21.43
CA HIS A 42 17.96 -14.63 -22.18
C HIS A 42 16.79 -14.39 -21.22
N PRO A 43 16.73 -13.21 -20.55
CA PRO A 43 15.66 -12.98 -19.56
C PRO A 43 14.26 -12.94 -20.13
N ASP A 44 13.29 -13.40 -19.34
CA ASP A 44 11.91 -13.49 -19.75
C ASP A 44 11.02 -12.91 -18.69
N PRO A 45 10.19 -11.92 -19.05
CA PRO A 45 9.24 -11.35 -18.08
C PRO A 45 8.22 -12.36 -17.56
N ALA A 46 7.89 -13.38 -18.37
CA ALA A 46 6.96 -14.44 -18.00
C ALA A 46 7.52 -15.40 -16.94
N LYS A 47 8.85 -15.32 -16.71
CA LYS A 47 9.60 -16.15 -15.77
C LYS A 47 9.98 -15.37 -14.48
N PRO A 48 9.16 -15.47 -13.39
CA PRO A 48 9.47 -14.75 -12.14
C PRO A 48 10.76 -15.22 -11.50
N PRO A 49 11.45 -14.40 -10.72
CA PRO A 49 12.66 -14.91 -10.07
C PRO A 49 12.31 -15.88 -8.96
N ILE A 50 13.19 -16.84 -8.71
CA ILE A 50 12.93 -17.80 -7.64
C ILE A 50 13.82 -17.53 -6.45
N VAL A 51 13.22 -17.52 -5.26
CA VAL A 51 13.98 -17.42 -4.02
C VAL A 51 13.98 -18.83 -3.43
N PHE A 52 15.17 -19.38 -3.27
CA PHE A 52 15.35 -20.70 -2.72
C PHE A 52 15.59 -20.63 -1.23
N VAL A 53 14.71 -21.31 -0.47
CA VAL A 53 14.70 -21.33 0.99
C VAL A 53 15.05 -22.74 1.57
N HIS A 54 16.23 -22.84 2.21
CA HIS A 54 16.73 -24.09 2.80
C HIS A 54 15.89 -24.57 3.98
N GLY A 55 16.24 -25.72 4.50
CA GLY A 55 15.56 -26.29 5.64
C GLY A 55 16.29 -26.21 6.97
N LEU A 56 15.85 -27.07 7.85
CA LEU A 56 16.35 -27.20 9.21
C LEU A 56 17.86 -27.44 9.25
N ASN A 57 18.58 -26.68 10.10
CA ASN A 57 20.03 -26.80 10.31
C ASN A 57 20.82 -26.69 9.01
N GLY A 58 20.25 -25.98 8.03
CA GLY A 58 20.88 -25.79 6.71
C GLY A 58 21.19 -24.36 6.35
N SER A 59 21.58 -24.18 5.08
CA SER A 59 21.89 -22.88 4.51
C SER A 59 21.60 -22.93 3.01
N SER A 60 21.82 -21.81 2.30
CA SER A 60 21.67 -21.70 0.86
C SER A 60 22.55 -22.75 0.10
N SER A 61 23.62 -23.26 0.72
CA SER A 61 24.49 -24.25 0.11
C SER A 61 23.79 -25.57 -0.22
N ALA A 62 22.60 -25.81 0.36
CA ALA A 62 21.78 -27.00 0.12
C ALA A 62 21.41 -27.10 -1.37
N TRP A 63 21.28 -25.94 -2.02
CA TRP A 63 20.92 -25.80 -3.42
C TRP A 63 22.14 -25.94 -4.37
N PHE A 64 23.34 -26.05 -3.81
CA PHE A 64 24.57 -26.10 -4.60
C PHE A 64 25.50 -27.29 -4.32
N ASP A 65 25.68 -27.71 -3.05
CA ASP A 65 26.57 -28.84 -2.73
CA ASP A 65 26.57 -28.82 -2.74
C ASP A 65 25.95 -30.16 -3.20
N GLU A 66 26.61 -30.78 -4.22
CA GLU A 66 26.21 -32.02 -4.87
C GLU A 66 24.77 -31.87 -5.41
N ASN A 67 24.43 -30.63 -5.76
CA ASN A 67 23.10 -30.27 -6.22
C ASN A 67 23.20 -29.33 -7.40
N ASP A 68 22.35 -29.56 -8.39
CA ASP A 68 22.37 -28.71 -9.57
C ASP A 68 21.15 -27.79 -9.65
N MET A 69 20.39 -27.61 -8.54
CA MET A 69 19.18 -26.76 -8.52
C MET A 69 19.43 -25.35 -9.03
N ALA A 70 20.54 -24.70 -8.58
CA ALA A 70 20.88 -23.35 -9.05
C ALA A 70 21.06 -23.36 -10.57
N GLU A 71 21.82 -24.36 -11.08
CA GLU A 71 22.06 -24.54 -12.50
C GLU A 71 20.77 -24.82 -13.26
N GLN A 72 19.86 -25.63 -12.68
CA GLN A 72 18.57 -25.98 -13.26
C GLN A 72 17.76 -24.72 -13.47
N ALA A 73 17.73 -23.82 -12.49
CA ALA A 73 16.99 -22.56 -12.58
C ALA A 73 17.58 -21.67 -13.66
N TRP A 74 18.89 -21.41 -13.57
CA TRP A 74 19.61 -20.56 -14.50
C TRP A 74 19.53 -21.07 -15.95
N LYS A 75 19.82 -22.37 -16.19
CA LYS A 75 19.81 -22.93 -17.53
C LYS A 75 18.43 -22.97 -18.16
N ASN A 76 17.37 -22.92 -17.34
CA ASN A 76 16.00 -22.92 -17.81
C ASN A 76 15.43 -21.52 -17.89
N GLY A 77 16.31 -20.52 -17.77
CA GLY A 77 15.95 -19.13 -17.93
C GLY A 77 15.34 -18.45 -16.73
N TYR A 78 15.55 -19.01 -15.52
CA TYR A 78 15.02 -18.42 -14.30
C TYR A 78 16.05 -17.69 -13.50
N ASP A 79 15.73 -16.43 -13.13
CA ASP A 79 16.60 -15.66 -12.26
C ASP A 79 16.38 -16.16 -10.87
N ALA A 80 17.39 -16.05 -10.00
CA ALA A 80 17.21 -16.60 -8.68
C ALA A 80 17.98 -15.86 -7.62
N ALA A 81 17.58 -16.07 -6.37
CA ALA A 81 18.22 -15.55 -5.17
C ALA A 81 18.23 -16.67 -4.16
N PHE A 82 19.26 -16.67 -3.30
CA PHE A 82 19.42 -17.71 -2.30
C PHE A 82 19.63 -17.04 -0.97
N ILE A 83 18.89 -17.51 0.04
CA ILE A 83 18.94 -16.91 1.36
C ILE A 83 19.36 -17.90 2.46
N ASP A 84 20.11 -17.36 3.45
CA ASP A 84 20.49 -18.06 4.66
C ASP A 84 19.57 -17.49 5.72
N LEU A 85 18.80 -18.36 6.36
CA LEU A 85 17.95 -17.99 7.48
C LEU A 85 18.63 -18.67 8.66
N HIS A 86 18.02 -18.63 9.86
CA HIS A 86 18.61 -19.29 11.00
C HIS A 86 18.49 -20.80 10.87
N PRO A 87 19.59 -21.53 11.04
CA PRO A 87 19.52 -22.99 10.96
C PRO A 87 18.93 -23.58 12.25
N ASP A 88 19.00 -22.80 13.35
CA ASP A 88 18.66 -23.17 14.70
C ASP A 88 17.51 -22.41 15.36
N LYS A 89 16.77 -21.53 14.64
CA LYS A 89 15.66 -20.77 15.23
C LYS A 89 14.33 -21.20 14.68
N ASP A 90 13.25 -20.83 15.35
CA ASP A 90 11.93 -21.28 14.92
C ASP A 90 11.36 -20.52 13.69
N MET A 91 10.13 -20.89 13.25
CA MET A 91 9.48 -20.28 12.08
C MET A 91 9.10 -18.82 12.32
N GLN A 92 8.97 -18.40 13.58
CA GLN A 92 8.62 -17.02 13.90
C GLN A 92 9.83 -16.10 13.61
N ASP A 93 11.01 -16.47 14.12
CA ASP A 93 12.22 -15.69 13.89
C ASP A 93 12.63 -15.79 12.44
N ASN A 94 12.50 -16.98 11.84
CA ASN A 94 12.82 -17.17 10.43
C ASN A 94 11.85 -16.48 9.52
N GLY A 95 10.57 -16.51 9.89
CA GLY A 95 9.52 -15.83 9.16
C GLY A 95 9.74 -14.33 9.13
N ALA A 96 10.09 -13.74 10.29
CA ALA A 96 10.36 -12.31 10.38
C ALA A 96 11.56 -11.90 9.52
N MET A 97 12.65 -12.69 9.56
CA MET A 97 13.86 -12.44 8.80
C MET A 97 13.60 -12.59 7.30
N LEU A 98 12.96 -13.69 6.91
CA LEU A 98 12.64 -13.97 5.51
C LEU A 98 11.78 -12.86 4.95
N ALA A 99 10.74 -12.43 5.70
CA ALA A 99 9.84 -11.35 5.29
C ALA A 99 10.62 -10.04 5.05
N ALA A 100 11.57 -9.74 5.96
CA ALA A 100 12.44 -8.56 5.86
C ALA A 100 13.32 -8.62 4.59
N LYS A 101 13.95 -9.77 4.32
CA LYS A 101 14.81 -9.89 3.18
C LYS A 101 14.03 -9.97 1.86
N LEU A 102 12.77 -10.47 1.89
CA LEU A 102 11.92 -10.55 0.69
C LEU A 102 11.61 -9.17 0.17
N ARG A 103 11.53 -8.18 1.08
CA ARG A 103 11.34 -6.81 0.69
C ARG A 103 12.58 -6.32 -0.14
N GLU A 104 13.77 -6.62 0.33
CA GLU A 104 15.01 -6.28 -0.37
C GLU A 104 15.12 -7.01 -1.72
N ILE A 105 14.75 -8.32 -1.74
CA ILE A 105 14.80 -9.15 -2.95
C ILE A 105 13.79 -8.63 -3.98
N TYR A 106 12.57 -8.26 -3.52
CA TYR A 106 11.53 -7.70 -4.37
C TYR A 106 12.05 -6.43 -5.04
N GLN A 107 12.74 -5.58 -4.26
CA GLN A 107 13.29 -4.33 -4.75
C GLN A 107 14.41 -4.58 -5.74
N TYR A 108 15.22 -5.61 -5.48
CA TYR A 108 16.32 -6.01 -6.34
C TYR A 108 15.84 -6.47 -7.73
N PHE A 109 14.80 -7.33 -7.77
CA PHE A 109 14.27 -7.85 -9.02
C PHE A 109 13.21 -6.98 -9.67
N GLY A 110 12.64 -6.08 -8.89
CA GLY A 110 11.60 -5.17 -9.34
C GLY A 110 10.27 -5.82 -9.61
N ARG A 111 10.07 -7.02 -9.07
CA ARG A 111 8.83 -7.78 -9.25
C ARG A 111 8.70 -8.88 -8.21
N LYS A 112 7.47 -9.44 -8.09
CA LYS A 112 7.15 -10.52 -7.18
C LYS A 112 7.91 -11.80 -7.56
N VAL A 113 8.37 -12.51 -6.52
CA VAL A 113 9.17 -13.72 -6.64
C VAL A 113 8.35 -14.97 -6.31
N ILE A 114 8.91 -16.13 -6.70
CA ILE A 114 8.32 -17.41 -6.37
C ILE A 114 9.20 -18.01 -5.27
N LEU A 115 8.59 -18.58 -4.25
CA LEU A 115 9.40 -19.25 -3.24
C LEU A 115 9.43 -20.75 -3.51
N VAL A 116 10.65 -21.32 -3.58
CA VAL A 116 10.89 -22.77 -3.66
C VAL A 116 11.58 -23.08 -2.34
N SER A 117 10.81 -23.67 -1.41
CA SER A 117 11.24 -23.90 -0.06
C SER A 117 11.24 -25.35 0.37
N TYR A 118 12.35 -25.76 0.98
CA TYR A 118 12.57 -27.12 1.43
C TYR A 118 12.43 -27.32 2.92
N SER A 119 11.85 -28.50 3.32
CA SER A 119 11.77 -28.93 4.73
C SER A 119 11.17 -27.77 5.54
N LYS A 120 11.80 -27.38 6.65
CA LYS A 120 11.32 -26.31 7.51
C LYS A 120 11.22 -24.96 6.80
N GLY A 121 11.98 -24.80 5.73
CA GLY A 121 11.92 -23.58 4.93
C GLY A 121 10.52 -23.27 4.43
N GLY A 122 9.72 -24.31 4.17
CA GLY A 122 8.34 -24.17 3.72
C GLY A 122 7.44 -23.54 4.77
N ILE A 123 7.72 -23.85 6.05
CA ILE A 123 7.01 -23.32 7.22
C ILE A 123 7.47 -21.87 7.46
N ASP A 124 8.79 -21.61 7.41
CA ASP A 124 9.35 -20.26 7.55
C ASP A 124 8.75 -19.37 6.48
N SER A 125 8.54 -19.93 5.26
CA SER A 125 7.95 -19.23 4.12
C SER A 125 6.54 -18.76 4.42
N GLN A 126 5.71 -19.66 4.96
CA GLN A 126 4.33 -19.34 5.30
C GLN A 126 4.27 -18.33 6.38
N SER A 127 5.13 -18.46 7.40
CA SER A 127 5.20 -17.51 8.51
C SER A 127 5.52 -16.13 7.94
N ALA A 128 6.53 -16.04 7.04
CA ALA A 128 6.92 -14.79 6.41
C ALA A 128 5.75 -14.16 5.71
N LEU A 129 5.06 -14.92 4.88
CA LEU A 129 3.97 -14.37 4.11
C LEU A 129 2.70 -14.04 4.91
N ILE A 130 2.29 -14.94 5.77
CA ILE A 130 1.06 -14.79 6.51
C ILE A 130 1.23 -13.95 7.77
N HIS A 131 2.14 -14.34 8.65
CA HIS A 131 2.31 -13.64 9.91
C HIS A 131 3.23 -12.44 9.85
N HIS A 132 4.02 -12.29 8.77
CA HIS A 132 4.92 -11.15 8.67
C HIS A 132 4.68 -10.35 7.38
N ASN A 133 3.48 -10.55 6.79
CA ASN A 133 2.93 -9.85 5.61
C ASN A 133 3.86 -9.77 4.37
N ALA A 134 4.67 -10.82 4.15
CA ALA A 134 5.55 -10.87 2.98
C ALA A 134 4.80 -11.23 1.67
N TYR A 135 3.49 -11.52 1.78
CA TYR A 135 2.67 -11.88 0.62
C TYR A 135 2.72 -10.84 -0.51
N HIS A 136 3.00 -9.57 -0.16
CA HIS A 136 3.13 -8.45 -1.10
C HIS A 136 4.26 -8.66 -2.13
N TYR A 137 5.28 -9.46 -1.75
CA TYR A 137 6.50 -9.69 -2.54
C TYR A 137 6.54 -11.03 -3.23
N VAL A 138 5.55 -11.91 -2.96
CA VAL A 138 5.54 -13.30 -3.46
C VAL A 138 4.30 -13.63 -4.28
N GLU A 139 4.52 -14.26 -5.47
CA GLU A 139 3.50 -14.72 -6.43
C GLU A 139 2.86 -16.05 -5.92
N ARG A 140 3.75 -17.01 -5.56
CA ARG A 140 3.39 -18.35 -5.12
C ARG A 140 4.54 -19.03 -4.41
N VAL A 141 4.18 -20.06 -3.63
CA VAL A 141 5.10 -20.83 -2.81
C VAL A 141 4.98 -22.29 -3.17
N ILE A 142 6.14 -22.93 -3.41
CA ILE A 142 6.26 -24.36 -3.68
C ILE A 142 7.09 -24.93 -2.55
N THR A 143 6.49 -25.86 -1.78
CA THR A 143 7.19 -26.50 -0.66
C THR A 143 7.60 -27.93 -1.04
N LEU A 144 8.84 -28.30 -0.73
CA LEU A 144 9.41 -29.61 -0.99
C LEU A 144 9.67 -30.32 0.33
N GLY A 145 8.88 -31.39 0.58
CA GLY A 145 8.98 -32.21 1.78
C GLY A 145 8.97 -31.39 3.06
N THR A 146 8.07 -30.41 3.11
CA THR A 146 7.93 -29.56 4.29
C THR A 146 7.00 -30.25 5.29
N PRO A 147 7.42 -30.44 6.55
CA PRO A 147 6.52 -31.05 7.54
C PRO A 147 5.48 -30.03 8.05
N HIS A 148 4.52 -29.66 7.18
CA HIS A 148 3.48 -28.70 7.52
C HIS A 148 2.68 -29.13 8.75
N HIS A 149 2.56 -30.46 9.01
CA HIS A 149 1.84 -30.99 10.18
C HIS A 149 2.79 -31.55 11.27
N GLY A 150 4.08 -31.24 11.13
CA GLY A 150 5.10 -31.66 12.07
C GLY A 150 5.82 -32.94 11.71
N SER A 151 6.92 -33.18 12.43
CA SER A 151 7.77 -34.34 12.23
C SER A 151 7.72 -35.25 13.43
N GLN A 152 7.36 -36.53 13.20
CA GLN A 152 7.33 -37.53 14.28
C GLN A 152 8.73 -37.87 14.71
N LEU A 153 9.74 -37.59 13.84
CA LEU A 153 11.15 -37.73 14.15
C LEU A 153 11.57 -36.61 15.09
N ALA A 154 11.00 -35.41 14.95
CA ALA A 154 11.30 -34.32 15.88
C ALA A 154 10.68 -34.67 17.24
N ASP A 155 9.48 -35.31 17.23
CA ASP A 155 8.82 -35.75 18.45
C ASP A 155 9.70 -36.76 19.16
N LEU A 156 10.27 -37.70 18.38
CA LEU A 156 11.16 -38.74 18.84
C LEU A 156 12.43 -38.14 19.41
N ALA A 157 13.05 -37.14 18.75
CA ALA A 157 14.28 -36.50 19.22
C ALA A 157 14.14 -35.89 20.61
N TYR A 158 12.93 -35.38 20.90
CA TYR A 158 12.62 -34.77 22.18
C TYR A 158 12.03 -35.75 23.21
N SER A 159 12.06 -37.08 22.92
CA SER A 159 11.63 -38.20 23.77
C SER A 159 12.78 -39.30 23.92
N ASN A 160 13.49 -39.59 22.77
CA ASN A 160 14.62 -40.50 22.48
C ASN A 160 15.62 -39.98 21.47
N TRP A 161 16.77 -39.57 21.96
CA TRP A 161 17.79 -39.16 21.04
C TRP A 161 18.46 -40.35 20.36
N ALA A 162 18.50 -40.33 19.05
CA ALA A 162 19.15 -41.40 18.30
C ALA A 162 20.33 -40.83 17.54
N GLY A 163 21.44 -41.56 17.49
CA GLY A 163 22.62 -41.12 16.74
C GLY A 163 22.31 -40.84 15.29
N TRP A 164 21.59 -41.76 14.64
CA TRP A 164 21.19 -41.64 13.22
C TRP A 164 20.25 -40.47 12.99
N LEU A 165 19.42 -40.15 13.98
CA LEU A 165 18.46 -39.05 13.95
C LEU A 165 19.16 -37.71 13.77
N ALA A 166 20.36 -37.53 14.32
CA ALA A 166 21.14 -36.30 14.20
C ALA A 166 21.49 -36.03 12.76
N ASP A 167 21.66 -37.06 11.93
CA ASP A 167 22.01 -36.91 10.51
C ASP A 167 20.88 -36.43 9.66
N ILE A 168 19.66 -36.75 10.03
CA ILE A 168 18.46 -36.33 9.31
C ILE A 168 18.06 -34.89 9.73
N LEU A 169 18.11 -34.62 11.05
CA LEU A 169 17.66 -33.41 11.71
C LEU A 169 18.70 -32.37 12.06
N GLY A 170 19.88 -32.77 12.45
CA GLY A 170 20.89 -31.85 12.97
C GLY A 170 20.75 -31.88 14.49
N GLN A 171 21.59 -31.15 15.25
CA GLN A 171 21.41 -31.25 16.70
C GLN A 171 20.22 -30.40 17.22
N LYS A 172 19.49 -30.92 18.23
CA LYS A 172 18.34 -30.33 18.91
C LYS A 172 18.59 -28.85 19.22
N ASN A 173 17.63 -27.98 18.89
CA ASN A 173 17.66 -26.52 19.08
C ASN A 173 16.22 -26.00 18.95
N ASP A 174 15.99 -24.69 18.96
CA ASP A 174 14.65 -24.08 18.81
C ASP A 174 13.93 -24.47 17.48
N ALA A 175 14.70 -24.62 16.38
CA ALA A 175 14.17 -24.98 15.07
C ALA A 175 13.64 -26.40 15.09
N VAL A 176 14.43 -27.40 15.61
CA VAL A 176 13.99 -28.80 15.71
C VAL A 176 12.79 -28.90 16.63
N TYR A 177 12.82 -28.17 17.74
CA TYR A 177 11.75 -28.09 18.72
C TYR A 177 10.45 -27.65 18.03
N SER A 178 10.53 -26.61 17.16
CA SER A 178 9.38 -26.07 16.45
C SER A 178 8.76 -27.02 15.41
N LEU A 179 9.44 -28.13 15.11
CA LEU A 179 8.96 -29.13 14.17
C LEU A 179 8.14 -30.25 14.80
N GLN A 180 8.05 -30.27 16.14
CA GLN A 180 7.25 -31.25 16.86
C GLN A 180 5.79 -31.12 16.40
N THR A 181 5.08 -32.27 16.31
CA THR A 181 3.71 -32.30 15.80
C THR A 181 2.74 -31.51 16.62
N GLY A 182 2.99 -31.46 17.92
CA GLY A 182 2.15 -30.69 18.82
C GLY A 182 2.27 -29.21 18.54
N PHE A 183 3.52 -28.75 18.40
CA PHE A 183 3.89 -27.38 18.09
C PHE A 183 3.33 -26.99 16.73
N MET A 184 3.48 -27.87 15.72
CA MET A 184 2.98 -27.61 14.38
C MET A 184 1.45 -27.59 14.32
N LYS A 185 0.76 -28.37 15.17
CA LYS A 185 -0.69 -28.36 15.21
C LYS A 185 -1.16 -26.95 15.59
N SER A 186 -0.51 -26.34 16.60
CA SER A 186 -0.77 -24.99 17.08
C SER A 186 -0.47 -23.99 15.95
N PHE A 187 0.68 -24.13 15.28
CA PHE A 187 1.03 -23.25 14.18
C PHE A 187 -0.04 -23.31 13.10
N ARG A 188 -0.46 -24.53 12.73
CA ARG A 188 -1.49 -24.75 11.72
C ARG A 188 -2.78 -24.00 12.08
N ASP A 189 -3.19 -24.09 13.36
CA ASP A 189 -4.39 -23.45 13.89
C ASP A 189 -4.38 -21.94 13.69
N GLN A 190 -3.24 -21.31 13.96
CA GLN A 190 -3.05 -19.86 13.84
C GLN A 190 -2.78 -19.36 12.43
N THR A 191 -2.44 -20.27 11.52
CA THR A 191 -2.07 -19.91 10.16
C THR A 191 -3.15 -20.17 9.11
N ASP A 192 -3.74 -21.38 9.13
CA ASP A 192 -4.70 -21.84 8.14
C ASP A 192 -6.01 -21.05 8.11
N ASN A 193 -6.31 -20.33 9.21
CA ASN A 193 -7.51 -19.52 9.35
C ASN A 193 -7.24 -18.01 9.29
N HIS A 194 -5.97 -17.63 9.16
CA HIS A 194 -5.56 -16.23 9.03
C HIS A 194 -5.99 -15.66 7.66
N PRO A 195 -6.49 -14.41 7.60
CA PRO A 195 -6.90 -13.84 6.31
C PRO A 195 -5.81 -13.79 5.24
N ASN A 196 -4.53 -13.65 5.66
CA ASN A 196 -3.42 -13.59 4.71
C ASN A 196 -3.16 -14.88 3.95
N ARG A 197 -3.63 -16.02 4.50
CA ARG A 197 -3.47 -17.35 3.90
C ARG A 197 -4.03 -17.41 2.47
N LEU A 198 -5.18 -16.78 2.26
CA LEU A 198 -5.90 -16.75 0.99
C LEU A 198 -5.24 -15.92 -0.10
N LYS A 199 -4.29 -15.05 0.27
CA LYS A 199 -3.62 -14.13 -0.64
C LYS A 199 -2.48 -14.73 -1.48
N THR A 200 -2.10 -15.98 -1.23
CA THR A 200 -1.03 -16.59 -2.01
C THR A 200 -1.35 -18.03 -2.37
N LYS A 201 -0.88 -18.48 -3.56
CA LYS A 201 -1.12 -19.85 -4.01
C LYS A 201 -0.03 -20.74 -3.44
N TYR A 202 -0.42 -21.87 -2.85
CA TYR A 202 0.55 -22.82 -2.30
C TYR A 202 0.54 -24.09 -3.08
N PHE A 203 1.71 -24.70 -3.22
CA PHE A 203 1.94 -25.94 -3.93
C PHE A 203 2.81 -26.79 -3.07
N THR A 204 2.47 -28.06 -2.90
CA THR A 204 3.32 -28.95 -2.12
C THR A 204 3.80 -30.14 -2.93
N LEU A 205 5.03 -30.55 -2.69
CA LEU A 205 5.62 -31.75 -3.26
C LEU A 205 5.98 -32.62 -2.06
N ALA A 206 5.79 -33.93 -2.21
CA ALA A 206 6.12 -34.91 -1.17
C ALA A 206 6.63 -36.19 -1.77
N GLY A 207 7.51 -36.86 -1.04
CA GLY A 207 8.13 -38.12 -1.46
C GLY A 207 7.59 -39.30 -0.68
N ASN A 208 7.65 -40.49 -1.29
CA ASN A 208 7.18 -41.71 -0.65
C ASN A 208 8.30 -42.74 -0.60
N LYS A 209 9.52 -42.34 -1.02
CA LYS A 209 10.69 -43.20 -1.05
C LYS A 209 11.45 -43.08 0.24
N ILE A 210 11.69 -44.18 0.88
CA ILE A 210 12.46 -44.06 2.09
C ILE A 210 13.93 -44.14 1.73
N GLY A 211 14.77 -43.70 2.66
CA GLY A 211 16.19 -43.65 2.40
C GLY A 211 16.71 -44.96 1.91
N GLY A 212 17.67 -44.86 0.99
CA GLY A 212 18.33 -46.01 0.42
C GLY A 212 19.12 -46.75 1.47
N PHE A 213 19.27 -48.07 1.31
CA PHE A 213 20.05 -48.88 2.24
C PHE A 213 21.41 -48.22 2.42
N GLY A 214 21.75 -47.94 3.67
CA GLY A 214 23.01 -47.28 4.03
C GLY A 214 22.89 -45.80 4.30
N SER A 215 21.71 -45.21 4.12
CA SER A 215 21.52 -43.79 4.40
C SER A 215 20.78 -43.64 5.70
N ALA A 216 20.92 -42.50 6.41
CA ALA A 216 20.20 -42.31 7.71
C ALA A 216 18.66 -42.29 7.60
N LEU A 217 18.19 -41.97 6.37
CA LEU A 217 16.78 -41.94 5.99
C LEU A 217 16.19 -43.36 5.85
N PHE A 218 17.04 -44.40 5.91
CA PHE A 218 16.59 -45.77 5.90
C PHE A 218 15.95 -46.01 7.28
N PHE A 219 16.68 -45.62 8.34
CA PHE A 219 16.20 -45.72 9.71
C PHE A 219 14.96 -44.83 9.93
N GLY A 220 15.03 -43.56 9.54
CA GLY A 220 13.90 -42.65 9.62
C GLY A 220 12.69 -43.17 8.84
N GLY A 221 12.94 -43.77 7.69
CA GLY A 221 11.90 -44.35 6.85
C GLY A 221 11.13 -45.49 7.48
N VAL A 222 11.86 -46.48 8.02
CA VAL A 222 11.22 -47.62 8.67
C VAL A 222 10.53 -47.21 9.98
N TYR A 223 11.04 -46.19 10.66
CA TYR A 223 10.39 -45.66 11.85
C TYR A 223 9.08 -44.98 11.42
N LEU A 224 9.15 -44.08 10.40
CA LEU A 224 7.97 -43.34 9.92
C LEU A 224 6.95 -44.22 9.24
N ASN A 225 7.37 -45.43 8.81
CA ASN A 225 6.49 -46.42 8.21
C ASN A 225 5.38 -46.83 9.17
N MET A 226 5.57 -46.61 10.49
CA MET A 226 4.55 -46.89 11.51
C MET A 226 3.37 -45.94 11.36
N PHE A 227 3.64 -44.75 10.81
CA PHE A 227 2.67 -43.69 10.64
C PHE A 227 2.08 -43.64 9.24
N GLY A 228 2.87 -44.01 8.25
CA GLY A 228 2.41 -44.01 6.86
C GLY A 228 3.51 -43.79 5.85
N GLU A 229 3.11 -43.58 4.59
CA GLU A 229 4.00 -43.30 3.47
C GLU A 229 4.86 -42.11 3.87
N ASN A 230 6.16 -42.19 3.63
CA ASN A 230 7.05 -41.10 4.06
C ASN A 230 8.30 -41.06 3.19
N ASP A 231 9.09 -39.97 3.31
CA ASP A 231 10.32 -39.79 2.54
C ASP A 231 11.56 -40.04 3.39
N GLY A 232 11.39 -40.67 4.54
CA GLY A 232 12.50 -40.92 5.45
C GLY A 232 12.60 -39.89 6.55
N ALA A 233 11.91 -38.74 6.41
CA ALA A 233 11.94 -37.69 7.41
C ALA A 233 10.54 -37.10 7.69
N VAL A 234 9.72 -37.03 6.64
CA VAL A 234 8.39 -36.45 6.70
C VAL A 234 7.39 -37.43 6.09
N THR A 235 6.25 -37.64 6.76
CA THR A 235 5.20 -38.48 6.21
C THR A 235 4.50 -37.68 5.11
N GLU A 236 4.04 -38.38 4.06
CA GLU A 236 3.40 -37.71 2.93
C GLU A 236 2.23 -36.86 3.39
N LYS A 237 1.42 -37.40 4.33
CA LYS A 237 0.28 -36.68 4.87
C LYS A 237 0.67 -35.43 5.64
N ASN A 238 1.81 -35.44 6.35
CA ASN A 238 2.30 -34.26 7.08
C ASN A 238 3.00 -33.24 6.20
N ALA A 239 3.26 -33.59 4.91
CA ALA A 239 3.92 -32.71 3.94
C ALA A 239 2.93 -31.86 3.12
N ARG A 240 1.63 -32.00 3.43
CA ARG A 240 0.54 -31.32 2.72
C ARG A 240 -0.15 -30.20 3.49
N LEU A 241 -0.83 -29.33 2.74
CA LEU A 241 -1.63 -28.23 3.27
C LEU A 241 -3.01 -28.44 2.69
N PRO A 242 -4.06 -28.29 3.52
CA PRO A 242 -5.43 -28.56 3.04
C PRO A 242 -5.89 -27.75 1.81
N TYR A 243 -5.46 -26.50 1.71
CA TYR A 243 -5.82 -25.56 0.64
C TYR A 243 -4.78 -25.49 -0.46
N ALA A 244 -3.69 -26.26 -0.37
CA ALA A 244 -2.65 -26.21 -1.40
C ALA A 244 -2.93 -27.13 -2.57
N THR A 245 -2.25 -26.89 -3.71
CA THR A 245 -2.26 -27.78 -4.87
C THR A 245 -1.24 -28.82 -4.44
N ASN A 246 -1.73 -29.95 -3.98
CA ASN A 246 -0.85 -30.98 -3.46
C ASN A 246 -0.46 -31.91 -4.59
N LEU A 247 0.72 -31.67 -5.18
CA LEU A 247 1.21 -32.45 -6.31
C LEU A 247 1.49 -33.88 -5.90
N ASP A 248 1.02 -34.79 -6.74
CA ASP A 248 1.12 -36.25 -6.61
C ASP A 248 2.47 -36.67 -6.09
N THR A 249 2.44 -37.52 -5.05
CA THR A 249 3.62 -38.04 -4.35
C THR A 249 4.56 -38.69 -5.35
N GLY A 250 5.80 -38.25 -5.30
CA GLY A 250 6.83 -38.74 -6.20
C GLY A 250 7.76 -39.68 -5.47
N LYS A 251 8.52 -40.44 -6.25
CA LYS A 251 9.44 -41.39 -5.65
C LYS A 251 10.74 -40.68 -5.26
N TRP A 252 10.65 -39.83 -4.26
CA TRP A 252 11.80 -39.09 -3.74
C TRP A 252 11.92 -39.37 -2.27
N ASP A 253 13.16 -39.33 -1.76
CA ASP A 253 13.39 -39.41 -0.33
C ASP A 253 13.63 -37.96 0.10
N HIS A 254 13.74 -37.68 1.40
CA HIS A 254 13.92 -36.32 1.90
C HIS A 254 15.12 -35.60 1.36
N PHE A 255 16.18 -36.33 0.95
CA PHE A 255 17.36 -35.67 0.41
C PHE A 255 17.32 -35.52 -1.08
N SER A 256 16.78 -36.54 -1.80
CA SER A 256 16.66 -36.50 -3.26
C SER A 256 15.61 -35.48 -3.76
N ILE A 257 14.62 -35.11 -2.93
CA ILE A 257 13.55 -34.19 -3.29
C ILE A 257 14.09 -32.77 -3.62
N ILE A 258 15.31 -32.40 -3.19
CA ILE A 258 15.85 -31.08 -3.53
C ILE A 258 16.85 -31.14 -4.67
N LYS A 259 17.10 -32.35 -5.21
CA LYS A 259 18.05 -32.50 -6.32
C LYS A 259 17.39 -31.91 -7.54
N GLY A 260 18.01 -30.84 -8.02
CA GLY A 260 17.55 -30.09 -9.16
C GLY A 260 17.10 -30.91 -10.34
N ASN A 261 17.96 -31.80 -10.84
CA ASN A 261 17.63 -32.65 -11.99
C ASN A 261 16.37 -33.51 -11.77
N LEU A 262 16.06 -33.83 -10.51
CA LEU A 262 14.90 -34.66 -10.17
C LEU A 262 13.60 -33.89 -10.01
N THR A 263 13.59 -32.78 -9.26
CA THR A 263 12.34 -32.08 -8.97
C THR A 263 12.16 -30.74 -9.69
N PHE A 264 13.24 -30.05 -10.10
CA PHE A 264 13.06 -28.80 -10.85
C PHE A 264 12.14 -29.02 -12.06
N PRO A 265 12.32 -30.06 -12.91
CA PRO A 265 11.40 -30.24 -14.04
C PRO A 265 9.96 -30.48 -13.61
N VAL A 266 9.77 -31.06 -12.41
CA VAL A 266 8.45 -31.34 -11.86
C VAL A 266 7.69 -30.04 -11.48
N PHE A 267 8.34 -29.12 -10.75
CA PHE A 267 7.68 -27.89 -10.35
C PHE A 267 7.87 -26.77 -11.36
N MET A 268 8.72 -26.97 -12.41
CA MET A 268 8.99 -25.96 -13.46
C MET A 268 7.71 -25.41 -14.08
N PRO A 269 6.70 -26.24 -14.44
CA PRO A 269 5.46 -25.67 -14.96
C PRO A 269 4.75 -24.72 -13.99
N LEU A 270 4.93 -24.93 -12.66
CA LEU A 270 4.32 -24.04 -11.64
C LEU A 270 5.01 -22.68 -11.59
N LEU A 271 6.24 -22.58 -12.13
CA LEU A 271 7.01 -21.34 -12.13
C LEU A 271 6.53 -20.36 -13.22
N THR A 272 5.28 -19.87 -13.10
CA THR A 272 4.66 -18.92 -14.05
C THR A 272 3.90 -17.77 -13.33
N ILE A 273 3.08 -16.99 -14.08
CA ILE A 273 2.26 -15.85 -13.60
C ILE A 273 3.15 -14.77 -12.97
N GLY B 29 25.00 25.67 0.30
CA GLY B 29 23.71 25.52 -0.37
C GLY B 29 22.83 26.75 -0.30
N ASN B 30 21.48 26.56 -0.43
CA ASN B 30 20.46 27.62 -0.39
C ASN B 30 19.46 27.38 0.76
N PRO B 31 19.71 27.91 1.98
CA PRO B 31 18.82 27.59 3.13
C PRO B 31 17.33 27.73 2.88
N GLY B 32 16.57 26.71 3.29
CA GLY B 32 15.13 26.64 3.12
C GLY B 32 14.75 25.80 1.93
N TYR B 33 15.65 25.70 0.96
CA TYR B 33 15.39 24.93 -0.27
C TYR B 33 15.40 23.43 -0.03
N TRP B 34 14.39 22.76 -0.58
CA TRP B 34 14.33 21.33 -0.51
C TRP B 34 13.79 20.80 -1.80
N PHE B 35 14.13 19.56 -2.11
CA PHE B 35 13.66 18.92 -3.32
C PHE B 35 13.45 17.44 -3.03
N ALA B 36 12.53 16.84 -3.78
CA ALA B 36 12.29 15.41 -3.63
C ALA B 36 13.21 14.70 -4.55
N GLY B 37 13.71 13.58 -4.06
CA GLY B 37 14.57 12.73 -4.83
C GLY B 37 13.75 12.08 -5.92
N ASP B 38 14.51 11.46 -6.82
CA ASP B 38 13.99 10.69 -7.91
C ASP B 38 12.90 9.72 -7.46
N PRO B 39 11.81 9.65 -8.26
CA PRO B 39 10.68 8.78 -7.89
C PRO B 39 11.06 7.32 -7.87
N VAL B 40 10.56 6.56 -6.91
CA VAL B 40 10.91 5.18 -6.74
C VAL B 40 10.23 4.32 -7.78
N GLU B 41 11.04 3.53 -8.52
CA GLU B 41 10.65 2.61 -9.59
C GLU B 41 9.52 1.70 -9.14
N HIS B 42 9.71 0.99 -8.03
CA HIS B 42 8.74 0.03 -7.45
C HIS B 42 8.36 0.48 -6.03
N PRO B 43 7.34 1.33 -5.88
CA PRO B 43 7.06 1.91 -4.56
C PRO B 43 6.56 0.94 -3.54
N ASP B 44 6.82 1.23 -2.25
CA ASP B 44 6.31 0.42 -1.17
C ASP B 44 5.65 1.28 -0.09
N PRO B 45 4.34 1.08 0.20
CA PRO B 45 3.70 1.83 1.29
C PRO B 45 4.31 1.55 2.67
N ALA B 46 4.97 0.38 2.84
CA ALA B 46 5.64 -0.01 4.08
C ALA B 46 6.92 0.77 4.30
N LYS B 47 7.37 1.49 3.27
CA LYS B 47 8.62 2.24 3.28
C LYS B 47 8.37 3.75 3.34
N PRO B 48 8.46 4.37 4.56
CA PRO B 48 8.24 5.83 4.70
C PRO B 48 9.24 6.66 3.94
N PRO B 49 8.91 7.88 3.48
CA PRO B 49 9.92 8.67 2.78
C PRO B 49 11.01 9.14 3.76
N ILE B 50 12.25 9.30 3.26
CA ILE B 50 13.33 9.75 4.11
C ILE B 50 13.69 11.19 3.79
N VAL B 51 13.82 12.01 4.84
CA VAL B 51 14.30 13.36 4.69
C VAL B 51 15.74 13.37 5.20
N PHE B 52 16.65 13.71 4.30
CA PHE B 52 18.06 13.74 4.63
C PHE B 52 18.47 15.12 5.04
N VAL B 53 18.99 15.23 6.29
CA VAL B 53 19.41 16.47 6.92
C VAL B 53 20.95 16.52 7.13
N HIS B 54 21.64 17.43 6.39
CA HIS B 54 23.08 17.65 6.43
C HIS B 54 23.56 18.22 7.75
N GLY B 55 24.89 18.33 7.85
CA GLY B 55 25.53 18.85 9.06
C GLY B 55 26.10 20.23 8.94
N LEU B 56 27.04 20.48 9.81
CA LEU B 56 27.73 21.75 9.96
C LEU B 56 28.41 22.22 8.68
N ASN B 57 28.15 23.48 8.28
CA ASN B 57 28.74 24.13 7.10
C ASN B 57 28.52 23.34 5.79
N GLY B 58 27.44 22.55 5.76
CA GLY B 58 27.09 21.74 4.62
C GLY B 58 25.78 22.10 3.95
N SER B 59 25.36 21.23 3.03
CA SER B 59 24.12 21.33 2.28
C SER B 59 23.66 19.92 1.92
N SER B 60 22.53 19.81 1.21
CA SER B 60 21.98 18.55 0.73
C SER B 60 22.99 17.76 -0.17
N SER B 61 24.00 18.47 -0.76
CA SER B 61 25.03 17.86 -1.61
C SER B 61 25.91 16.84 -0.86
N ALA B 62 25.87 16.88 0.49
CA ALA B 62 26.58 15.94 1.37
C ALA B 62 26.16 14.49 1.09
N TRP B 63 24.89 14.32 0.70
CA TRP B 63 24.30 13.03 0.41
C TRP B 63 24.56 12.58 -1.02
N PHE B 64 25.22 13.40 -1.84
CA PHE B 64 25.43 13.11 -3.26
C PHE B 64 26.87 13.16 -3.79
N ASP B 65 27.67 14.15 -3.32
CA ASP B 65 29.06 14.29 -3.82
CA ASP B 65 29.03 14.30 -3.82
C ASP B 65 29.93 13.23 -3.18
N GLU B 66 30.45 12.31 -4.05
CA GLU B 66 31.30 11.18 -3.66
C GLU B 66 30.56 10.33 -2.62
N ASN B 67 29.21 10.37 -2.67
CA ASN B 67 28.31 9.68 -1.77
C ASN B 67 27.19 9.04 -2.52
N ASP B 68 26.86 7.81 -2.15
CA ASP B 68 25.79 7.12 -2.84
C ASP B 68 24.55 6.97 -1.95
N MET B 69 24.43 7.73 -0.86
CA MET B 69 23.27 7.65 0.05
C MET B 69 21.94 7.85 -0.67
N ALA B 70 21.82 8.86 -1.56
CA ALA B 70 20.60 9.07 -2.33
C ALA B 70 20.29 7.85 -3.16
N GLU B 71 21.31 7.28 -3.85
CA GLU B 71 21.16 6.07 -4.65
C GLU B 71 20.78 4.87 -3.78
N GLN B 72 21.36 4.75 -2.59
CA GLN B 72 21.08 3.68 -1.65
C GLN B 72 19.62 3.71 -1.25
N ALA B 73 19.06 4.90 -0.99
CA ALA B 73 17.67 5.05 -0.63
C ALA B 73 16.75 4.69 -1.78
N TRP B 74 16.99 5.29 -2.94
CA TRP B 74 16.20 5.09 -4.14
C TRP B 74 16.24 3.63 -4.62
N LYS B 75 17.44 3.01 -4.72
CA LYS B 75 17.57 1.63 -5.19
C LYS B 75 16.96 0.60 -4.22
N ASN B 76 16.78 0.98 -2.96
CA ASN B 76 16.19 0.13 -1.94
C ASN B 76 14.71 0.41 -1.76
N GLY B 77 14.12 1.19 -2.68
CA GLY B 77 12.70 1.51 -2.72
C GLY B 77 12.22 2.64 -1.84
N TYR B 78 13.14 3.43 -1.30
CA TYR B 78 12.76 4.53 -0.42
C TYR B 78 12.66 5.84 -1.13
N ASP B 79 11.50 6.51 -0.94
CA ASP B 79 11.30 7.84 -1.48
C ASP B 79 12.02 8.78 -0.60
N ALA B 80 12.49 9.91 -1.15
CA ALA B 80 13.30 10.79 -0.31
C ALA B 80 13.14 12.24 -0.68
N ALA B 81 13.57 13.10 0.26
CA ALA B 81 13.61 14.55 0.10
C ALA B 81 14.91 15.01 0.74
N PHE B 82 15.47 16.09 0.17
CA PHE B 82 16.74 16.61 0.62
C PHE B 82 16.57 18.07 0.87
N ILE B 83 17.06 18.52 2.03
CA ILE B 83 16.89 19.90 2.43
C ILE B 83 18.22 20.58 2.73
N ASP B 84 18.27 21.89 2.39
CA ASP B 84 19.35 22.78 2.73
C ASP B 84 18.83 23.61 3.90
N LEU B 85 19.55 23.56 5.01
CA LEU B 85 19.28 24.38 6.17
C LEU B 85 20.43 25.37 6.19
N HIS B 86 20.51 26.20 7.24
CA HIS B 86 21.62 27.14 7.33
C HIS B 86 22.92 26.39 7.67
N PRO B 87 23.98 26.62 6.90
CA PRO B 87 25.26 25.95 7.19
C PRO B 87 25.95 26.58 8.39
N ASP B 88 25.58 27.85 8.66
CA ASP B 88 26.21 28.76 9.60
C ASP B 88 25.34 29.26 10.75
N LYS B 89 24.16 28.73 10.93
CA LYS B 89 23.26 29.18 12.01
C LYS B 89 23.05 28.07 13.04
N ASP B 90 22.54 28.42 14.20
CA ASP B 90 22.34 27.45 15.28
C ASP B 90 21.10 26.53 15.10
N MET B 91 20.88 25.60 16.07
CA MET B 91 19.78 24.63 16.05
C MET B 91 18.41 25.25 16.22
N GLN B 92 18.33 26.45 16.79
CA GLN B 92 17.04 27.12 16.98
C GLN B 92 16.53 27.65 15.64
N ASP B 93 17.39 28.35 14.88
CA ASP B 93 17.04 28.87 13.55
C ASP B 93 16.83 27.73 12.58
N ASN B 94 17.71 26.72 12.65
CA ASN B 94 17.61 25.55 11.79
C ASN B 94 16.42 24.69 12.14
N GLY B 95 16.11 24.55 13.44
CA GLY B 95 14.96 23.82 13.95
C GLY B 95 13.67 24.43 13.45
N ALA B 96 13.57 25.77 13.53
CA ALA B 96 12.38 26.49 13.05
C ALA B 96 12.18 26.31 11.53
N MET B 97 13.26 26.45 10.74
CA MET B 97 13.24 26.28 9.29
C MET B 97 12.91 24.84 8.91
N LEU B 98 13.60 23.84 9.54
CA LEU B 98 13.37 22.44 9.26
C LEU B 98 11.93 22.08 9.57
N ALA B 99 11.41 22.54 10.72
CA ALA B 99 10.02 22.26 11.12
C ALA B 99 9.05 22.81 10.08
N ALA B 100 9.32 24.04 9.57
CA ALA B 100 8.50 24.69 8.56
C ALA B 100 8.51 23.89 7.26
N LYS B 101 9.70 23.43 6.79
CA LYS B 101 9.78 22.68 5.54
C LYS B 101 9.27 21.26 5.67
N LEU B 102 9.33 20.68 6.89
CA LEU B 102 8.81 19.32 7.15
C LEU B 102 7.30 19.28 6.95
N ARG B 103 6.61 20.39 7.26
CA ARG B 103 5.18 20.57 7.06
C ARG B 103 4.92 20.39 5.56
N GLU B 104 5.68 21.10 4.70
CA GLU B 104 5.58 21.05 3.24
C GLU B 104 5.89 19.67 2.69
N ILE B 105 6.94 19.03 3.23
CA ILE B 105 7.38 17.69 2.81
C ILE B 105 6.30 16.64 3.18
N TYR B 106 5.73 16.77 4.41
CA TYR B 106 4.68 15.89 4.90
C TYR B 106 3.49 15.97 3.97
N GLN B 107 3.12 17.20 3.56
CA GLN B 107 2.00 17.45 2.65
C GLN B 107 2.31 16.87 1.28
N TYR B 108 3.58 17.01 0.82
CA TYR B 108 4.03 16.49 -0.47
C TYR B 108 3.92 14.99 -0.56
N PHE B 109 4.34 14.25 0.50
CA PHE B 109 4.29 12.79 0.49
C PHE B 109 2.98 12.21 1.02
N GLY B 110 2.21 13.05 1.71
CA GLY B 110 0.93 12.70 2.31
C GLY B 110 1.03 11.78 3.53
N ARG B 111 2.23 11.65 4.08
CA ARG B 111 2.51 10.78 5.21
C ARG B 111 3.75 11.16 5.97
N LYS B 112 3.87 10.61 7.21
CA LYS B 112 4.98 10.85 8.09
C LYS B 112 6.30 10.32 7.47
N VAL B 113 7.37 11.11 7.65
CA VAL B 113 8.70 10.84 7.11
C VAL B 113 9.67 10.36 8.20
N ILE B 114 10.80 9.79 7.76
CA ILE B 114 11.88 9.39 8.66
C ILE B 114 12.99 10.41 8.46
N LEU B 115 13.61 10.87 9.56
CA LEU B 115 14.74 11.78 9.39
C LEU B 115 16.04 11.01 9.53
N VAL B 116 16.93 11.16 8.53
CA VAL B 116 18.29 10.63 8.57
C VAL B 116 19.15 11.87 8.58
N SER B 117 19.73 12.18 9.74
CA SER B 117 20.43 13.43 9.97
C SER B 117 21.87 13.26 10.44
N TYR B 118 22.80 13.99 9.80
CA TYR B 118 24.22 13.91 10.08
C TYR B 118 24.75 15.08 10.87
N SER B 119 25.70 14.80 11.82
CA SER B 119 26.48 15.81 12.58
C SER B 119 25.46 16.75 13.22
N LYS B 120 25.59 18.07 13.00
CA LYS B 120 24.66 19.05 13.56
C LYS B 120 23.20 18.86 13.11
N GLY B 121 23.02 18.29 11.93
CA GLY B 121 21.67 17.99 11.45
C GLY B 121 20.80 17.21 12.43
N GLY B 122 21.39 16.32 13.21
CA GLY B 122 20.69 15.52 14.21
C GLY B 122 20.12 16.37 15.33
N ILE B 123 20.82 17.48 15.67
CA ILE B 123 20.42 18.44 16.71
C ILE B 123 19.32 19.34 16.14
N ASP B 124 19.51 19.85 14.89
CA ASP B 124 18.52 20.68 14.20
C ASP B 124 17.21 19.88 14.12
N SER B 125 17.31 18.55 13.88
CA SER B 125 16.18 17.64 13.78
C SER B 125 15.38 17.58 15.06
N GLN B 126 16.06 17.42 16.20
CA GLN B 126 15.43 17.39 17.52
C GLN B 126 14.77 18.70 17.85
N SER B 127 15.45 19.82 17.54
CA SER B 127 14.90 21.14 17.78
C SER B 127 13.60 21.28 16.99
N ALA B 128 13.61 20.89 15.71
CA ALA B 128 12.43 20.94 14.85
C ALA B 128 11.28 20.14 15.45
N LEU B 129 11.53 18.90 15.85
CA LEU B 129 10.54 18.00 16.40
C LEU B 129 9.99 18.39 17.78
N ILE B 130 10.88 18.73 18.70
CA ILE B 130 10.52 19.02 20.09
C ILE B 130 10.12 20.49 20.32
N HIS B 131 11.01 21.41 19.95
CA HIS B 131 10.77 22.80 20.19
C HIS B 131 9.95 23.49 19.12
N HIS B 132 9.81 22.87 17.94
CA HIS B 132 9.05 23.51 16.87
C HIS B 132 7.91 22.59 16.38
N ASN B 133 7.55 21.62 17.22
CA ASN B 133 6.42 20.67 17.08
C ASN B 133 6.29 19.94 15.74
N ALA B 134 7.44 19.64 15.09
CA ALA B 134 7.43 18.91 13.83
C ALA B 134 7.23 17.39 14.08
N TYR B 135 7.13 16.93 15.35
CA TYR B 135 6.94 15.51 15.67
C TYR B 135 5.72 14.89 15.00
N HIS B 136 4.72 15.71 14.69
CA HIS B 136 3.48 15.28 14.04
C HIS B 136 3.75 14.74 12.63
N TYR B 137 4.88 15.10 12.04
CA TYR B 137 5.18 14.77 10.65
C TYR B 137 6.32 13.79 10.48
N VAL B 138 6.88 13.32 11.61
CA VAL B 138 8.04 12.43 11.64
C VAL B 138 7.76 11.17 12.43
N GLU B 139 8.09 10.01 11.84
CA GLU B 139 7.92 8.66 12.41
C GLU B 139 9.04 8.37 13.42
N ARG B 140 10.28 8.63 12.97
CA ARG B 140 11.51 8.40 13.73
C ARG B 140 12.70 9.17 13.13
N VAL B 141 13.70 9.36 13.98
CA VAL B 141 14.92 10.09 13.68
C VAL B 141 16.12 9.21 13.93
N ILE B 142 17.01 9.15 12.93
CA ILE B 142 18.27 8.44 12.96
C ILE B 142 19.36 9.47 12.80
N THR B 143 20.19 9.60 13.84
CA THR B 143 21.30 10.54 13.82
C THR B 143 22.63 9.80 13.59
N LEU B 144 23.47 10.37 12.69
CA LEU B 144 24.76 9.84 12.32
C LEU B 144 25.84 10.79 12.80
N GLY B 145 26.61 10.36 13.81
CA GLY B 145 27.71 11.10 14.40
C GLY B 145 27.31 12.50 14.81
N THR B 146 26.14 12.60 15.44
CA THR B 146 25.63 13.88 15.90
C THR B 146 26.20 14.17 17.30
N PRO B 147 26.84 15.33 17.47
CA PRO B 147 27.33 15.68 18.81
C PRO B 147 26.20 16.15 19.73
N HIS B 148 25.34 15.22 20.17
CA HIS B 148 24.23 15.53 21.06
C HIS B 148 24.68 16.17 22.37
N HIS B 149 25.89 15.85 22.84
CA HIS B 149 26.43 16.44 24.07
C HIS B 149 27.56 17.48 23.79
N GLY B 150 27.69 17.88 22.54
CA GLY B 150 28.68 18.85 22.13
C GLY B 150 29.96 18.27 21.58
N SER B 151 30.77 19.15 20.96
CA SER B 151 32.04 18.81 20.35
C SER B 151 33.16 19.49 21.09
N GLN B 152 34.13 18.71 21.60
CA GLN B 152 35.31 19.27 22.30
C GLN B 152 36.21 19.98 21.29
N LEU B 153 36.08 19.62 19.99
CA LEU B 153 36.78 20.28 18.90
C LEU B 153 36.17 21.66 18.64
N ALA B 154 34.84 21.83 18.81
CA ALA B 154 34.22 23.14 18.69
C ALA B 154 34.71 23.99 19.89
N ASP B 155 34.82 23.38 21.09
CA ASP B 155 35.35 24.06 22.28
C ASP B 155 36.76 24.54 22.00
N LEU B 156 37.56 23.70 21.33
CA LEU B 156 38.93 24.01 20.92
C LEU B 156 39.00 25.13 19.91
N ALA B 157 38.13 25.10 18.90
CA ALA B 157 38.08 26.14 17.86
C ALA B 157 37.86 27.52 18.45
N TYR B 158 37.08 27.58 19.54
CA TYR B 158 36.74 28.83 20.21
C TYR B 158 37.71 29.19 21.34
N SER B 159 38.75 28.38 21.55
CA SER B 159 39.75 28.59 22.62
C SER B 159 41.14 28.87 22.10
N ASN B 160 41.59 28.01 21.16
CA ASN B 160 42.85 28.05 20.47
C ASN B 160 42.55 27.53 19.06
N TRP B 161 42.10 28.44 18.16
CA TRP B 161 41.81 28.06 16.79
C TRP B 161 43.04 27.42 16.12
N ALA B 162 42.81 26.33 15.41
CA ALA B 162 43.88 25.64 14.69
C ALA B 162 43.46 25.42 13.23
N GLY B 163 44.42 25.45 12.29
CA GLY B 163 44.16 25.27 10.86
C GLY B 163 43.48 23.97 10.48
N TRP B 164 43.98 22.84 11.01
CA TRP B 164 43.43 21.52 10.77
C TRP B 164 41.95 21.40 11.18
N LEU B 165 41.53 22.20 12.17
CA LEU B 165 40.15 22.26 12.63
C LEU B 165 39.21 22.71 11.53
N ALA B 166 39.65 23.56 10.60
CA ALA B 166 38.82 24.05 9.49
C ALA B 166 38.41 22.93 8.57
N ASP B 167 39.22 21.89 8.45
CA ASP B 167 38.93 20.75 7.59
C ASP B 167 37.86 19.86 8.16
N ILE B 168 37.79 19.73 9.48
CA ILE B 168 36.80 18.91 10.18
C ILE B 168 35.46 19.69 10.35
N LEU B 169 35.52 20.96 10.80
CA LEU B 169 34.37 21.80 11.14
C LEU B 169 34.00 22.88 10.16
N GLY B 170 35.00 23.46 9.50
CA GLY B 170 34.78 24.55 8.56
C GLY B 170 35.09 25.90 9.16
N GLN B 171 34.19 26.85 8.95
CA GLN B 171 34.41 28.20 9.44
C GLN B 171 33.76 28.47 10.78
N LYS B 172 34.41 29.28 11.67
CA LYS B 172 33.77 29.67 12.94
C LYS B 172 32.56 30.57 12.62
N ASN B 173 31.39 30.20 13.16
CA ASN B 173 30.08 30.86 12.97
C ASN B 173 29.10 30.46 14.09
N ASP B 174 27.84 30.93 14.03
CA ASP B 174 26.80 30.62 15.01
C ASP B 174 26.57 29.11 15.13
N ALA B 175 26.69 28.36 14.03
CA ALA B 175 26.49 26.91 14.03
C ALA B 175 27.62 26.21 14.80
N VAL B 176 28.90 26.52 14.52
CA VAL B 176 30.05 25.93 15.23
C VAL B 176 29.99 26.34 16.70
N TYR B 177 29.61 27.60 16.94
CA TYR B 177 29.48 28.11 18.29
C TYR B 177 28.49 27.25 19.06
N SER B 178 27.33 26.91 18.44
CA SER B 178 26.24 26.12 19.05
C SER B 178 26.62 24.68 19.35
N LEU B 179 27.78 24.24 18.85
CA LEU B 179 28.27 22.87 19.07
C LEU B 179 29.17 22.73 20.30
N GLN B 180 29.51 23.84 20.94
CA GLN B 180 30.32 23.83 22.15
C GLN B 180 29.61 23.03 23.21
N THR B 181 30.38 22.27 24.02
CA THR B 181 29.81 21.37 25.05
C THR B 181 28.99 22.09 26.12
N GLY B 182 29.38 23.32 26.43
CA GLY B 182 28.66 24.15 27.38
C GLY B 182 27.28 24.50 26.85
N PHE B 183 27.27 24.95 25.60
CA PHE B 183 26.06 25.32 24.88
C PHE B 183 25.14 24.12 24.72
N MET B 184 25.70 22.97 24.35
CA MET B 184 24.93 21.74 24.18
C MET B 184 24.38 21.21 25.49
N LYS B 185 25.09 21.43 26.62
CA LYS B 185 24.60 21.01 27.94
C LYS B 185 23.27 21.72 28.21
N SER B 186 23.21 23.03 27.92
CA SER B 186 22.04 23.87 28.08
C SER B 186 20.93 23.37 27.14
N PHE B 187 21.26 23.09 25.87
CA PHE B 187 20.26 22.58 24.94
C PHE B 187 19.68 21.26 25.45
N ARG B 188 20.55 20.33 25.90
CA ARG B 188 20.15 19.04 26.43
C ARG B 188 19.16 19.21 27.58
N ASP B 189 19.46 20.15 28.51
CA ASP B 189 18.62 20.45 29.67
C ASP B 189 17.20 20.83 29.29
N GLN B 190 17.06 21.68 28.25
CA GLN B 190 15.77 22.18 27.75
C GLN B 190 15.01 21.20 26.87
N THR B 191 15.71 20.19 26.35
CA THR B 191 15.16 19.25 25.39
C THR B 191 14.79 17.88 25.96
N ASP B 192 15.72 17.27 26.71
CA ASP B 192 15.58 15.92 27.24
C ASP B 192 14.45 15.74 28.25
N ASN B 193 13.97 16.85 28.84
CA ASN B 193 12.89 16.83 29.81
C ASN B 193 11.55 17.37 29.27
N HIS B 194 11.58 17.86 28.02
CA HIS B 194 10.43 18.39 27.31
C HIS B 194 9.41 17.26 27.01
N PRO B 195 8.10 17.48 27.21
CA PRO B 195 7.13 16.39 26.92
C PRO B 195 7.17 15.88 25.48
N ASN B 196 7.54 16.75 24.49
CA ASN B 196 7.60 16.34 23.08
C ASN B 196 8.65 15.31 22.77
N ARG B 197 9.68 15.19 23.64
CA ARG B 197 10.78 14.25 23.49
C ARG B 197 10.31 12.79 23.41
N LEU B 198 9.33 12.44 24.20
CA LEU B 198 8.76 11.10 24.29
C LEU B 198 7.93 10.66 23.09
N LYS B 199 7.50 11.63 22.26
CA LYS B 199 6.63 11.41 21.10
C LYS B 199 7.34 10.85 19.83
N THR B 200 8.67 10.83 19.81
CA THR B 200 9.38 10.32 18.63
C THR B 200 10.47 9.37 19.05
N LYS B 201 10.68 8.33 18.22
CA LYS B 201 11.71 7.31 18.46
C LYS B 201 13.02 7.83 17.91
N TYR B 202 14.09 7.82 18.74
CA TYR B 202 15.42 8.27 18.31
C TYR B 202 16.35 7.14 18.26
N PHE B 203 17.20 7.14 17.23
CA PHE B 203 18.21 6.13 16.96
C PHE B 203 19.49 6.87 16.72
N THR B 204 20.58 6.42 17.37
CA THR B 204 21.87 7.06 17.13
C THR B 204 22.88 6.08 16.61
N LEU B 205 23.69 6.52 15.67
CA LEU B 205 24.82 5.78 15.14
C LEU B 205 26.04 6.62 15.49
N ALA B 206 27.16 5.93 15.85
CA ALA B 206 28.40 6.59 16.21
C ALA B 206 29.56 5.75 15.75
N GLY B 207 30.66 6.42 15.44
CA GLY B 207 31.88 5.78 14.96
C GLY B 207 32.96 5.82 16.02
N ASN B 208 33.90 4.86 15.94
CA ASN B 208 35.03 4.79 16.88
C ASN B 208 36.36 4.80 16.14
N LYS B 209 36.31 4.93 14.80
CA LYS B 209 37.50 4.96 13.96
C LYS B 209 37.98 6.38 13.82
N ILE B 210 39.27 6.62 14.10
CA ILE B 210 39.81 7.96 13.94
C ILE B 210 40.40 8.09 12.54
N GLY B 211 40.68 9.33 12.14
CA GLY B 211 41.19 9.60 10.81
C GLY B 211 42.50 8.91 10.57
N GLY B 212 42.72 8.58 9.29
CA GLY B 212 43.94 7.94 8.84
C GLY B 212 45.10 8.89 8.92
N PHE B 213 46.30 8.34 9.05
CA PHE B 213 47.49 9.16 9.12
C PHE B 213 47.59 10.04 7.89
N GLY B 214 47.66 11.33 8.10
CA GLY B 214 47.69 12.27 7.00
C GLY B 214 46.37 12.99 6.75
N SER B 215 45.29 12.57 7.44
CA SER B 215 43.96 13.21 7.33
C SER B 215 43.74 14.10 8.52
N ALA B 216 42.91 15.15 8.40
CA ALA B 216 42.65 16.07 9.52
C ALA B 216 42.02 15.42 10.75
N LEU B 217 41.23 14.32 10.52
CA LEU B 217 40.58 13.51 11.55
C LEU B 217 41.61 12.70 12.33
N PHE B 218 42.91 12.68 11.91
CA PHE B 218 43.98 12.03 12.66
C PHE B 218 44.26 12.92 13.84
N PHE B 219 44.45 14.23 13.58
CA PHE B 219 44.63 15.24 14.61
C PHE B 219 43.41 15.29 15.53
N GLY B 220 42.21 15.39 14.94
CA GLY B 220 40.96 15.39 15.69
C GLY B 220 40.78 14.17 16.55
N GLY B 221 41.15 13.02 16.00
CA GLY B 221 41.09 11.74 16.66
C GLY B 221 42.00 11.61 17.87
N VAL B 222 43.27 11.98 17.72
CA VAL B 222 44.21 11.89 18.83
C VAL B 222 43.91 12.97 19.89
N TYR B 223 43.39 14.13 19.47
CA TYR B 223 42.98 15.15 20.43
C TYR B 223 41.82 14.62 21.23
N LEU B 224 40.77 14.12 20.56
CA LEU B 224 39.59 13.56 21.25
C LEU B 224 39.90 12.28 22.03
N ASN B 225 41.03 11.61 21.72
CA ASN B 225 41.46 10.43 22.46
C ASN B 225 41.72 10.77 23.92
N MET B 226 41.92 12.06 24.25
CA MET B 226 42.08 12.49 25.65
C MET B 226 40.76 12.33 26.41
N PHE B 227 39.63 12.40 25.67
CA PHE B 227 38.29 12.32 26.19
C PHE B 227 37.69 10.94 26.08
N GLY B 228 38.04 10.18 25.03
CA GLY B 228 37.57 8.81 24.85
C GLY B 228 37.42 8.39 23.42
N GLU B 229 36.76 7.23 23.19
CA GLU B 229 36.49 6.69 21.85
C GLU B 229 35.80 7.77 21.02
N ASN B 230 36.23 7.95 19.78
CA ASN B 230 35.67 9.02 18.98
C ASN B 230 35.81 8.71 17.51
N ASP B 231 35.19 9.51 16.63
CA ASP B 231 35.26 9.28 15.20
C ASP B 231 36.14 10.30 14.51
N GLY B 232 36.96 11.00 15.29
CA GLY B 232 37.82 12.07 14.81
C GLY B 232 37.20 13.45 15.01
N ALA B 233 35.88 13.51 15.21
CA ALA B 233 35.19 14.78 15.40
C ALA B 233 34.28 14.78 16.60
N VAL B 234 33.64 13.64 16.89
CA VAL B 234 32.67 13.53 17.98
C VAL B 234 33.05 12.32 18.81
N THR B 235 33.01 12.44 20.16
CA THR B 235 33.26 11.29 21.03
C THR B 235 32.03 10.40 20.98
N GLU B 236 32.23 9.08 21.03
CA GLU B 236 31.12 8.15 20.96
C GLU B 236 30.09 8.46 22.04
N LYS B 237 30.54 8.79 23.26
CA LYS B 237 29.62 9.13 24.34
C LYS B 237 28.84 10.41 24.09
N ASN B 238 29.41 11.39 23.39
CA ASN B 238 28.70 12.64 23.05
C ASN B 238 27.78 12.50 21.85
N ALA B 239 27.85 11.36 21.14
CA ALA B 239 27.02 11.07 19.96
C ALA B 239 25.72 10.36 20.30
N ARG B 240 25.50 10.13 21.62
CA ARG B 240 24.34 9.40 22.16
C ARG B 240 23.29 10.26 22.87
N LEU B 241 22.07 9.73 22.96
CA LEU B 241 20.97 10.33 23.69
C LEU B 241 20.54 9.28 24.70
N PRO B 242 20.28 9.70 25.96
CA PRO B 242 19.94 8.71 27.00
C PRO B 242 18.75 7.80 26.71
N TYR B 243 17.73 8.35 26.06
CA TYR B 243 16.47 7.66 25.74
C TYR B 243 16.42 7.08 24.32
N ALA B 244 17.52 7.23 23.54
CA ALA B 244 17.55 6.74 22.17
C ALA B 244 17.97 5.27 22.09
N THR B 245 17.68 4.63 20.95
CA THR B 245 18.18 3.28 20.66
C THR B 245 19.59 3.61 20.14
N ASN B 246 20.58 3.43 21.00
CA ASN B 246 21.94 3.77 20.64
C ASN B 246 22.60 2.55 20.01
N LEU B 247 22.62 2.50 18.68
CA LEU B 247 23.17 1.38 17.94
C LEU B 247 24.65 1.28 18.17
N ASP B 248 25.11 0.06 18.42
CA ASP B 248 26.51 -0.31 18.66
C ASP B 248 27.46 0.44 17.71
N THR B 249 28.50 1.03 18.34
CA THR B 249 29.52 1.82 17.69
C THR B 249 30.15 1.02 16.56
N GLY B 250 30.20 1.64 15.38
CA GLY B 250 30.76 1.02 14.20
C GLY B 250 32.11 1.58 13.87
N LYS B 251 32.86 0.88 13.04
CA LYS B 251 34.18 1.36 12.66
C LYS B 251 34.05 2.38 11.55
N TRP B 252 33.54 3.55 11.90
CA TRP B 252 33.39 4.66 10.96
C TRP B 252 34.07 5.87 11.55
N ASP B 253 34.65 6.70 10.69
CA ASP B 253 35.18 7.99 11.10
C ASP B 253 34.07 9.00 10.78
N HIS B 254 34.21 10.25 11.22
CA HIS B 254 33.17 11.26 11.00
C HIS B 254 32.77 11.46 9.55
N PHE B 255 33.68 11.18 8.59
CA PHE B 255 33.35 11.36 7.19
C PHE B 255 32.75 10.13 6.56
N SER B 256 33.28 8.95 6.92
CA SER B 256 32.79 7.67 6.38
C SER B 256 31.39 7.29 6.86
N ILE B 257 30.96 7.81 8.03
CA ILE B 257 29.66 7.51 8.64
C ILE B 257 28.46 7.94 7.76
N ILE B 258 28.64 8.87 6.78
CA ILE B 258 27.52 9.25 5.92
C ILE B 258 27.58 8.57 4.58
N LYS B 259 28.61 7.73 4.35
CA LYS B 259 28.73 7.04 3.08
C LYS B 259 27.65 5.99 3.03
N GLY B 260 26.74 6.20 2.09
CA GLY B 260 25.59 5.33 1.83
C GLY B 260 25.88 3.86 1.88
N ASN B 261 26.84 3.37 1.08
CA ASN B 261 27.21 1.97 1.02
C ASN B 261 27.64 1.41 2.37
N LEU B 262 28.15 2.28 3.26
CA LEU B 262 28.61 1.85 4.59
C LEU B 262 27.52 1.82 5.66
N THR B 263 26.71 2.89 5.79
CA THR B 263 25.77 2.98 6.89
C THR B 263 24.30 2.82 6.49
N PHE B 264 23.92 3.08 5.21
CA PHE B 264 22.53 2.85 4.79
C PHE B 264 22.10 1.43 5.14
N PRO B 265 22.86 0.36 4.81
CA PRO B 265 22.41 -0.99 5.17
C PRO B 265 22.27 -1.20 6.68
N VAL B 266 23.06 -0.44 7.47
CA VAL B 266 23.04 -0.52 8.93
C VAL B 266 21.72 0.03 9.51
N PHE B 267 21.29 1.23 9.06
CA PHE B 267 20.06 1.82 9.60
C PHE B 267 18.83 1.44 8.77
N MET B 268 19.03 0.76 7.61
CA MET B 268 17.94 0.34 6.73
C MET B 268 16.86 -0.42 7.48
N PRO B 269 17.18 -1.40 8.36
CA PRO B 269 16.11 -2.08 9.11
C PRO B 269 15.28 -1.12 9.94
N LEU B 270 15.88 0.01 10.41
CA LEU B 270 15.16 1.01 11.21
C LEU B 270 14.17 1.81 10.38
N LEU B 271 14.35 1.81 9.06
CA LEU B 271 13.47 2.54 8.16
C LEU B 271 12.12 1.82 7.93
N THR B 272 11.31 1.71 9.01
CA THR B 272 10.00 1.04 8.98
C THR B 272 8.91 1.85 9.74
N ILE B 273 7.74 1.21 10.00
CA ILE B 273 6.55 1.73 10.70
C ILE B 273 6.03 2.97 9.99
N GLY C 29 -8.34 9.48 8.47
CA GLY C 29 -7.95 10.63 7.66
C GLY C 29 -6.46 10.89 7.63
N ASN C 30 -6.03 12.15 7.30
CA ASN C 30 -4.63 12.56 7.22
C ASN C 30 -4.29 13.67 8.25
N PRO C 31 -3.82 13.32 9.48
CA PRO C 31 -3.59 14.35 10.52
C PRO C 31 -2.80 15.56 10.09
N GLY C 32 -3.32 16.73 10.45
CA GLY C 32 -2.75 18.04 10.11
C GLY C 32 -3.39 18.65 8.89
N TYR C 33 -3.97 17.81 8.03
CA TYR C 33 -4.61 18.27 6.82
C TYR C 33 -5.92 18.96 7.08
N TRP C 34 -6.08 20.12 6.44
CA TRP C 34 -7.31 20.87 6.52
C TRP C 34 -7.60 21.45 5.20
N PHE C 35 -8.86 21.59 4.92
CA PHE C 35 -9.26 22.18 3.67
C PHE C 35 -10.37 23.18 3.96
N ALA C 36 -10.55 24.15 3.05
CA ALA C 36 -11.65 25.08 3.19
C ALA C 36 -12.81 24.51 2.41
N GLY C 37 -13.98 24.52 3.02
CA GLY C 37 -15.20 24.09 2.36
C GLY C 37 -15.64 25.13 1.35
N ASP C 38 -16.47 24.71 0.36
CA ASP C 38 -16.95 25.54 -0.75
C ASP C 38 -17.28 27.00 -0.36
N PRO C 39 -16.80 27.94 -1.20
CA PRO C 39 -17.02 29.36 -0.92
C PRO C 39 -18.49 29.76 -1.00
N VAL C 40 -18.86 30.68 -0.12
CA VAL C 40 -20.18 31.22 -0.02
C VAL C 40 -20.33 32.31 -1.07
N GLU C 41 -21.34 32.15 -1.93
CA GLU C 41 -21.70 33.05 -3.03
C GLU C 41 -21.74 34.51 -2.60
N HIS C 42 -22.53 34.81 -1.57
CA HIS C 42 -22.75 36.15 -1.03
C HIS C 42 -22.23 36.24 0.41
N PRO C 43 -20.93 36.50 0.62
CA PRO C 43 -20.38 36.49 1.98
C PRO C 43 -20.90 37.55 2.93
N ASP C 44 -20.90 37.22 4.23
CA ASP C 44 -21.35 38.09 5.29
C ASP C 44 -20.26 38.20 6.37
N PRO C 45 -19.78 39.43 6.66
CA PRO C 45 -18.78 39.60 7.71
C PRO C 45 -19.25 39.20 9.10
N ALA C 46 -20.55 39.30 9.35
CA ALA C 46 -21.16 38.91 10.61
C ALA C 46 -21.19 37.39 10.83
N LYS C 47 -20.91 36.61 9.76
CA LYS C 47 -20.90 35.15 9.73
C LYS C 47 -19.46 34.61 9.70
N PRO C 48 -18.85 34.38 10.90
CA PRO C 48 -17.44 33.91 10.96
C PRO C 48 -17.23 32.50 10.36
N PRO C 49 -16.08 32.21 9.72
CA PRO C 49 -15.88 30.83 9.22
C PRO C 49 -15.98 29.76 10.31
N ILE C 50 -16.55 28.60 9.97
CA ILE C 50 -16.64 27.57 10.98
C ILE C 50 -15.58 26.50 10.77
N VAL C 51 -14.86 26.20 11.83
CA VAL C 51 -13.92 25.11 11.74
C VAL C 51 -14.56 23.91 12.39
N PHE C 52 -14.77 22.87 11.58
CA PHE C 52 -15.39 21.65 12.05
C PHE C 52 -14.33 20.66 12.50
N VAL C 53 -14.37 20.36 13.82
CA VAL C 53 -13.42 19.48 14.48
C VAL C 53 -14.04 18.14 14.82
N HIS C 54 -13.55 17.13 14.09
CA HIS C 54 -13.99 15.74 14.20
C HIS C 54 -13.68 15.03 15.57
N GLY C 55 -14.34 13.90 15.75
CA GLY C 55 -14.27 13.13 16.98
C GLY C 55 -13.06 12.23 17.15
N LEU C 56 -13.32 11.19 17.92
CA LEU C 56 -12.36 10.16 18.25
C LEU C 56 -12.36 9.15 17.10
N ASN C 57 -11.18 8.66 16.72
CA ASN C 57 -11.00 7.64 15.67
C ASN C 57 -11.68 7.96 14.30
N GLY C 58 -11.90 9.23 13.98
CA GLY C 58 -12.50 9.61 12.70
C GLY C 58 -11.64 10.54 11.87
N SER C 59 -12.31 11.42 11.13
CA SER C 59 -11.71 12.44 10.26
C SER C 59 -12.78 13.47 9.89
N SER C 60 -12.40 14.47 9.09
CA SER C 60 -13.27 15.52 8.57
C SER C 60 -14.47 14.94 7.78
N SER C 61 -14.38 13.68 7.29
CA SER C 61 -15.45 13.01 6.54
C SER C 61 -16.73 12.78 7.39
N ALA C 62 -16.62 12.91 8.73
CA ALA C 62 -17.73 12.80 9.66
C ALA C 62 -18.82 13.84 9.36
N TRP C 63 -18.40 15.01 8.86
CA TRP C 63 -19.25 16.14 8.50
C TRP C 63 -19.84 16.03 7.11
N PHE C 64 -19.49 14.97 6.37
CA PHE C 64 -19.91 14.80 4.99
C PHE C 64 -20.57 13.46 4.62
N ASP C 65 -20.04 12.32 5.12
CA ASP C 65 -20.61 11.00 4.81
CA ASP C 65 -20.59 11.02 4.79
C ASP C 65 -21.92 10.80 5.53
N GLU C 66 -23.02 10.71 4.74
CA GLU C 66 -24.39 10.55 5.21
C GLU C 66 -24.75 11.69 6.17
N ASN C 67 -24.08 12.83 5.97
CA ASN C 67 -24.21 14.03 6.78
C ASN C 67 -24.28 15.26 5.89
N ASP C 68 -25.19 16.16 6.26
CA ASP C 68 -25.37 17.37 5.50
C ASP C 68 -24.86 18.59 6.21
N MET C 69 -24.05 18.42 7.29
CA MET C 69 -23.50 19.55 8.08
C MET C 69 -22.78 20.53 7.22
N ALA C 70 -21.95 19.98 6.32
CA ALA C 70 -21.21 20.74 5.35
C ALA C 70 -22.21 21.67 4.61
N GLU C 71 -23.20 21.06 3.94
CA GLU C 71 -24.25 21.73 3.18
C GLU C 71 -25.06 22.72 4.02
N GLN C 72 -25.36 22.38 5.29
CA GLN C 72 -26.08 23.21 6.23
C GLN C 72 -25.33 24.52 6.43
N ALA C 73 -24.00 24.46 6.62
CA ALA C 73 -23.18 25.64 6.81
C ALA C 73 -23.20 26.52 5.57
N TRP C 74 -22.84 25.92 4.41
CA TRP C 74 -22.75 26.59 3.13
C TRP C 74 -24.08 27.19 2.68
N LYS C 75 -25.18 26.44 2.75
CA LYS C 75 -26.50 26.94 2.34
C LYS C 75 -27.04 28.05 3.27
N ASN C 76 -26.53 28.13 4.50
CA ASN C 76 -26.94 29.15 5.45
C ASN C 76 -26.02 30.35 5.46
N GLY C 77 -25.16 30.42 4.48
CA GLY C 77 -24.26 31.54 4.31
C GLY C 77 -23.06 31.53 5.21
N TYR C 78 -22.58 30.32 5.60
CA TYR C 78 -21.38 30.19 6.41
C TYR C 78 -20.22 29.58 5.67
N ASP C 79 -19.09 30.28 5.74
CA ASP C 79 -17.85 29.80 5.19
C ASP C 79 -17.30 28.79 6.15
N ALA C 80 -16.46 27.87 5.70
CA ALA C 80 -15.99 26.82 6.60
C ALA C 80 -14.64 26.21 6.24
N ALA C 81 -14.08 25.51 7.22
CA ALA C 81 -12.84 24.76 7.07
C ALA C 81 -13.03 23.47 7.85
N PHE C 82 -12.42 22.39 7.35
CA PHE C 82 -12.53 21.05 7.92
C PHE C 82 -11.17 20.51 8.14
N ILE C 83 -10.91 20.00 9.33
CA ILE C 83 -9.61 19.52 9.72
C ILE C 83 -9.60 18.07 10.15
N ASP C 84 -8.48 17.41 9.85
CA ASP C 84 -8.16 16.06 10.27
C ASP C 84 -7.10 16.24 11.34
N LEU C 85 -7.38 15.74 12.52
CA LEU C 85 -6.44 15.73 13.63
C LEU C 85 -6.08 14.25 13.79
N HIS C 86 -5.31 13.86 14.83
CA HIS C 86 -4.98 12.46 15.04
C HIS C 86 -6.21 11.72 15.51
N PRO C 87 -6.55 10.59 14.88
CA PRO C 87 -7.71 9.81 15.33
C PRO C 87 -7.37 9.01 16.59
N ASP C 88 -6.07 8.77 16.78
CA ASP C 88 -5.47 7.91 17.79
C ASP C 88 -4.59 8.53 18.86
N LYS C 89 -4.49 9.87 18.90
CA LYS C 89 -3.66 10.53 19.89
C LYS C 89 -4.51 11.32 20.88
N ASP C 90 -3.96 11.59 22.08
CA ASP C 90 -4.63 12.34 23.15
C ASP C 90 -4.91 13.83 22.79
N MET C 91 -5.54 14.57 23.71
CA MET C 91 -5.88 15.98 23.53
C MET C 91 -4.67 16.91 23.57
N GLN C 92 -3.54 16.48 24.13
CA GLN C 92 -2.32 17.30 24.18
C GLN C 92 -1.70 17.38 22.77
N ASP C 93 -1.55 16.23 22.09
CA ASP C 93 -0.99 16.15 20.73
C ASP C 93 -1.96 16.81 19.74
N ASN C 94 -3.26 16.55 19.91
CA ASN C 94 -4.29 17.11 19.05
C ASN C 94 -4.46 18.57 19.29
N GLY C 95 -4.36 19.00 20.54
CA GLY C 95 -4.44 20.39 20.92
C GLY C 95 -3.34 21.20 20.29
N ALA C 96 -2.10 20.68 20.33
CA ALA C 96 -0.93 21.33 19.72
C ALA C 96 -1.08 21.46 18.20
N MET C 97 -1.53 20.38 17.52
CA MET C 97 -1.76 20.35 16.08
C MET C 97 -2.87 21.30 15.67
N LEU C 98 -4.04 21.22 16.37
CA LEU C 98 -5.22 22.06 16.11
C LEU C 98 -4.84 23.52 16.27
N ALA C 99 -4.12 23.86 17.37
CA ALA C 99 -3.66 25.23 17.62
C ALA C 99 -2.78 25.73 16.45
N ALA C 100 -1.89 24.85 15.95
CA ALA C 100 -1.01 25.15 14.83
C ALA C 100 -1.81 25.42 13.56
N LYS C 101 -2.82 24.60 13.26
CA LYS C 101 -3.58 24.81 12.05
C LYS C 101 -4.51 25.99 12.15
N LEU C 102 -5.04 26.26 13.36
CA LEU C 102 -5.93 27.39 13.57
C LEU C 102 -5.23 28.67 13.21
N ARG C 103 -3.92 28.74 13.41
CA ARG C 103 -3.07 29.86 13.04
C ARG C 103 -3.20 30.02 11.51
N GLU C 104 -2.97 28.94 10.74
CA GLU C 104 -3.06 28.89 9.28
C GLU C 104 -4.46 29.28 8.77
N ILE C 105 -5.51 28.73 9.42
CA ILE C 105 -6.91 28.98 9.06
C ILE C 105 -7.26 30.44 9.31
N TYR C 106 -6.80 30.99 10.44
CA TYR C 106 -7.03 32.38 10.82
C TYR C 106 -6.45 33.27 9.75
N GLN C 107 -5.23 32.96 9.31
CA GLN C 107 -4.54 33.71 8.29
C GLN C 107 -5.27 33.61 6.97
N TYR C 108 -5.75 32.40 6.64
CA TYR C 108 -6.47 32.12 5.40
C TYR C 108 -7.75 32.96 5.27
N PHE C 109 -8.53 33.04 6.34
CA PHE C 109 -9.79 33.79 6.34
C PHE C 109 -9.65 35.26 6.75
N GLY C 110 -8.50 35.59 7.35
CA GLY C 110 -8.18 36.94 7.83
C GLY C 110 -8.98 37.36 9.04
N ARG C 111 -9.62 36.40 9.73
CA ARG C 111 -10.46 36.70 10.90
C ARG C 111 -10.65 35.49 11.79
N LYS C 112 -11.10 35.77 13.05
CA LYS C 112 -11.39 34.77 14.07
C LYS C 112 -12.53 33.82 13.62
N VAL C 113 -12.36 32.51 13.92
CA VAL C 113 -13.30 31.45 13.55
C VAL C 113 -14.11 30.95 14.74
N ILE C 114 -15.19 30.19 14.44
CA ILE C 114 -16.01 29.54 15.46
C ILE C 114 -15.70 28.04 15.35
N LEU C 115 -15.53 27.39 16.51
CA LEU C 115 -15.28 25.97 16.47
C LEU C 115 -16.55 25.20 16.75
N VAL C 116 -16.89 24.25 15.84
CA VAL C 116 -18.00 23.29 16.00
C VAL C 116 -17.28 21.93 16.07
N SER C 117 -17.18 21.42 17.29
CA SER C 117 -16.42 20.23 17.58
C SER C 117 -17.24 19.09 18.25
N TYR C 118 -17.06 17.87 17.73
CA TYR C 118 -17.75 16.66 18.19
C TYR C 118 -16.86 15.70 18.99
N SER C 119 -17.43 14.85 19.92
CA SER C 119 -16.78 13.80 20.77
C SER C 119 -15.42 14.29 21.25
N LYS C 120 -14.28 13.59 20.97
CA LYS C 120 -13.03 14.09 21.51
C LYS C 120 -12.64 15.47 20.95
N GLY C 121 -13.10 15.77 19.72
CA GLY C 121 -12.88 17.05 19.03
C GLY C 121 -13.04 18.27 19.92
N GLY C 122 -14.04 18.21 20.79
CA GLY C 122 -14.33 19.27 21.77
C GLY C 122 -13.23 19.47 22.78
N ILE C 123 -12.70 18.38 23.33
CA ILE C 123 -11.62 18.40 24.30
C ILE C 123 -10.34 18.90 23.61
N ASP C 124 -10.05 18.38 22.40
CA ASP C 124 -8.89 18.80 21.60
C ASP C 124 -8.97 20.29 21.38
N SER C 125 -10.21 20.82 21.16
CA SER C 125 -10.48 22.25 20.94
C SER C 125 -10.07 23.09 22.12
N GLN C 126 -10.46 22.67 23.34
CA GLN C 126 -10.14 23.36 24.56
C GLN C 126 -8.67 23.33 24.83
N SER C 127 -8.02 22.17 24.58
CA SER C 127 -6.57 22.04 24.76
C SER C 127 -5.87 23.03 23.84
N ALA C 128 -6.29 23.10 22.57
CA ALA C 128 -5.74 24.02 21.59
C ALA C 128 -5.86 25.46 22.06
N LEU C 129 -7.05 25.87 22.49
CA LEU C 129 -7.32 27.23 22.93
C LEU C 129 -6.64 27.63 24.22
N ILE C 130 -6.73 26.77 25.24
CA ILE C 130 -6.23 27.05 26.58
C ILE C 130 -4.75 26.71 26.75
N HIS C 131 -4.39 25.46 26.48
CA HIS C 131 -3.01 25.04 26.71
C HIS C 131 -2.07 25.34 25.56
N HIS C 132 -2.60 25.66 24.37
CA HIS C 132 -1.73 25.93 23.24
C HIS C 132 -2.02 27.32 22.63
N ASN C 133 -2.70 28.17 23.43
CA ASN C 133 -3.00 29.59 23.18
C ASN C 133 -3.63 29.91 21.81
N ALA C 134 -4.49 29.02 21.31
CA ALA C 134 -5.16 29.25 20.03
C ALA C 134 -6.36 30.17 20.21
N TYR C 135 -6.66 30.62 21.46
CA TYR C 135 -7.80 31.51 21.77
C TYR C 135 -7.79 32.80 20.95
N HIS C 136 -6.59 33.21 20.47
CA HIS C 136 -6.36 34.39 19.65
C HIS C 136 -7.08 34.31 18.29
N TYR C 137 -7.40 33.11 17.80
CA TYR C 137 -8.05 32.98 16.49
C TYR C 137 -9.47 32.43 16.55
N VAL C 138 -9.96 32.22 17.76
CA VAL C 138 -11.29 31.68 17.93
C VAL C 138 -12.20 32.65 18.71
N GLU C 139 -13.42 32.88 18.16
CA GLU C 139 -14.49 33.72 18.73
C GLU C 139 -15.23 32.97 19.87
N ARG C 140 -15.61 31.70 19.59
CA ARG C 140 -16.33 30.82 20.49
C ARG C 140 -16.28 29.36 20.02
N VAL C 141 -16.53 28.44 20.97
CA VAL C 141 -16.50 26.99 20.79
C VAL C 141 -17.85 26.38 21.13
N ILE C 142 -18.36 25.54 20.21
CA ILE C 142 -19.58 24.79 20.35
C ILE C 142 -19.22 23.33 20.32
N THR C 143 -19.43 22.63 21.44
CA THR C 143 -19.14 21.21 21.53
C THR C 143 -20.42 20.37 21.40
N LEU C 144 -20.37 19.39 20.46
CA LEU C 144 -21.44 18.46 20.12
C LEU C 144 -21.24 17.08 20.78
N GLY C 145 -21.69 16.95 22.04
CA GLY C 145 -21.61 15.69 22.76
C GLY C 145 -20.18 15.30 23.02
N THR C 146 -19.45 16.26 23.63
CA THR C 146 -18.05 16.08 23.99
C THR C 146 -18.02 15.51 25.37
N PRO C 147 -17.40 14.34 25.62
CA PRO C 147 -17.40 13.77 26.98
C PRO C 147 -16.44 14.50 27.89
N HIS C 148 -16.73 15.79 28.19
CA HIS C 148 -15.90 16.68 29.00
C HIS C 148 -15.43 16.04 30.29
N HIS C 149 -16.33 15.36 31.02
CA HIS C 149 -15.95 14.73 32.28
C HIS C 149 -15.58 13.22 32.11
N GLY C 150 -15.23 12.83 30.88
CA GLY C 150 -14.83 11.48 30.53
C GLY C 150 -15.97 10.58 30.08
N SER C 151 -15.60 9.42 29.51
CA SER C 151 -16.56 8.41 29.02
C SER C 151 -16.44 7.17 29.84
N GLN C 152 -17.58 6.72 30.39
CA GLN C 152 -17.61 5.50 31.20
C GLN C 152 -17.40 4.27 30.32
N LEU C 153 -17.69 4.41 29.01
CA LEU C 153 -17.44 3.39 28.02
C LEU C 153 -15.97 3.29 27.76
N ALA C 154 -15.23 4.39 27.84
CA ALA C 154 -13.79 4.36 27.63
C ALA C 154 -13.15 3.65 28.81
N ASP C 155 -13.66 3.90 30.04
CA ASP C 155 -13.17 3.26 31.25
C ASP C 155 -13.41 1.76 31.14
N LEU C 156 -14.62 1.38 30.64
CA LEU C 156 -15.02 0.00 30.38
C LEU C 156 -14.11 -0.70 29.37
N ALA C 157 -13.76 0.00 28.30
CA ALA C 157 -12.88 -0.52 27.24
C ALA C 157 -11.53 -0.96 27.79
N TYR C 158 -11.06 -0.23 28.80
CA TYR C 158 -9.78 -0.49 29.45
C TYR C 158 -9.90 -1.42 30.67
N SER C 159 -11.11 -2.02 30.89
CA SER C 159 -11.41 -2.95 31.99
C SER C 159 -12.01 -4.28 31.49
N ASN C 160 -12.95 -4.20 30.56
CA ASN C 160 -13.67 -5.32 30.03
C ASN C 160 -14.29 -4.99 28.70
N TRP C 161 -13.42 -4.75 27.74
CA TRP C 161 -13.76 -4.43 26.36
C TRP C 161 -14.66 -5.53 25.69
N ALA C 162 -15.89 -5.18 25.28
CA ALA C 162 -16.74 -6.12 24.54
C ALA C 162 -16.63 -5.73 23.04
N GLY C 163 -17.26 -6.51 22.14
CA GLY C 163 -17.19 -6.24 20.70
C GLY C 163 -17.92 -5.00 20.21
N TRP C 164 -19.11 -4.81 20.76
CA TRP C 164 -19.98 -3.69 20.44
C TRP C 164 -19.30 -2.36 20.80
N LEU C 165 -18.35 -2.40 21.75
CA LEU C 165 -17.58 -1.24 22.21
C LEU C 165 -16.76 -0.61 21.10
N ALA C 166 -16.25 -1.45 20.22
CA ALA C 166 -15.42 -1.03 19.12
C ALA C 166 -16.18 -0.15 18.16
N ASP C 167 -17.49 -0.39 18.01
CA ASP C 167 -18.32 0.35 17.07
C ASP C 167 -18.61 1.74 17.51
N ILE C 168 -18.67 1.97 18.81
CA ILE C 168 -18.97 3.27 19.38
C ILE C 168 -17.70 4.12 19.42
N LEU C 169 -16.58 3.51 19.88
CA LEU C 169 -15.29 4.16 20.15
C LEU C 169 -14.17 4.00 19.13
N GLY C 170 -14.12 2.89 18.42
CA GLY C 170 -13.01 2.57 17.53
C GLY C 170 -12.06 1.69 18.33
N GLN C 171 -10.92 1.24 17.77
CA GLN C 171 -10.03 0.40 18.58
C GLN C 171 -9.19 1.21 19.54
N LYS C 172 -8.98 0.64 20.77
CA LYS C 172 -8.19 1.16 21.88
C LYS C 172 -6.89 1.77 21.40
N ASN C 173 -6.62 3.01 21.85
CA ASN C 173 -5.41 3.78 21.54
C ASN C 173 -5.24 4.92 22.56
N ASP C 174 -4.20 5.75 22.38
CA ASP C 174 -3.93 6.90 23.26
C ASP C 174 -5.12 7.86 23.38
N ALA C 175 -5.88 8.04 22.28
CA ALA C 175 -7.04 8.91 22.25
C ALA C 175 -8.15 8.34 23.09
N VAL C 176 -8.46 7.03 22.93
CA VAL C 176 -9.49 6.33 23.71
C VAL C 176 -9.08 6.33 25.20
N TYR C 177 -7.79 6.08 25.47
CA TYR C 177 -7.21 6.09 26.80
C TYR C 177 -7.48 7.42 27.47
N SER C 178 -7.24 8.55 26.74
CA SER C 178 -7.40 9.91 27.24
C SER C 178 -8.84 10.29 27.56
N LEU C 179 -9.81 9.45 27.19
CA LEU C 179 -11.22 9.70 27.45
C LEU C 179 -11.73 9.07 28.75
N GLN C 180 -10.87 8.30 29.42
CA GLN C 180 -11.24 7.70 30.69
C GLN C 180 -11.56 8.79 31.70
N THR C 181 -12.56 8.54 32.56
CA THR C 181 -13.05 9.54 33.53
C THR C 181 -11.97 10.01 34.51
N GLY C 182 -11.05 9.10 34.85
CA GLY C 182 -9.94 9.43 35.73
C GLY C 182 -9.02 10.45 35.09
N PHE C 183 -8.64 10.14 33.84
CA PHE C 183 -7.78 10.96 33.01
C PHE C 183 -8.41 12.34 32.79
N MET C 184 -9.71 12.36 32.47
CA MET C 184 -10.43 13.59 32.22
C MET C 184 -10.57 14.44 33.45
N LYS C 185 -10.67 13.83 34.66
CA LYS C 185 -10.75 14.57 35.93
C LYS C 185 -9.49 15.43 36.05
N SER C 186 -8.33 14.84 35.77
CA SER C 186 -7.01 15.49 35.80
C SER C 186 -6.99 16.63 34.77
N PHE C 187 -7.44 16.36 33.54
CA PHE C 187 -7.47 17.37 32.48
C PHE C 187 -8.31 18.55 32.95
N ARG C 188 -9.50 18.26 33.48
CA ARG C 188 -10.43 19.28 33.96
C ARG C 188 -9.75 20.18 34.98
N ASP C 189 -9.03 19.57 35.95
CA ASP C 189 -8.34 20.27 37.03
C ASP C 189 -7.34 21.30 36.50
N GLN C 190 -6.58 20.92 35.46
CA GLN C 190 -5.55 21.77 34.84
C GLN C 190 -6.09 22.77 33.83
N THR C 191 -7.33 22.58 33.38
CA THR C 191 -7.94 23.41 32.36
C THR C 191 -8.94 24.43 32.89
N ASP C 192 -9.90 23.99 33.73
CA ASP C 192 -11.00 24.82 34.23
C ASP C 192 -10.54 25.97 35.11
N ASN C 193 -9.32 25.89 35.65
CA ASN C 193 -8.75 26.95 36.50
C ASN C 193 -7.64 27.77 35.83
N HIS C 194 -7.27 27.39 34.59
CA HIS C 194 -6.27 28.07 33.78
C HIS C 194 -6.79 29.46 33.36
N PRO C 195 -5.93 30.51 33.39
CA PRO C 195 -6.38 31.85 32.99
C PRO C 195 -6.96 31.96 31.58
N ASN C 196 -6.45 31.15 30.64
CA ASN C 196 -6.92 31.18 29.26
C ASN C 196 -8.37 30.72 29.06
N ARG C 197 -8.91 29.96 30.04
CA ARG C 197 -10.27 29.44 30.00
C ARG C 197 -11.31 30.56 29.86
N LEU C 198 -11.06 31.66 30.54
CA LEU C 198 -11.94 32.81 30.61
C LEU C 198 -11.95 33.66 29.34
N LYS C 199 -11.00 33.43 28.44
CA LYS C 199 -10.84 34.22 27.21
C LYS C 199 -11.76 33.80 26.04
N THR C 200 -12.48 32.69 26.16
CA THR C 200 -13.36 32.26 25.09
C THR C 200 -14.70 31.78 25.61
N LYS C 201 -15.77 32.01 24.81
CA LYS C 201 -17.14 31.62 25.17
C LYS C 201 -17.35 30.16 24.80
N TYR C 202 -17.80 29.31 25.76
CA TYR C 202 -18.07 27.91 25.48
C TYR C 202 -19.56 27.65 25.43
N PHE C 203 -19.98 26.72 24.54
CA PHE C 203 -21.35 26.29 24.35
C PHE C 203 -21.38 24.78 24.22
N THR C 204 -22.25 24.11 24.98
CA THR C 204 -22.32 22.66 24.86
C THR C 204 -23.69 22.20 24.43
N LEU C 205 -23.72 21.13 23.61
CA LEU C 205 -24.94 20.42 23.20
C LEU C 205 -24.72 19.00 23.65
N ALA C 206 -25.79 18.37 24.14
CA ALA C 206 -25.76 16.99 24.64
C ALA C 206 -27.08 16.30 24.35
N GLY C 207 -27.03 14.97 24.31
CA GLY C 207 -28.21 14.16 24.04
C GLY C 207 -28.62 13.26 25.17
N ASN C 208 -29.92 12.95 25.22
CA ASN C 208 -30.47 12.05 26.25
C ASN C 208 -31.08 10.82 25.63
N LYS C 209 -31.12 10.77 24.27
CA LYS C 209 -31.67 9.65 23.52
C LYS C 209 -30.60 8.58 23.38
N ILE C 210 -30.90 7.34 23.78
CA ILE C 210 -29.94 6.24 23.64
C ILE C 210 -30.11 5.65 22.28
N GLY C 211 -29.11 4.90 21.85
CA GLY C 211 -29.09 4.33 20.51
C GLY C 211 -30.35 3.57 20.20
N GLY C 212 -30.74 3.63 18.93
CA GLY C 212 -31.92 2.93 18.43
C GLY C 212 -31.72 1.43 18.47
N PHE C 213 -32.83 0.68 18.46
CA PHE C 213 -32.76 -0.77 18.44
C PHE C 213 -32.00 -1.17 17.18
N GLY C 214 -30.93 -1.91 17.38
CA GLY C 214 -30.10 -2.32 16.26
C GLY C 214 -28.87 -1.48 16.02
N SER C 215 -28.61 -0.50 16.92
CA SER C 215 -27.40 0.31 16.86
C SER C 215 -26.54 -0.06 18.05
N ALA C 216 -25.24 0.04 17.92
CA ALA C 216 -24.35 -0.30 19.04
C ALA C 216 -24.55 0.60 20.28
N LEU C 217 -25.11 1.83 20.06
CA LEU C 217 -25.42 2.82 21.11
C LEU C 217 -26.61 2.36 21.96
N PHE C 218 -27.30 1.30 21.53
CA PHE C 218 -28.41 0.71 22.26
C PHE C 218 -27.78 0.00 23.44
N PHE C 219 -26.72 -0.79 23.16
CA PHE C 219 -25.95 -1.48 24.20
C PHE C 219 -25.24 -0.45 25.06
N GLY C 220 -24.69 0.55 24.40
CA GLY C 220 -24.00 1.66 25.04
C GLY C 220 -24.88 2.46 25.99
N GLY C 221 -26.13 2.69 25.56
CA GLY C 221 -27.14 3.43 26.32
C GLY C 221 -27.63 2.74 27.57
N VAL C 222 -27.94 1.44 27.43
CA VAL C 222 -28.43 0.65 28.56
C VAL C 222 -27.31 0.46 29.59
N TYR C 223 -26.04 0.45 29.16
CA TYR C 223 -24.91 0.35 30.07
C TYR C 223 -24.76 1.66 30.82
N LEU C 224 -24.66 2.78 30.10
CA LEU C 224 -24.50 4.07 30.77
C LEU C 224 -25.78 4.53 31.54
N ASN C 225 -26.93 3.81 31.38
CA ASN C 225 -28.14 4.08 32.16
C ASN C 225 -27.90 3.82 33.65
N MET C 226 -26.83 3.07 33.98
CA MET C 226 -26.38 2.82 35.36
C MET C 226 -25.89 4.12 35.99
N PHE C 227 -25.38 5.04 35.15
CA PHE C 227 -24.80 6.32 35.55
C PHE C 227 -25.78 7.48 35.44
N GLY C 228 -26.69 7.41 34.46
CA GLY C 228 -27.69 8.44 34.27
C GLY C 228 -28.07 8.66 32.84
N GLU C 229 -28.81 9.78 32.61
CA GLU C 229 -29.27 10.22 31.29
C GLU C 229 -28.07 10.25 30.35
N ASN C 230 -28.21 9.65 29.13
CA ASN C 230 -27.09 9.59 28.20
C ASN C 230 -27.49 9.53 26.73
N ASP C 231 -26.53 9.76 25.81
CA ASP C 231 -26.68 9.74 24.34
C ASP C 231 -26.33 8.37 23.69
N GLY C 232 -25.97 7.41 24.52
CA GLY C 232 -25.58 6.09 24.05
C GLY C 232 -24.07 5.93 24.06
N ALA C 233 -23.36 7.01 24.41
CA ALA C 233 -21.90 6.99 24.48
C ALA C 233 -21.41 7.88 25.59
N VAL C 234 -22.16 8.95 25.85
CA VAL C 234 -21.81 9.98 26.83
C VAL C 234 -23.03 10.35 27.67
N THR C 235 -22.87 10.34 29.02
CA THR C 235 -23.97 10.79 29.86
C THR C 235 -24.22 12.29 29.58
N GLU C 236 -25.42 12.80 29.83
CA GLU C 236 -25.70 14.21 29.60
C GLU C 236 -24.84 15.09 30.56
N LYS C 237 -24.68 14.65 31.81
CA LYS C 237 -23.91 15.42 32.78
C LYS C 237 -22.43 15.49 32.46
N ASN C 238 -21.88 14.45 31.86
CA ASN C 238 -20.48 14.41 31.46
C ASN C 238 -20.14 15.18 30.19
N ALA C 239 -21.17 15.55 29.40
CA ALA C 239 -21.01 16.30 28.15
C ALA C 239 -21.05 17.84 28.33
N ARG C 240 -21.13 18.27 29.59
CA ARG C 240 -21.18 19.67 29.96
C ARG C 240 -19.89 20.23 30.58
N LEU C 241 -19.77 21.57 30.56
CA LEU C 241 -18.70 22.32 31.21
C LEU C 241 -19.38 23.25 32.19
N PRO C 242 -18.88 23.35 33.44
CA PRO C 242 -19.58 24.18 34.45
C PRO C 242 -19.81 25.66 34.07
N TYR C 243 -18.84 26.25 33.35
CA TYR C 243 -18.84 27.65 32.92
C TYR C 243 -19.37 27.87 31.49
N ALA C 244 -19.80 26.80 30.82
CA ALA C 244 -20.31 26.93 29.45
C ALA C 244 -21.80 27.23 29.43
N THR C 245 -22.29 27.71 28.27
CA THR C 245 -23.71 27.91 28.02
C THR C 245 -24.17 26.50 27.64
N ASN C 246 -24.73 25.80 28.59
CA ASN C 246 -25.11 24.42 28.35
C ASN C 246 -26.53 24.36 27.79
N LEU C 247 -26.64 24.27 26.45
CA LEU C 247 -27.94 24.20 25.75
C LEU C 247 -28.68 22.94 26.12
N ASP C 248 -29.96 23.11 26.45
CA ASP C 248 -30.87 22.06 26.94
C ASP C 248 -30.75 20.76 26.18
N THR C 249 -30.68 19.70 26.97
CA THR C 249 -30.53 18.30 26.60
C THR C 249 -31.51 17.82 25.51
N GLY C 250 -31.13 18.00 24.26
CA GLY C 250 -31.92 17.56 23.10
C GLY C 250 -31.96 16.05 22.91
N LYS C 251 -33.07 15.56 22.31
CA LYS C 251 -33.28 14.14 22.07
C LYS C 251 -32.43 13.66 20.90
N TRP C 252 -31.12 13.58 21.12
CA TRP C 252 -30.19 13.10 20.12
C TRP C 252 -29.39 11.98 20.73
N ASP C 253 -28.98 11.03 19.90
CA ASP C 253 -28.06 9.99 20.32
C ASP C 253 -26.69 10.45 19.87
N HIS C 254 -25.62 9.79 20.32
CA HIS C 254 -24.25 10.17 19.99
C HIS C 254 -23.97 10.31 18.50
N PHE C 255 -24.70 9.58 17.64
CA PHE C 255 -24.46 9.68 16.21
C PHE C 255 -25.34 10.69 15.53
N SER C 256 -26.60 10.82 15.99
CA SER C 256 -27.55 11.79 15.41
C SER C 256 -27.20 13.23 15.74
N ILE C 257 -26.46 13.46 16.84
CA ILE C 257 -26.08 14.78 17.29
C ILE C 257 -25.18 15.55 16.28
N ILE C 258 -24.51 14.86 15.32
CA ILE C 258 -23.71 15.59 14.32
C ILE C 258 -24.41 15.75 13.00
N LYS C 259 -25.65 15.22 12.89
CA LYS C 259 -26.41 15.34 11.65
C LYS C 259 -26.82 16.77 11.50
N GLY C 260 -26.28 17.40 10.47
CA GLY C 260 -26.50 18.80 10.17
C GLY C 260 -27.93 19.27 10.33
N ASN C 261 -28.87 18.64 9.55
CA ASN C 261 -30.30 18.98 9.57
C ASN C 261 -30.91 18.99 10.99
N LEU C 262 -30.33 18.20 11.91
CA LEU C 262 -30.79 18.10 13.27
C LEU C 262 -30.22 19.13 14.20
N THR C 263 -28.89 19.35 14.18
CA THR C 263 -28.29 20.23 15.18
C THR C 263 -27.77 21.56 14.63
N PHE C 264 -27.44 21.65 13.31
CA PHE C 264 -27.00 22.95 12.77
C PHE C 264 -28.02 24.07 13.06
N PRO C 265 -29.34 23.86 12.83
CA PRO C 265 -30.30 24.92 13.14
C PRO C 265 -30.34 25.27 14.62
N VAL C 266 -30.04 24.29 15.47
CA VAL C 266 -30.02 24.48 16.92
C VAL C 266 -28.88 25.43 17.38
N PHE C 267 -27.64 25.21 16.90
CA PHE C 267 -26.52 26.05 17.29
C PHE C 267 -26.31 27.24 16.33
N MET C 268 -27.04 27.29 15.18
CA MET C 268 -26.94 28.38 14.21
C MET C 268 -27.05 29.76 14.85
N PRO C 269 -28.02 30.02 15.78
CA PRO C 269 -28.08 31.35 16.44
C PRO C 269 -26.79 31.72 17.17
N LEU C 270 -26.04 30.71 17.69
CA LEU C 270 -24.77 30.94 18.39
C LEU C 270 -23.64 31.32 17.42
N LEU C 271 -23.81 31.06 16.11
CA LEU C 271 -22.78 31.40 15.13
C LEU C 271 -22.80 32.88 14.77
N THR C 272 -22.48 33.76 15.74
CA THR C 272 -22.46 35.23 15.57
C THR C 272 -21.21 35.86 16.24
N ILE C 273 -21.20 37.22 16.37
CA ILE C 273 -20.12 38.05 16.96
C ILE C 273 -18.80 37.85 16.17
N GLY D 29 -17.22 -19.44 0.46
CA GLY D 29 -16.46 -20.58 -0.05
C GLY D 29 -16.46 -20.70 -1.56
N ASN D 30 -16.36 -21.95 -2.08
CA ASN D 30 -16.36 -22.24 -3.53
C ASN D 30 -17.54 -23.16 -3.92
N PRO D 31 -18.72 -22.62 -4.33
CA PRO D 31 -19.89 -23.47 -4.63
C PRO D 31 -19.62 -24.66 -5.54
N GLY D 32 -20.13 -25.82 -5.14
CA GLY D 32 -19.96 -27.09 -5.84
C GLY D 32 -18.85 -27.92 -5.23
N TYR D 33 -17.87 -27.26 -4.63
CA TYR D 33 -16.74 -27.94 -4.05
C TYR D 33 -17.09 -28.71 -2.77
N TRP D 34 -16.59 -29.93 -2.70
CA TRP D 34 -16.74 -30.74 -1.50
C TRP D 34 -15.46 -31.52 -1.27
N PHE D 35 -15.21 -31.88 -0.01
CA PHE D 35 -14.03 -32.67 0.34
C PHE D 35 -14.37 -33.61 1.45
N ALA D 36 -13.63 -34.72 1.52
CA ALA D 36 -13.87 -35.68 2.59
C ALA D 36 -13.02 -35.30 3.80
N GLY D 37 -13.61 -35.46 4.97
CA GLY D 37 -12.91 -35.25 6.23
C GLY D 37 -11.98 -36.42 6.46
N ASP D 38 -11.17 -36.31 7.51
CA ASP D 38 -10.19 -37.33 7.84
C ASP D 38 -10.76 -38.75 7.91
N PRO D 39 -10.03 -39.71 7.32
CA PRO D 39 -10.52 -41.10 7.29
C PRO D 39 -10.57 -41.75 8.67
N VAL D 40 -11.61 -42.56 8.92
CA VAL D 40 -11.77 -43.27 10.17
C VAL D 40 -10.94 -44.55 10.04
N GLU D 41 -9.96 -44.74 10.96
CA GLU D 41 -9.00 -45.86 10.99
C GLU D 41 -9.67 -47.20 10.79
N HIS D 42 -10.63 -47.52 11.67
CA HIS D 42 -11.38 -48.77 11.67
C HIS D 42 -12.86 -48.47 11.48
N PRO D 43 -13.31 -48.41 10.20
CA PRO D 43 -14.72 -48.06 9.93
C PRO D 43 -15.74 -49.07 10.43
N ASP D 44 -16.94 -48.58 10.72
CA ASP D 44 -18.05 -49.38 11.21
C ASP D 44 -19.20 -49.27 10.19
N PRO D 45 -19.72 -50.41 9.66
CA PRO D 45 -20.82 -50.33 8.68
C PRO D 45 -22.07 -49.68 9.22
N ALA D 46 -22.31 -49.84 10.52
CA ALA D 46 -23.43 -49.27 11.26
C ALA D 46 -23.33 -47.75 11.38
N LYS D 47 -22.16 -47.15 11.07
CA LYS D 47 -21.91 -45.71 11.15
C LYS D 47 -21.80 -45.09 9.76
N PRO D 48 -22.93 -44.55 9.24
CA PRO D 48 -22.92 -43.96 7.89
C PRO D 48 -22.05 -42.72 7.80
N PRO D 49 -21.50 -42.37 6.63
CA PRO D 49 -20.76 -41.11 6.54
C PRO D 49 -21.68 -39.89 6.68
N ILE D 50 -21.17 -38.79 7.24
CA ILE D 50 -21.99 -37.60 7.42
C ILE D 50 -21.58 -36.53 6.44
N VAL D 51 -22.57 -35.94 5.77
CA VAL D 51 -22.33 -34.81 4.90
C VAL D 51 -22.83 -33.59 5.62
N PHE D 52 -21.90 -32.64 5.88
CA PHE D 52 -22.20 -31.41 6.58
C PHE D 52 -22.53 -30.31 5.61
N VAL D 53 -23.79 -29.85 5.69
CA VAL D 53 -24.35 -28.83 4.81
C VAL D 53 -24.55 -27.52 5.56
N HIS D 54 -23.78 -26.48 5.16
CA HIS D 54 -23.85 -25.13 5.75
C HIS D 54 -25.16 -24.39 5.42
N GLY D 55 -25.39 -23.29 6.14
CA GLY D 55 -26.56 -22.47 5.96
C GLY D 55 -26.41 -21.39 4.92
N LEU D 56 -27.10 -20.30 5.19
CA LEU D 56 -27.16 -19.11 4.36
C LEU D 56 -25.87 -18.34 4.51
N ASN D 57 -25.44 -17.63 3.46
CA ASN D 57 -24.23 -16.79 3.38
C ASN D 57 -22.98 -17.42 4.00
N GLY D 58 -22.94 -18.75 4.02
CA GLY D 58 -21.84 -19.49 4.61
C GLY D 58 -21.12 -20.45 3.67
N SER D 59 -20.26 -21.29 4.27
CA SER D 59 -19.47 -22.28 3.58
C SER D 59 -19.17 -23.40 4.56
N SER D 60 -18.47 -24.45 4.07
CA SER D 60 -18.03 -25.61 4.85
C SER D 60 -17.15 -25.23 6.06
N SER D 61 -16.52 -24.04 6.02
CA SER D 61 -15.68 -23.53 7.11
C SER D 61 -16.45 -23.34 8.43
N ALA D 62 -17.80 -23.29 8.37
CA ALA D 62 -18.69 -23.15 9.53
C ALA D 62 -18.49 -24.31 10.49
N TRP D 63 -18.15 -25.49 9.96
CA TRP D 63 -17.92 -26.73 10.72
C TRP D 63 -16.50 -26.84 11.26
N PHE D 64 -15.64 -25.84 10.98
CA PHE D 64 -14.22 -25.85 11.35
C PHE D 64 -13.69 -24.62 12.11
N ASP D 65 -14.11 -23.39 11.71
CA ASP D 65 -13.65 -22.15 12.37
CA ASP D 65 -13.65 -22.16 12.36
C ASP D 65 -14.31 -22.01 13.73
N GLU D 66 -13.47 -22.10 14.79
CA GLU D 66 -13.83 -22.04 16.21
C GLU D 66 -14.87 -23.15 16.51
N ASN D 67 -14.85 -24.24 15.69
CA ASN D 67 -15.78 -25.35 15.77
C ASN D 67 -15.07 -26.67 15.68
N ASP D 68 -15.49 -27.62 16.50
CA ASP D 68 -14.87 -28.95 16.54
C ASP D 68 -15.78 -30.04 15.96
N MET D 69 -16.84 -29.65 15.21
CA MET D 69 -17.80 -30.60 14.61
C MET D 69 -17.12 -31.70 13.81
N ALA D 70 -16.13 -31.31 12.99
CA ALA D 70 -15.35 -32.23 12.17
C ALA D 70 -14.65 -33.30 13.06
N GLU D 71 -13.99 -32.82 14.13
CA GLU D 71 -13.31 -33.65 15.10
C GLU D 71 -14.28 -34.55 15.85
N GLN D 72 -15.47 -34.01 16.21
CA GLN D 72 -16.53 -34.73 16.90
C GLN D 72 -16.95 -35.93 16.12
N ALA D 73 -17.15 -35.77 14.80
CA ALA D 73 -17.54 -36.85 13.90
C ALA D 73 -16.46 -37.91 13.82
N TRP D 74 -15.23 -37.49 13.48
CA TRP D 74 -14.09 -38.38 13.35
C TRP D 74 -13.76 -39.16 14.63
N LYS D 75 -13.65 -38.46 15.78
CA LYS D 75 -13.30 -39.09 17.05
C LYS D 75 -14.37 -40.05 17.54
N ASN D 76 -15.60 -39.91 17.05
CA ASN D 76 -16.70 -40.79 17.41
C ASN D 76 -16.90 -41.90 16.39
N GLY D 77 -15.94 -42.03 15.48
CA GLY D 77 -15.90 -43.07 14.45
C GLY D 77 -16.73 -42.88 13.19
N TYR D 78 -17.10 -41.61 12.91
CA TYR D 78 -17.89 -41.28 11.74
C TYR D 78 -17.07 -40.69 10.61
N ASP D 79 -17.26 -41.22 9.40
CA ASP D 79 -16.60 -40.67 8.24
C ASP D 79 -17.39 -39.46 7.80
N ALA D 80 -16.75 -38.48 7.13
CA ALA D 80 -17.49 -37.28 6.79
C ALA D 80 -17.04 -36.61 5.52
N ALA D 81 -17.90 -35.73 5.00
CA ALA D 81 -17.66 -34.90 3.81
C ALA D 81 -18.26 -33.55 4.08
N PHE D 82 -17.66 -32.52 3.51
CA PHE D 82 -18.08 -31.13 3.72
C PHE D 82 -18.25 -30.45 2.38
N ILE D 83 -19.37 -29.72 2.22
CA ILE D 83 -19.74 -29.13 0.93
C ILE D 83 -20.09 -27.68 1.01
N ASP D 84 -19.59 -26.97 -0.02
CA ASP D 84 -19.86 -25.57 -0.25
C ASP D 84 -20.94 -25.53 -1.27
N LEU D 85 -21.96 -24.77 -0.96
CA LEU D 85 -23.06 -24.52 -1.87
C LEU D 85 -23.10 -23.03 -2.08
N HIS D 86 -24.09 -22.53 -2.80
CA HIS D 86 -24.15 -21.07 -3.01
C HIS D 86 -24.54 -20.36 -1.73
N PRO D 87 -23.77 -19.34 -1.32
CA PRO D 87 -24.12 -18.62 -0.11
C PRO D 87 -25.27 -17.66 -0.37
N ASP D 88 -25.45 -17.29 -1.63
CA ASP D 88 -26.36 -16.28 -2.12
C ASP D 88 -27.50 -16.71 -3.05
N LYS D 89 -27.68 -18.02 -3.29
CA LYS D 89 -28.75 -18.49 -4.17
C LYS D 89 -29.82 -19.23 -3.40
N ASP D 90 -31.03 -19.32 -3.96
CA ASP D 90 -32.17 -20.01 -3.34
C ASP D 90 -32.00 -21.53 -3.17
N MET D 91 -33.02 -22.16 -2.62
CA MET D 91 -32.99 -23.58 -2.34
C MET D 91 -33.11 -24.46 -3.58
N GLN D 92 -33.63 -23.93 -4.69
CA GLN D 92 -33.79 -24.68 -5.94
C GLN D 92 -32.41 -24.88 -6.59
N ASP D 93 -31.60 -23.80 -6.69
CA ASP D 93 -30.23 -23.84 -7.23
C ASP D 93 -29.33 -24.66 -6.32
N ASN D 94 -29.46 -24.47 -4.99
CA ASN D 94 -28.68 -25.21 -4.01
C ASN D 94 -29.09 -26.66 -3.94
N GLY D 95 -30.38 -26.93 -4.06
CA GLY D 95 -30.92 -28.28 -4.08
C GLY D 95 -30.40 -29.08 -5.26
N ALA D 96 -30.38 -28.46 -6.45
CA ALA D 96 -29.88 -29.10 -7.66
C ALA D 96 -28.37 -29.42 -7.55
N MET D 97 -27.58 -28.47 -7.03
CA MET D 97 -26.13 -28.62 -6.81
C MET D 97 -25.84 -29.69 -5.76
N LEU D 98 -26.52 -29.61 -4.61
CA LEU D 98 -26.36 -30.58 -3.53
C LEU D 98 -26.70 -31.97 -4.00
N ALA D 99 -27.82 -32.14 -4.74
CA ALA D 99 -28.24 -33.43 -5.28
C ALA D 99 -27.16 -34.00 -6.18
N ALA D 100 -26.56 -33.14 -7.01
CA ALA D 100 -25.47 -33.51 -7.92
C ALA D 100 -24.24 -33.98 -7.15
N LYS D 101 -23.84 -33.25 -6.10
CA LYS D 101 -22.64 -33.62 -5.35
C LYS D 101 -22.87 -34.82 -4.42
N LEU D 102 -24.12 -35.05 -4.00
CA LEU D 102 -24.47 -36.21 -3.16
C LEU D 102 -24.27 -37.50 -3.93
N ARG D 103 -24.49 -37.45 -5.24
CA ARG D 103 -24.26 -38.55 -6.17
C ARG D 103 -22.77 -38.90 -6.05
N GLU D 104 -21.89 -37.90 -6.20
CA GLU D 104 -20.43 -38.06 -6.12
C GLU D 104 -19.96 -38.61 -4.78
N ILE D 105 -20.53 -38.05 -3.68
CA ILE D 105 -20.20 -38.43 -2.31
C ILE D 105 -20.64 -39.88 -2.05
N TYR D 106 -21.83 -40.26 -2.54
CA TYR D 106 -22.36 -41.60 -2.41
C TYR D 106 -21.41 -42.57 -3.05
N GLN D 107 -20.94 -42.23 -4.27
CA GLN D 107 -20.01 -43.04 -5.04
C GLN D 107 -18.70 -43.20 -4.30
N TYR D 108 -18.21 -42.08 -3.73
CA TYR D 108 -16.95 -42.01 -2.98
C TYR D 108 -16.95 -42.94 -1.76
N PHE D 109 -18.03 -42.94 -0.99
CA PHE D 109 -18.14 -43.77 0.21
C PHE D 109 -18.71 -45.17 -0.06
N GLY D 110 -19.32 -45.34 -1.22
CA GLY D 110 -19.95 -46.59 -1.64
C GLY D 110 -21.21 -46.94 -0.88
N ARG D 111 -21.80 -45.97 -0.17
CA ARG D 111 -23.00 -46.17 0.64
C ARG D 111 -23.73 -44.85 0.95
N LYS D 112 -25.00 -44.99 1.38
CA LYS D 112 -25.88 -43.89 1.74
C LYS D 112 -25.32 -43.11 2.93
N VAL D 113 -25.47 -41.76 2.86
CA VAL D 113 -24.98 -40.79 3.85
C VAL D 113 -26.09 -40.21 4.71
N ILE D 114 -25.70 -39.60 5.82
CA ILE D 114 -26.59 -38.86 6.70
C ILE D 114 -26.31 -37.37 6.48
N LEU D 115 -27.37 -36.56 6.37
CA LEU D 115 -27.15 -35.13 6.22
C LEU D 115 -27.32 -34.43 7.54
N VAL D 116 -26.30 -33.64 7.93
CA VAL D 116 -26.33 -32.77 9.11
C VAL D 116 -26.24 -31.36 8.49
N SER D 117 -27.39 -30.71 8.46
CA SER D 117 -27.53 -29.43 7.80
C SER D 117 -28.03 -28.29 8.71
N TYR D 118 -27.36 -27.13 8.59
CA TYR D 118 -27.63 -25.94 9.40
C TYR D 118 -28.34 -24.84 8.64
N SER D 119 -29.14 -24.01 9.36
CA SER D 119 -29.87 -22.86 8.79
C SER D 119 -30.50 -23.25 7.41
N LYS D 120 -30.32 -22.42 6.33
CA LYS D 120 -30.82 -22.67 4.96
C LYS D 120 -30.39 -24.04 4.42
N GLY D 121 -29.16 -24.47 4.75
CA GLY D 121 -28.59 -25.77 4.39
C GLY D 121 -29.45 -26.96 4.75
N GLY D 122 -30.46 -26.73 5.56
CA GLY D 122 -31.46 -27.73 5.92
C GLY D 122 -32.54 -27.83 4.87
N ILE D 123 -33.02 -26.66 4.34
CA ILE D 123 -34.02 -26.49 3.26
C ILE D 123 -33.40 -26.95 1.91
N ASP D 124 -32.14 -26.57 1.66
CA ASP D 124 -31.39 -26.97 0.48
C ASP D 124 -31.35 -28.50 0.45
N SER D 125 -31.19 -29.14 1.63
CA SER D 125 -31.15 -30.60 1.81
C SER D 125 -32.42 -31.25 1.35
N GLN D 126 -33.56 -30.70 1.76
CA GLN D 126 -34.88 -31.21 1.40
C GLN D 126 -35.13 -31.06 -0.04
N SER D 127 -34.75 -29.90 -0.62
CA SER D 127 -34.92 -29.65 -2.05
C SER D 127 -34.13 -30.69 -2.83
N ALA D 128 -32.89 -30.94 -2.44
CA ALA D 128 -32.02 -31.93 -3.05
C ALA D 128 -32.65 -33.32 -3.02
N LEU D 129 -33.09 -33.76 -1.85
CA LEU D 129 -33.69 -35.08 -1.66
C LEU D 129 -35.05 -35.29 -2.35
N ILE D 130 -35.96 -34.34 -2.18
CA ILE D 130 -37.32 -34.43 -2.66
C ILE D 130 -37.47 -33.96 -4.11
N HIS D 131 -37.05 -32.74 -4.41
CA HIS D 131 -37.23 -32.19 -5.74
C HIS D 131 -36.15 -32.54 -6.70
N HIS D 132 -35.01 -33.02 -6.23
CA HIS D 132 -33.92 -33.36 -7.13
C HIS D 132 -33.49 -34.82 -6.95
N ASN D 133 -34.37 -35.63 -6.33
CA ASN D 133 -34.28 -37.09 -6.12
C ASN D 133 -32.96 -37.62 -5.53
N ALA D 134 -32.33 -36.85 -4.63
CA ALA D 134 -31.11 -37.28 -4.00
C ALA D 134 -31.39 -38.26 -2.84
N TYR D 135 -32.68 -38.57 -2.57
CA TYR D 135 -33.09 -39.50 -1.50
C TYR D 135 -32.44 -40.88 -1.59
N HIS D 136 -32.01 -41.26 -2.81
CA HIS D 136 -31.35 -42.51 -3.13
C HIS D 136 -30.00 -42.67 -2.45
N TYR D 137 -29.35 -41.56 -2.08
CA TYR D 137 -28.04 -41.63 -1.43
C TYR D 137 -28.05 -41.16 0.03
N VAL D 138 -29.23 -40.83 0.56
CA VAL D 138 -29.35 -40.33 1.92
C VAL D 138 -30.23 -41.25 2.76
N GLU D 139 -29.71 -41.62 3.95
CA GLU D 139 -30.37 -42.46 4.95
C GLU D 139 -31.40 -41.64 5.76
N ARG D 140 -30.95 -40.46 6.23
CA ARG D 140 -31.74 -39.52 7.04
C ARG D 140 -31.10 -38.11 7.07
N VAL D 141 -31.93 -37.13 7.42
CA VAL D 141 -31.55 -35.72 7.49
C VAL D 141 -31.81 -35.17 8.88
N ILE D 142 -30.80 -34.49 9.43
CA ILE D 142 -30.84 -33.82 10.71
C ILE D 142 -30.62 -32.35 10.45
N THR D 143 -31.63 -31.53 10.76
CA THR D 143 -31.53 -30.09 10.57
C THR D 143 -31.30 -29.36 11.87
N LEU D 144 -30.37 -28.40 11.86
CA LEU D 144 -30.01 -27.57 13.03
C LEU D 144 -30.43 -26.11 12.77
N GLY D 145 -31.46 -25.66 13.52
CA GLY D 145 -31.97 -24.30 13.42
C GLY D 145 -32.32 -23.88 11.99
N THR D 146 -32.98 -24.79 11.27
CA THR D 146 -33.38 -24.51 9.90
C THR D 146 -34.77 -23.82 9.90
N PRO D 147 -34.93 -22.66 9.25
CA PRO D 147 -36.27 -22.05 9.22
C PRO D 147 -37.19 -22.70 8.21
N HIS D 148 -37.64 -23.92 8.49
CA HIS D 148 -38.51 -24.67 7.61
C HIS D 148 -39.78 -23.94 7.24
N HIS D 149 -40.26 -23.07 8.13
CA HIS D 149 -41.48 -22.28 7.88
C HIS D 149 -41.20 -20.78 7.58
N GLY D 150 -39.92 -20.47 7.36
CA GLY D 150 -39.47 -19.12 7.05
C GLY D 150 -38.94 -18.35 8.24
N SER D 151 -38.29 -17.23 7.94
CA SER D 151 -37.69 -16.36 8.93
C SER D 151 -38.38 -15.03 8.91
N GLN D 152 -38.90 -14.60 10.07
CA GLN D 152 -39.57 -13.30 10.18
C GLN D 152 -38.54 -12.19 10.07
N LEU D 153 -37.25 -12.51 10.33
CA LEU D 153 -36.13 -11.59 10.15
C LEU D 153 -35.87 -11.38 8.68
N ALA D 154 -36.06 -12.44 7.84
CA ALA D 154 -35.86 -12.33 6.40
C ALA D 154 -36.96 -11.47 5.83
N ASP D 155 -38.20 -11.61 6.32
CA ASP D 155 -39.34 -10.81 5.85
C ASP D 155 -39.10 -9.34 6.08
N LEU D 156 -38.77 -8.95 7.32
CA LEU D 156 -38.49 -7.58 7.71
C LEU D 156 -37.12 -7.10 7.13
N ALA D 157 -36.64 -7.75 6.08
CA ALA D 157 -35.37 -7.37 5.46
C ALA D 157 -35.55 -7.03 4.00
N TYR D 158 -36.25 -7.94 3.25
CA TYR D 158 -36.41 -7.63 1.84
C TYR D 158 -37.27 -6.38 1.74
N SER D 159 -38.30 -6.33 2.60
CA SER D 159 -39.18 -5.18 2.75
C SER D 159 -38.42 -3.85 3.18
N ASN D 160 -37.60 -3.94 4.24
CA ASN D 160 -36.87 -2.82 4.80
C ASN D 160 -35.78 -3.37 5.70
N TRP D 161 -34.59 -3.61 5.12
CA TRP D 161 -33.35 -4.13 5.70
C TRP D 161 -32.91 -3.34 6.96
N ALA D 162 -31.58 -3.20 7.16
CA ALA D 162 -30.88 -2.45 8.20
C ALA D 162 -29.59 -3.11 8.64
N GLY D 163 -28.70 -2.27 9.13
CA GLY D 163 -27.39 -2.64 9.62
C GLY D 163 -27.40 -3.85 10.52
N TRP D 164 -28.21 -3.85 11.58
CA TRP D 164 -28.24 -4.93 12.58
C TRP D 164 -28.67 -6.31 12.10
N LEU D 165 -29.41 -6.40 10.98
CA LEU D 165 -29.81 -7.72 10.56
C LEU D 165 -28.96 -8.19 9.36
N ALA D 166 -27.86 -7.50 9.13
CA ALA D 166 -26.88 -7.96 8.19
C ALA D 166 -25.96 -8.91 8.94
N ASP D 167 -25.83 -8.72 10.25
CA ASP D 167 -24.94 -9.54 11.07
C ASP D 167 -25.49 -10.90 11.37
N ILE D 168 -26.81 -11.01 11.41
CA ILE D 168 -27.48 -12.28 11.66
C ILE D 168 -27.61 -13.08 10.37
N LEU D 169 -28.03 -12.39 9.28
CA LEU D 169 -28.34 -12.96 7.98
C LEU D 169 -27.25 -12.92 6.87
N GLY D 170 -26.36 -11.93 6.88
CA GLY D 170 -25.40 -11.71 5.79
C GLY D 170 -26.05 -10.70 4.86
N GLN D 171 -25.39 -10.25 3.77
CA GLN D 171 -26.05 -9.23 2.93
C GLN D 171 -27.19 -9.77 2.09
N LYS D 172 -28.26 -8.97 1.97
CA LYS D 172 -29.52 -9.18 1.23
C LYS D 172 -29.25 -9.79 -0.19
N ASN D 173 -29.82 -11.01 -0.50
CA ASN D 173 -29.64 -11.76 -1.77
C ASN D 173 -30.79 -12.74 -2.04
N ASP D 174 -30.70 -13.50 -3.15
CA ASP D 174 -31.68 -14.51 -3.54
C ASP D 174 -31.91 -15.56 -2.44
N ALA D 175 -30.85 -15.92 -1.70
CA ALA D 175 -30.92 -16.90 -0.62
C ALA D 175 -31.70 -16.33 0.55
N VAL D 176 -31.41 -15.07 0.97
CA VAL D 176 -32.13 -14.38 2.05
C VAL D 176 -33.60 -14.19 1.63
N TYR D 177 -33.83 -13.81 0.37
CA TYR D 177 -35.16 -13.65 -0.20
C TYR D 177 -35.95 -14.94 -0.06
N SER D 178 -35.32 -16.11 -0.37
CA SER D 178 -35.97 -17.42 -0.32
C SER D 178 -36.36 -17.87 1.08
N LEU D 179 -35.91 -17.15 2.12
CA LEU D 179 -36.21 -17.46 3.52
C LEU D 179 -37.45 -16.74 4.06
N GLN D 180 -38.03 -15.84 3.27
CA GLN D 180 -39.23 -15.12 3.66
C GLN D 180 -40.34 -16.12 3.92
N THR D 181 -41.19 -15.84 4.93
CA THR D 181 -42.25 -16.76 5.37
C THR D 181 -43.27 -17.03 4.26
N GLY D 182 -43.50 -16.03 3.38
CA GLY D 182 -44.42 -16.17 2.25
C GLY D 182 -43.91 -17.21 1.28
N PHE D 183 -42.64 -17.03 0.92
CA PHE D 183 -41.89 -17.88 0.01
C PHE D 183 -41.82 -19.31 0.56
N MET D 184 -41.50 -19.45 1.85
CA MET D 184 -41.39 -20.74 2.52
C MET D 184 -42.73 -21.46 2.62
N LYS D 185 -43.85 -20.71 2.77
CA LYS D 185 -45.20 -21.29 2.82
C LYS D 185 -45.42 -22.07 1.53
N SER D 186 -45.09 -21.44 0.40
CA SER D 186 -45.20 -22.02 -0.94
C SER D 186 -44.29 -23.25 -1.07
N PHE D 187 -43.03 -23.14 -0.63
CA PHE D 187 -42.09 -24.26 -0.68
C PHE D 187 -42.65 -25.44 0.08
N ARG D 188 -43.14 -25.18 1.32
CA ARG D 188 -43.72 -26.20 2.19
C ARG D 188 -44.85 -26.94 1.49
N ASP D 189 -45.74 -26.18 0.83
CA ASP D 189 -46.89 -26.73 0.11
C ASP D 189 -46.48 -27.72 -0.96
N GLN D 190 -45.42 -27.41 -1.73
CA GLN D 190 -44.91 -28.24 -2.82
C GLN D 190 -44.01 -29.38 -2.38
N THR D 191 -43.53 -29.33 -1.15
CA THR D 191 -42.59 -30.32 -0.62
C THR D 191 -43.22 -31.35 0.31
N ASP D 192 -44.01 -30.89 1.31
CA ASP D 192 -44.60 -31.73 2.35
C ASP D 192 -45.62 -32.74 1.83
N ASN D 193 -46.16 -32.50 0.63
CA ASN D 193 -47.13 -33.37 -0.03
C ASN D 193 -46.54 -34.20 -1.20
N HIS D 194 -45.27 -33.94 -1.55
CA HIS D 194 -44.56 -34.66 -2.60
C HIS D 194 -44.31 -36.12 -2.17
N PRO D 195 -44.48 -37.11 -3.09
CA PRO D 195 -44.24 -38.52 -2.71
C PRO D 195 -42.85 -38.83 -2.19
N ASN D 196 -41.82 -38.09 -2.66
CA ASN D 196 -40.45 -38.30 -2.21
C ASN D 196 -40.19 -37.97 -0.74
N ARG D 197 -41.06 -37.13 -0.13
CA ARG D 197 -40.95 -36.71 1.26
C ARG D 197 -40.97 -37.92 2.23
N LEU D 198 -41.79 -38.92 1.90
CA LEU D 198 -41.99 -40.13 2.69
C LEU D 198 -40.84 -41.12 2.65
N LYS D 199 -39.92 -40.95 1.71
CA LYS D 199 -38.79 -41.85 1.48
C LYS D 199 -37.58 -41.64 2.40
N THR D 200 -37.55 -40.56 3.19
CA THR D 200 -36.43 -40.28 4.08
C THR D 200 -36.91 -39.85 5.45
N LYS D 201 -36.14 -40.19 6.49
CA LYS D 201 -36.47 -39.80 7.87
C LYS D 201 -35.91 -38.43 8.17
N TYR D 202 -36.75 -37.55 8.72
CA TYR D 202 -36.33 -36.20 9.06
C TYR D 202 -36.23 -36.01 10.57
N PHE D 203 -35.21 -35.23 11.02
CA PHE D 203 -34.97 -34.93 12.45
C PHE D 203 -34.63 -33.45 12.58
N THR D 204 -35.27 -32.77 13.52
CA THR D 204 -34.98 -31.35 13.69
C THR D 204 -34.48 -31.05 15.09
N LEU D 205 -33.54 -30.12 15.18
CA LEU D 205 -33.01 -29.57 16.42
C LEU D 205 -33.29 -28.07 16.32
N ALA D 206 -33.67 -27.48 17.46
CA ALA D 206 -33.97 -26.05 17.56
C ALA D 206 -33.51 -25.51 18.91
N GLY D 207 -33.12 -24.23 18.92
CA GLY D 207 -32.66 -23.54 20.12
C GLY D 207 -33.68 -22.55 20.62
N ASN D 208 -33.62 -22.24 21.93
CA ASN D 208 -34.52 -21.29 22.53
C ASN D 208 -33.77 -20.16 23.22
N LYS D 209 -32.43 -20.24 23.24
CA LYS D 209 -31.57 -19.23 23.83
C LYS D 209 -31.33 -18.06 22.83
N ILE D 210 -31.56 -16.81 23.26
CA ILE D 210 -31.32 -15.66 22.39
C ILE D 210 -29.90 -15.18 22.61
N GLY D 211 -29.42 -14.32 21.73
CA GLY D 211 -28.07 -13.78 21.81
C GLY D 211 -27.80 -13.01 23.08
N GLY D 212 -26.54 -13.05 23.50
CA GLY D 212 -26.10 -12.35 24.70
C GLY D 212 -26.04 -10.86 24.49
N PHE D 213 -26.02 -10.09 25.60
CA PHE D 213 -25.95 -8.64 25.54
C PHE D 213 -24.70 -8.27 24.80
N GLY D 214 -24.86 -7.49 23.75
CA GLY D 214 -23.74 -7.10 22.92
C GLY D 214 -23.60 -7.88 21.63
N SER D 215 -24.32 -9.06 21.48
CA SER D 215 -24.31 -9.90 20.26
C SER D 215 -25.38 -9.39 19.33
N ALA D 216 -25.31 -9.70 18.02
CA ALA D 216 -26.40 -9.24 17.12
C ALA D 216 -27.68 -10.06 17.30
N LEU D 217 -27.52 -11.32 17.82
CA LEU D 217 -28.62 -12.23 18.12
C LEU D 217 -29.46 -11.75 19.29
N PHE D 218 -28.99 -10.71 20.00
CA PHE D 218 -29.70 -10.08 21.10
C PHE D 218 -30.86 -9.33 20.46
N PHE D 219 -30.54 -8.54 19.41
CA PHE D 219 -31.53 -7.77 18.66
C PHE D 219 -32.49 -8.69 17.98
N GLY D 220 -31.97 -9.70 17.30
CA GLY D 220 -32.81 -10.66 16.62
C GLY D 220 -33.74 -11.35 17.60
N GLY D 221 -33.16 -11.77 18.72
CA GLY D 221 -33.84 -12.43 19.81
C GLY D 221 -35.05 -11.69 20.33
N VAL D 222 -34.85 -10.44 20.75
CA VAL D 222 -35.91 -9.61 21.30
C VAL D 222 -36.96 -9.28 20.24
N TYR D 223 -36.57 -9.18 18.94
CA TYR D 223 -37.52 -8.93 17.87
C TYR D 223 -38.39 -10.16 17.68
N LEU D 224 -37.78 -11.32 17.45
CA LEU D 224 -38.57 -12.54 17.22
C LEU D 224 -39.38 -12.95 18.45
N ASN D 225 -38.99 -12.51 19.66
CA ASN D 225 -39.73 -12.79 20.88
C ASN D 225 -41.19 -12.37 20.78
N MET D 226 -41.52 -11.52 19.81
CA MET D 226 -42.89 -11.06 19.51
C MET D 226 -43.71 -12.20 18.97
N PHE D 227 -43.04 -13.14 18.31
CA PHE D 227 -43.62 -14.31 17.65
C PHE D 227 -43.58 -15.58 18.50
N GLY D 228 -42.52 -15.73 19.31
CA GLY D 228 -42.37 -16.90 20.17
C GLY D 228 -40.94 -17.24 20.49
N GLU D 229 -40.74 -18.38 21.12
CA GLU D 229 -39.42 -18.88 21.51
C GLU D 229 -38.54 -18.86 20.30
N ASN D 230 -37.32 -18.29 20.44
CA ASN D 230 -36.39 -18.19 19.30
C ASN D 230 -34.92 -18.31 19.67
N ASP D 231 -34.10 -18.75 18.70
CA ASP D 231 -32.66 -18.91 18.87
C ASP D 231 -31.88 -17.63 18.52
N GLY D 232 -32.63 -16.55 18.38
CA GLY D 232 -32.07 -15.25 17.98
C GLY D 232 -32.21 -14.98 16.50
N ALA D 233 -32.59 -16.02 15.71
CA ALA D 233 -32.75 -15.88 14.27
C ALA D 233 -33.97 -16.66 13.74
N VAL D 234 -34.23 -17.82 14.33
CA VAL D 234 -35.32 -18.68 13.89
C VAL D 234 -36.24 -18.99 15.07
N THR D 235 -37.57 -18.85 14.88
CA THR D 235 -38.51 -19.21 15.93
C THR D 235 -38.50 -20.75 16.05
N GLU D 236 -38.62 -21.28 17.29
CA GLU D 236 -38.61 -22.72 17.52
C GLU D 236 -39.69 -23.40 16.68
N LYS D 237 -40.88 -22.82 16.60
CA LYS D 237 -41.93 -23.41 15.79
C LYS D 237 -41.65 -23.38 14.26
N ASN D 238 -40.88 -22.40 13.76
CA ASN D 238 -40.55 -22.37 12.35
C ASN D 238 -39.36 -23.26 12.02
N ALA D 239 -38.68 -23.79 13.05
CA ALA D 239 -37.53 -24.69 12.90
C ALA D 239 -37.90 -26.19 12.81
N ARG D 240 -39.21 -26.46 12.83
CA ARG D 240 -39.77 -27.81 12.82
C ARG D 240 -40.49 -28.19 11.51
N LEU D 241 -40.62 -29.51 11.31
CA LEU D 241 -41.34 -30.11 10.19
C LEU D 241 -42.41 -30.96 10.81
N PRO D 242 -43.64 -30.92 10.28
CA PRO D 242 -44.74 -31.69 10.89
C PRO D 242 -44.50 -33.20 11.02
N TYR D 243 -43.83 -33.79 10.02
CA TYR D 243 -43.54 -35.22 9.94
C TYR D 243 -42.15 -35.60 10.48
N ALA D 244 -41.37 -34.63 10.97
CA ALA D 244 -40.04 -34.92 11.47
C ALA D 244 -40.05 -35.32 12.93
N THR D 245 -38.96 -35.96 13.38
CA THR D 245 -38.74 -36.27 14.79
C THR D 245 -38.19 -34.97 15.31
N ASN D 246 -39.04 -34.21 15.97
CA ASN D 246 -38.63 -32.90 16.43
C ASN D 246 -38.05 -33.01 17.82
N LEU D 247 -36.71 -33.08 17.90
CA LEU D 247 -35.99 -33.21 19.17
C LEU D 247 -36.17 -31.99 20.02
N ASP D 248 -36.46 -32.22 21.31
CA ASP D 248 -36.69 -31.19 22.33
C ASP D 248 -35.72 -30.02 22.23
N THR D 249 -36.31 -28.80 22.29
CA THR D 249 -35.62 -27.51 22.19
C THR D 249 -34.49 -27.44 23.21
N GLY D 250 -33.30 -27.16 22.73
CA GLY D 250 -32.15 -27.04 23.61
C GLY D 250 -31.75 -25.61 23.85
N LYS D 251 -30.95 -25.36 24.87
CA LYS D 251 -30.54 -24.00 25.14
C LYS D 251 -29.38 -23.60 24.24
N TRP D 252 -29.69 -23.41 22.96
CA TRP D 252 -28.70 -23.00 22.00
C TRP D 252 -29.18 -21.76 21.31
N ASP D 253 -28.25 -20.88 20.93
CA ASP D 253 -28.60 -19.73 20.13
C ASP D 253 -28.25 -20.17 18.71
N HIS D 254 -28.67 -19.39 17.68
CA HIS D 254 -28.44 -19.69 16.26
C HIS D 254 -27.00 -19.92 15.87
N PHE D 255 -26.03 -19.47 16.66
CA PHE D 255 -24.63 -19.69 16.35
C PHE D 255 -24.00 -20.85 17.16
N SER D 256 -24.45 -21.02 18.41
CA SER D 256 -23.98 -22.10 19.28
C SER D 256 -24.51 -23.49 18.87
N ILE D 257 -25.66 -23.53 18.17
CA ILE D 257 -26.30 -24.77 17.74
C ILE D 257 -25.41 -25.60 16.80
N ILE D 258 -24.41 -24.99 16.14
CA ILE D 258 -23.52 -25.77 15.26
C ILE D 258 -22.20 -26.16 15.91
N LYS D 259 -22.00 -25.75 17.18
CA LYS D 259 -20.78 -26.10 17.90
C LYS D 259 -20.80 -27.59 18.19
N GLY D 260 -19.83 -28.32 17.62
CA GLY D 260 -19.68 -29.76 17.72
C GLY D 260 -19.84 -30.36 19.11
N ASN D 261 -19.05 -29.87 20.04
CA ASN D 261 -19.09 -30.30 21.44
C ASN D 261 -20.48 -30.13 22.05
N LEU D 262 -21.29 -29.19 21.55
CA LEU D 262 -22.62 -28.92 22.07
C LEU D 262 -23.71 -29.79 21.49
N THR D 263 -23.76 -29.92 20.15
CA THR D 263 -24.89 -30.61 19.54
C THR D 263 -24.56 -31.96 18.94
N PHE D 264 -23.28 -32.23 18.58
CA PHE D 264 -22.94 -33.56 18.06
C PHE D 264 -23.36 -34.69 19.01
N PRO D 265 -23.09 -34.61 20.34
CA PRO D 265 -23.54 -35.69 21.23
C PRO D 265 -25.05 -35.82 21.27
N VAL D 266 -25.75 -34.72 21.04
CA VAL D 266 -27.22 -34.69 21.06
C VAL D 266 -27.81 -35.49 19.88
N PHE D 267 -27.32 -35.26 18.64
CA PHE D 267 -27.85 -35.94 17.46
C PHE D 267 -27.09 -37.22 17.15
N MET D 268 -25.97 -37.50 17.86
CA MET D 268 -25.17 -38.71 17.65
C MET D 268 -26.01 -39.98 17.69
N PRO D 269 -26.95 -40.17 18.64
CA PRO D 269 -27.79 -41.38 18.62
C PRO D 269 -28.59 -41.55 17.32
N LEU D 270 -28.93 -40.44 16.65
CA LEU D 270 -29.66 -40.47 15.38
C LEU D 270 -28.78 -40.91 14.23
N LEU D 271 -27.47 -40.84 14.38
CA LEU D 271 -26.53 -41.23 13.33
C LEU D 271 -26.38 -42.77 13.24
N THR D 272 -27.46 -43.46 12.84
CA THR D 272 -27.49 -44.93 12.71
C THR D 272 -28.21 -45.38 11.40
N ILE D 273 -28.53 -46.70 11.28
CA ILE D 273 -29.21 -47.34 10.14
C ILE D 273 -28.42 -47.11 8.86
N GLY E 29 40.13 27.28 -16.79
CA GLY E 29 38.89 27.89 -16.33
C GLY E 29 38.77 27.89 -14.82
N ASN E 30 37.50 27.89 -14.29
CA ASN E 30 37.18 27.89 -12.86
C ASN E 30 36.40 26.61 -12.45
N PRO E 31 37.08 25.50 -12.04
CA PRO E 31 36.36 24.25 -11.72
C PRO E 31 35.15 24.40 -10.82
N GLY E 32 34.05 23.76 -11.24
CA GLY E 32 32.76 23.77 -10.55
C GLY E 32 31.79 24.78 -11.12
N TYR E 33 32.34 25.85 -11.74
CA TYR E 33 31.53 26.90 -12.32
C TYR E 33 30.81 26.47 -13.57
N TRP E 34 29.52 26.79 -13.62
CA TRP E 34 28.73 26.54 -14.81
C TRP E 34 27.80 27.70 -15.04
N PHE E 35 27.39 27.89 -16.30
CA PHE E 35 26.48 28.96 -16.67
C PHE E 35 25.58 28.47 -17.79
N ALA E 36 24.36 29.05 -17.84
CA ALA E 36 23.42 28.69 -18.89
C ALA E 36 23.70 29.57 -20.07
N GLY E 37 23.64 28.97 -21.25
CA GLY E 37 23.77 29.69 -22.49
C GLY E 37 22.48 30.48 -22.70
N ASP E 38 22.49 31.39 -23.66
CA ASP E 38 21.35 32.24 -23.97
C ASP E 38 20.00 31.48 -24.07
N PRO E 39 18.95 32.06 -23.45
CA PRO E 39 17.64 31.40 -23.47
C PRO E 39 17.02 31.32 -24.87
N VAL E 40 16.37 30.20 -25.15
CA VAL E 40 15.68 29.95 -26.41
C VAL E 40 14.31 30.60 -26.28
N GLU E 41 14.00 31.56 -27.19
CA GLU E 41 12.78 32.37 -27.22
C GLU E 41 11.51 31.54 -27.06
N HIS E 42 11.32 30.57 -27.97
CA HIS E 42 10.17 29.69 -28.01
C HIS E 42 10.64 28.24 -27.82
N PRO E 43 10.76 27.77 -26.56
CA PRO E 43 11.28 26.42 -26.30
C PRO E 43 10.41 25.28 -26.83
N ASP E 44 11.05 24.15 -27.07
CA ASP E 44 10.41 22.92 -27.53
C ASP E 44 10.68 21.82 -26.49
N PRO E 45 9.62 21.20 -25.91
CA PRO E 45 9.84 20.13 -24.91
C PRO E 45 10.59 18.94 -25.48
N ALA E 46 10.44 18.67 -26.78
CA ALA E 46 11.10 17.59 -27.49
C ALA E 46 12.61 17.85 -27.66
N LYS E 47 13.09 19.08 -27.37
CA LYS E 47 14.49 19.51 -27.47
C LYS E 47 15.12 19.67 -26.09
N PRO E 48 15.79 18.59 -25.57
CA PRO E 48 16.40 18.66 -24.22
C PRO E 48 17.54 19.69 -24.14
N PRO E 49 17.82 20.29 -22.97
CA PRO E 49 18.94 21.22 -22.90
C PRO E 49 20.26 20.44 -23.07
N ILE E 50 21.29 21.09 -23.65
CA ILE E 50 22.58 20.44 -23.84
C ILE E 50 23.60 20.99 -22.87
N VAL E 51 24.30 20.07 -22.18
CA VAL E 51 25.38 20.44 -21.30
C VAL E 51 26.66 20.10 -22.03
N PHE E 52 27.46 21.13 -22.28
CA PHE E 52 28.71 20.98 -22.99
C PHE E 52 29.85 20.81 -22.01
N VAL E 53 30.49 19.63 -22.12
CA VAL E 53 31.57 19.21 -21.25
C VAL E 53 32.90 19.22 -22.00
N HIS E 54 33.76 20.12 -21.57
CA HIS E 54 35.09 20.35 -22.12
C HIS E 54 36.07 19.16 -21.96
N GLY E 55 37.22 19.24 -22.62
CA GLY E 55 38.25 18.20 -22.63
C GLY E 55 39.24 18.15 -21.50
N LEU E 56 40.48 17.74 -21.85
CA LEU E 56 41.65 17.64 -20.95
C LEU E 56 42.37 19.00 -20.99
N ASN E 57 42.79 19.49 -19.81
CA ASN E 57 43.49 20.77 -19.64
C ASN E 57 42.73 21.95 -20.27
N GLY E 58 41.40 21.82 -20.35
CA GLY E 58 40.52 22.83 -20.95
C GLY E 58 39.47 23.43 -20.04
N SER E 59 38.56 24.20 -20.65
CA SER E 59 37.44 24.85 -19.97
C SER E 59 36.29 25.00 -20.94
N SER E 60 35.14 25.52 -20.45
CA SER E 60 33.92 25.80 -21.23
C SER E 60 34.19 26.74 -22.45
N SER E 61 35.29 27.54 -22.41
CA SER E 61 35.68 28.46 -23.49
C SER E 61 36.00 27.73 -24.80
N ALA E 62 36.22 26.40 -24.75
CA ALA E 62 36.49 25.55 -25.90
C ALA E 62 35.30 25.58 -26.90
N TRP E 63 34.08 25.76 -26.36
CA TRP E 63 32.82 25.83 -27.12
C TRP E 63 32.51 27.23 -27.67
N PHE E 64 33.40 28.22 -27.37
CA PHE E 64 33.20 29.61 -27.74
C PHE E 64 34.35 30.30 -28.49
N ASP E 65 35.62 30.05 -28.10
CA ASP E 65 36.77 30.69 -28.75
CA ASP E 65 36.76 30.69 -28.73
C ASP E 65 36.99 30.08 -30.12
N GLU E 66 36.78 30.91 -31.18
CA GLU E 66 36.88 30.56 -32.61
C GLU E 66 35.93 29.40 -32.89
N ASN E 67 34.86 29.28 -32.08
CA ASN E 67 33.89 28.21 -32.16
C ASN E 67 32.48 28.75 -32.07
N ASP E 68 31.58 28.21 -32.90
CA ASP E 68 30.20 28.64 -32.94
C ASP E 68 29.24 27.59 -32.35
N MET E 69 29.76 26.59 -31.61
CA MET E 69 28.95 25.52 -31.01
C MET E 69 27.78 26.04 -30.18
N ALA E 70 28.06 27.06 -29.33
CA ALA E 70 27.03 27.70 -28.51
C ALA E 70 25.90 28.27 -29.39
N GLU E 71 26.31 28.99 -30.45
CA GLU E 71 25.39 29.59 -31.42
C GLU E 71 24.62 28.54 -32.17
N GLN E 72 25.28 27.44 -32.54
CA GLN E 72 24.69 26.31 -33.25
C GLN E 72 23.53 25.74 -32.44
N ALA E 73 23.73 25.56 -31.13
CA ALA E 73 22.72 25.02 -30.24
C ALA E 73 21.53 25.96 -30.13
N TRP E 74 21.81 27.22 -29.77
CA TRP E 74 20.79 28.25 -29.58
C TRP E 74 19.95 28.51 -30.85
N LYS E 75 20.63 28.71 -32.01
CA LYS E 75 19.95 28.99 -33.28
C LYS E 75 19.12 27.79 -33.79
N ASN E 76 19.43 26.59 -33.31
CA ASN E 76 18.68 25.42 -33.70
C ASN E 76 17.61 25.07 -32.66
N GLY E 77 17.36 25.99 -31.73
CA GLY E 77 16.32 25.85 -30.72
C GLY E 77 16.64 25.03 -29.50
N TYR E 78 17.94 24.83 -29.22
CA TYR E 78 18.37 24.07 -28.07
C TYR E 78 18.86 24.94 -26.94
N ASP E 79 18.37 24.69 -25.73
CA ASP E 79 18.86 25.42 -24.57
C ASP E 79 20.15 24.77 -24.14
N ALA E 80 21.02 25.51 -23.47
CA ALA E 80 22.30 24.91 -23.12
C ALA E 80 22.89 25.43 -21.84
N ALA E 81 23.89 24.68 -21.34
CA ALA E 81 24.67 25.03 -20.16
C ALA E 81 26.09 24.62 -20.44
N PHE E 82 27.04 25.36 -19.84
CA PHE E 82 28.45 25.12 -20.04
C PHE E 82 29.14 25.02 -18.70
N ILE E 83 29.96 24.00 -18.53
CA ILE E 83 30.63 23.73 -17.27
C ILE E 83 32.17 23.67 -17.39
N ASP E 84 32.83 24.13 -16.31
CA ASP E 84 34.25 24.04 -16.09
C ASP E 84 34.42 22.96 -15.03
N LEU E 85 35.19 21.95 -15.36
CA LEU E 85 35.55 20.89 -14.44
C LEU E 85 37.05 21.09 -14.23
N HIS E 86 37.72 20.17 -13.54
CA HIS E 86 39.16 20.29 -13.33
C HIS E 86 39.89 19.98 -14.63
N PRO E 87 40.80 20.87 -15.04
CA PRO E 87 41.56 20.59 -16.26
C PRO E 87 42.67 19.56 -15.97
N ASP E 88 43.04 19.43 -14.68
CA ASP E 88 44.17 18.66 -14.17
C ASP E 88 43.89 17.46 -13.23
N LYS E 89 42.64 17.09 -12.95
CA LYS E 89 42.39 15.93 -12.06
C LYS E 89 41.71 14.81 -12.85
N ASP E 90 41.82 13.58 -12.41
CA ASP E 90 41.27 12.39 -13.10
C ASP E 90 39.75 12.41 -13.29
N MET E 91 39.21 11.35 -13.90
CA MET E 91 37.78 11.20 -14.18
C MET E 91 36.93 10.89 -12.91
N GLN E 92 37.57 10.49 -11.82
CA GLN E 92 36.86 10.22 -10.57
C GLN E 92 36.50 11.55 -9.90
N ASP E 93 37.47 12.48 -9.78
CA ASP E 93 37.26 13.82 -9.22
C ASP E 93 36.36 14.66 -10.11
N ASN E 94 36.55 14.57 -11.42
CA ASN E 94 35.73 15.28 -12.38
C ASN E 94 34.34 14.70 -12.48
N GLY E 95 34.24 13.38 -12.39
CA GLY E 95 32.97 12.67 -12.41
C GLY E 95 32.12 13.09 -11.24
N ALA E 96 32.71 13.17 -10.03
CA ALA E 96 32.01 13.60 -8.80
C ALA E 96 31.51 15.04 -8.91
N MET E 97 32.35 15.96 -9.41
CA MET E 97 32.01 17.38 -9.62
C MET E 97 30.94 17.55 -10.69
N LEU E 98 31.11 16.90 -11.85
CA LEU E 98 30.15 16.96 -12.93
C LEU E 98 28.80 16.43 -12.47
N ALA E 99 28.77 15.26 -11.76
CA ALA E 99 27.55 14.68 -11.23
C ALA E 99 26.84 15.67 -10.29
N ALA E 100 27.62 16.38 -9.45
CA ALA E 100 27.12 17.40 -8.52
C ALA E 100 26.53 18.59 -9.28
N LYS E 101 27.20 19.02 -10.36
CA LYS E 101 26.70 20.16 -11.10
C LYS E 101 25.56 19.83 -11.99
N LEU E 102 25.43 18.58 -12.42
CA LEU E 102 24.31 18.10 -13.25
C LEU E 102 23.02 18.12 -12.46
N ARG E 103 23.11 17.90 -11.15
CA ARG E 103 21.99 17.95 -10.22
C ARG E 103 21.43 19.37 -10.28
N GLU E 104 22.30 20.39 -10.12
CA GLU E 104 21.94 21.81 -10.18
C GLU E 104 21.34 22.23 -11.52
N ILE E 105 21.95 21.78 -12.63
CA ILE E 105 21.51 22.08 -13.99
C ILE E 105 20.14 21.43 -14.25
N TYR E 106 19.93 20.18 -13.76
CA TYR E 106 18.67 19.47 -13.90
C TYR E 106 17.57 20.25 -13.24
N GLN E 107 17.84 20.75 -12.04
CA GLN E 107 16.91 21.56 -11.27
C GLN E 107 16.60 22.86 -11.99
N TYR E 108 17.63 23.52 -12.53
CA TYR E 108 17.54 24.76 -13.27
C TYR E 108 16.63 24.64 -14.49
N PHE E 109 16.79 23.57 -15.29
CA PHE E 109 15.97 23.37 -16.49
C PHE E 109 14.67 22.63 -16.23
N GLY E 110 14.56 21.98 -15.07
CA GLY E 110 13.41 21.18 -14.67
C GLY E 110 13.23 19.90 -15.45
N ARG E 111 14.28 19.46 -16.16
CA ARG E 111 14.24 18.24 -16.98
C ARG E 111 15.63 17.70 -17.27
N LYS E 112 15.65 16.42 -17.75
CA LYS E 112 16.85 15.68 -18.14
C LYS E 112 17.56 16.35 -19.33
N VAL E 113 18.91 16.40 -19.25
CA VAL E 113 19.78 17.04 -20.23
C VAL E 113 20.50 16.02 -21.11
N ILE E 114 21.09 16.50 -22.21
CA ILE E 114 21.92 15.70 -23.10
C ILE E 114 23.35 16.18 -22.89
N LEU E 115 24.28 15.23 -22.80
CA LEU E 115 25.67 15.63 -22.66
C LEU E 115 26.39 15.55 -24.00
N VAL E 116 27.03 16.67 -24.38
CA VAL E 116 27.92 16.76 -25.55
C VAL E 116 29.29 17.04 -24.94
N SER E 117 30.11 15.98 -24.89
CA SER E 117 31.40 15.99 -24.22
C SER E 117 32.59 15.68 -25.11
N TYR E 118 33.66 16.50 -24.99
CA TYR E 118 34.88 16.40 -25.79
C TYR E 118 36.11 15.85 -25.04
N SER E 119 37.12 15.20 -25.71
CA SER E 119 38.40 14.69 -25.14
C SER E 119 38.09 13.97 -23.85
N LYS E 120 38.76 14.29 -22.71
CA LYS E 120 38.51 13.63 -21.41
C LYS E 120 37.05 13.82 -20.91
N GLY E 121 36.34 14.85 -21.41
CA GLY E 121 34.94 15.14 -21.08
C GLY E 121 34.00 13.96 -21.18
N GLY E 122 34.17 13.13 -22.21
CA GLY E 122 33.40 11.91 -22.40
C GLY E 122 33.61 10.93 -21.27
N ILE E 123 34.86 10.76 -20.80
CA ILE E 123 35.21 9.86 -19.71
C ILE E 123 34.66 10.42 -18.41
N ASP E 124 34.85 11.74 -18.15
CA ASP E 124 34.33 12.42 -16.97
C ASP E 124 32.82 12.29 -16.95
N SER E 125 32.18 12.36 -18.13
CA SER E 125 30.73 12.21 -18.30
C SER E 125 30.25 10.84 -17.86
N GLN E 126 30.92 9.78 -18.31
CA GLN E 126 30.61 8.41 -17.96
C GLN E 126 30.80 8.16 -16.49
N SER E 127 31.90 8.68 -15.92
CA SER E 127 32.18 8.53 -14.50
C SER E 127 31.04 9.18 -13.72
N ALA E 128 30.63 10.40 -14.11
CA ALA E 128 29.54 11.12 -13.47
C ALA E 128 28.25 10.31 -13.50
N LEU E 129 27.86 9.79 -14.67
CA LEU E 129 26.64 9.04 -14.85
C LEU E 129 26.61 7.68 -14.18
N ILE E 130 27.69 6.91 -14.35
CA ILE E 130 27.80 5.54 -13.88
C ILE E 130 28.28 5.45 -12.44
N HIS E 131 29.44 6.01 -12.14
CA HIS E 131 30.00 5.88 -10.81
C HIS E 131 29.51 6.91 -9.83
N HIS E 132 28.88 7.99 -10.31
CA HIS E 132 28.40 9.03 -9.41
C HIS E 132 26.88 9.28 -9.57
N ASN E 133 26.20 8.29 -10.19
CA ASN E 133 24.76 8.18 -10.38
C ASN E 133 24.06 9.42 -10.94
N ALA E 134 24.73 10.14 -11.85
CA ALA E 134 24.13 11.31 -12.49
C ALA E 134 23.19 10.91 -13.62
N TYR E 135 23.05 9.59 -13.90
CA TYR E 135 22.16 9.08 -14.96
C TYR E 135 20.71 9.55 -14.83
N HIS E 136 20.31 9.90 -13.59
CA HIS E 136 18.99 10.41 -13.26
C HIS E 136 18.67 11.73 -13.95
N TYR E 137 19.68 12.51 -14.34
CA TYR E 137 19.42 13.81 -14.97
C TYR E 137 19.86 13.86 -16.43
N VAL E 138 20.32 12.74 -16.96
CA VAL E 138 20.81 12.73 -18.33
C VAL E 138 20.00 11.75 -19.18
N GLU E 139 19.56 12.23 -20.38
CA GLU E 139 18.81 11.46 -21.37
C GLU E 139 19.77 10.54 -22.21
N ARG E 140 20.88 11.15 -22.68
CA ARG E 140 21.92 10.50 -23.50
C ARG E 140 23.22 11.33 -23.53
N VAL E 141 24.32 10.64 -23.88
CA VAL E 141 25.67 11.19 -23.95
C VAL E 141 26.23 11.01 -25.32
N ILE E 142 26.77 12.11 -25.88
CA ILE E 142 27.46 12.18 -27.16
C ILE E 142 28.91 12.58 -26.89
N THR E 143 29.84 11.71 -27.22
CA THR E 143 31.24 11.99 -27.02
C THR E 143 31.93 12.32 -28.33
N LEU E 144 32.76 13.37 -28.32
CA LEU E 144 33.55 13.85 -29.46
C LEU E 144 35.03 13.63 -29.19
N GLY E 145 35.61 12.70 -29.93
CA GLY E 145 37.04 12.36 -29.84
C GLY E 145 37.51 12.04 -28.44
N THR E 146 36.69 11.28 -27.70
CA THR E 146 37.02 10.88 -26.36
C THR E 146 37.89 9.62 -26.38
N PRO E 147 39.08 9.61 -25.75
CA PRO E 147 39.88 8.36 -25.72
C PRO E 147 39.36 7.36 -24.71
N HIS E 148 38.19 6.75 -24.99
CA HIS E 148 37.56 5.76 -24.12
C HIS E 148 38.46 4.59 -23.82
N HIS E 149 39.40 4.25 -24.72
CA HIS E 149 40.36 3.15 -24.52
C HIS E 149 41.80 3.64 -24.22
N GLY E 150 41.92 4.92 -23.97
CA GLY E 150 43.21 5.53 -23.64
C GLY E 150 43.89 6.20 -24.79
N SER E 151 44.91 7.01 -24.48
CA SER E 151 45.69 7.74 -25.47
C SER E 151 47.09 7.23 -25.46
N GLN E 152 47.60 6.83 -26.65
CA GLN E 152 48.98 6.34 -26.79
C GLN E 152 49.95 7.51 -26.65
N LEU E 153 49.47 8.74 -26.88
CA LEU E 153 50.23 9.96 -26.65
C LEU E 153 50.39 10.21 -25.16
N ALA E 154 49.37 9.87 -24.36
CA ALA E 154 49.45 10.04 -22.91
C ALA E 154 50.46 9.04 -22.36
N ASP E 155 50.47 7.78 -22.89
CA ASP E 155 51.41 6.75 -22.45
C ASP E 155 52.81 7.22 -22.75
N LEU E 156 52.99 7.79 -23.98
CA LEU E 156 54.25 8.36 -24.46
C LEU E 156 54.75 9.49 -23.56
N ALA E 157 53.84 10.40 -23.13
CA ALA E 157 54.15 11.52 -22.24
C ALA E 157 54.77 11.06 -20.92
N TYR E 158 54.31 9.92 -20.44
CA TYR E 158 54.78 9.34 -19.19
C TYR E 158 55.94 8.38 -19.38
N SER E 159 56.45 8.21 -20.63
CA SER E 159 57.58 7.31 -20.98
C SER E 159 58.80 8.05 -21.54
N ASN E 160 58.60 8.83 -22.62
CA ASN E 160 59.63 9.62 -23.29
C ASN E 160 59.01 10.97 -23.54
N TRP E 161 58.80 11.75 -22.47
CA TRP E 161 58.21 13.07 -22.68
C TRP E 161 59.00 13.85 -23.74
N ALA E 162 58.29 14.65 -24.54
CA ALA E 162 58.88 15.52 -25.54
C ALA E 162 58.13 16.86 -25.59
N GLY E 163 58.53 17.72 -26.51
CA GLY E 163 57.90 19.03 -26.62
C GLY E 163 56.51 18.97 -27.19
N TRP E 164 56.41 18.35 -28.39
CA TRP E 164 55.21 18.21 -29.24
C TRP E 164 53.94 17.70 -28.59
N LEU E 165 54.05 16.94 -27.48
CA LEU E 165 52.85 16.41 -26.84
C LEU E 165 52.34 17.35 -25.75
N ALA E 166 53.11 18.38 -25.39
CA ALA E 166 52.59 19.36 -24.45
C ALA E 166 51.52 20.21 -25.13
N ASP E 167 51.65 20.42 -26.45
CA ASP E 167 50.71 21.26 -27.22
C ASP E 167 49.39 20.58 -27.49
N ILE E 168 49.42 19.24 -27.57
CA ILE E 168 48.24 18.43 -27.84
C ILE E 168 47.50 18.16 -26.52
N LEU E 169 48.27 17.80 -25.48
CA LEU E 169 47.81 17.36 -24.17
C LEU E 169 47.75 18.37 -23.02
N GLY E 170 48.65 19.34 -22.99
CA GLY E 170 48.77 20.23 -21.85
C GLY E 170 49.84 19.64 -20.96
N GLN E 171 50.24 20.31 -19.85
CA GLN E 171 51.33 19.71 -19.07
C GLN E 171 50.86 18.60 -18.20
N LYS E 172 51.70 17.53 -18.10
CA LYS E 172 51.54 16.30 -17.30
C LYS E 172 50.93 16.62 -15.92
N ASN E 173 49.86 15.87 -15.58
CA ASN E 173 49.10 15.98 -14.34
C ASN E 173 48.26 14.72 -14.14
N ASP E 174 47.47 14.69 -13.06
CA ASP E 174 46.59 13.55 -12.72
C ASP E 174 45.60 13.22 -13.87
N ALA E 175 45.11 14.26 -14.60
CA ALA E 175 44.19 14.08 -15.71
C ALA E 175 44.87 13.39 -16.87
N VAL E 176 46.07 13.88 -17.24
CA VAL E 176 46.86 13.30 -18.33
C VAL E 176 47.22 11.86 -17.97
N TYR E 177 47.61 11.64 -16.70
CA TYR E 177 47.96 10.33 -16.17
C TYR E 177 46.80 9.37 -16.37
N SER E 178 45.57 9.82 -16.08
CA SER E 178 44.35 9.01 -16.18
C SER E 178 43.98 8.59 -17.60
N LEU E 179 44.65 9.18 -18.61
CA LEU E 179 44.39 8.89 -20.02
C LEU E 179 45.27 7.79 -20.60
N GLN E 180 46.24 7.31 -19.82
CA GLN E 180 47.11 6.22 -20.25
C GLN E 180 46.28 4.98 -20.56
N THR E 181 46.66 4.22 -21.58
CA THR E 181 45.90 3.04 -22.04
C THR E 181 45.74 1.96 -20.98
N GLY E 182 46.75 1.82 -20.13
CA GLY E 182 46.72 0.86 -19.03
C GLY E 182 45.67 1.24 -18.02
N PHE E 183 45.69 2.51 -17.62
CA PHE E 183 44.76 3.12 -16.68
C PHE E 183 43.33 3.02 -17.22
N MET E 184 43.13 3.35 -18.51
CA MET E 184 41.83 3.31 -19.16
C MET E 184 41.29 1.92 -19.28
N LYS E 185 42.16 0.90 -19.47
CA LYS E 185 41.73 -0.50 -19.55
C LYS E 185 41.02 -0.88 -18.24
N SER E 186 41.63 -0.50 -17.13
CA SER E 186 41.13 -0.73 -15.79
C SER E 186 39.79 0.03 -15.59
N PHE E 187 39.72 1.31 -16.01
CA PHE E 187 38.49 2.11 -15.92
C PHE E 187 37.38 1.42 -16.70
N ARG E 188 37.68 1.01 -17.96
CA ARG E 188 36.75 0.31 -18.83
C ARG E 188 36.17 -0.92 -18.13
N ASP E 189 37.05 -1.74 -17.49
CA ASP E 189 36.65 -2.95 -16.78
C ASP E 189 35.63 -2.65 -15.67
N GLN E 190 35.85 -1.55 -14.92
CA GLN E 190 35.01 -1.12 -13.81
C GLN E 190 33.66 -0.57 -14.27
N THR E 191 33.67 0.09 -15.44
CA THR E 191 32.55 0.86 -16.00
C THR E 191 31.62 0.11 -16.97
N ASP E 192 32.18 -0.60 -17.95
CA ASP E 192 31.43 -1.30 -18.99
C ASP E 192 30.55 -2.44 -18.49
N ASN E 193 30.84 -2.94 -17.28
CA ASN E 193 30.09 -4.01 -16.65
C ASN E 193 29.21 -3.55 -15.49
N HIS E 194 29.32 -2.26 -15.12
CA HIS E 194 28.52 -1.64 -14.07
C HIS E 194 27.04 -1.56 -14.50
N PRO E 195 26.09 -1.86 -13.57
CA PRO E 195 24.67 -1.83 -13.94
C PRO E 195 24.18 -0.49 -14.46
N ASN E 196 24.77 0.63 -13.99
CA ASN E 196 24.37 1.97 -14.41
C ASN E 196 24.66 2.28 -15.87
N ARG E 197 25.59 1.52 -16.50
CA ARG E 197 26.00 1.68 -17.90
C ARG E 197 24.82 1.52 -18.85
N LEU E 198 23.93 0.58 -18.54
CA LEU E 198 22.77 0.23 -19.33
C LEU E 198 21.62 1.24 -19.25
N LYS E 199 21.68 2.16 -18.29
CA LYS E 199 20.65 3.17 -18.04
C LYS E 199 20.69 4.42 -18.95
N THR E 200 21.76 4.58 -19.72
CA THR E 200 21.88 5.75 -20.60
C THR E 200 22.36 5.33 -21.99
N LYS E 201 21.88 6.04 -23.01
CA LYS E 201 22.26 5.76 -24.39
C LYS E 201 23.56 6.50 -24.70
N TYR E 202 24.57 5.77 -25.25
CA TYR E 202 25.88 6.35 -25.59
C TYR E 202 26.08 6.48 -27.09
N PHE E 203 26.62 7.64 -27.54
CA PHE E 203 26.89 7.97 -28.95
C PHE E 203 28.32 8.49 -29.08
N THR E 204 29.09 7.95 -30.01
CA THR E 204 30.45 8.43 -30.17
C THR E 204 30.69 8.98 -31.56
N LEU E 205 31.50 10.04 -31.65
CA LEU E 205 31.98 10.66 -32.87
C LEU E 205 33.49 10.57 -32.79
N ALA E 206 34.12 10.30 -33.92
CA ALA E 206 35.59 10.19 -34.01
C ALA E 206 36.07 10.73 -35.36
N GLY E 207 37.28 11.30 -35.37
CA GLY E 207 37.89 11.85 -36.57
C GLY E 207 39.03 10.99 -37.06
N ASN E 208 39.33 11.07 -38.37
CA ASN E 208 40.41 10.31 -39.02
C ASN E 208 41.41 11.23 -39.72
N LYS E 209 41.15 12.54 -39.71
CA LYS E 209 42.01 13.58 -40.30
C LYS E 209 43.12 13.97 -39.30
N ILE E 210 44.39 13.94 -39.73
CA ILE E 210 45.48 14.34 -38.83
C ILE E 210 45.75 15.81 -39.00
N GLY E 211 46.54 16.39 -38.11
CA GLY E 211 46.86 17.81 -38.19
C GLY E 211 47.60 18.20 -39.45
N GLY E 212 47.38 19.44 -39.87
CA GLY E 212 48.02 19.99 -41.05
C GLY E 212 49.48 20.29 -40.81
N PHE E 213 50.23 20.44 -41.89
CA PHE E 213 51.64 20.75 -41.79
C PHE E 213 51.80 22.05 -41.03
N GLY E 214 52.58 22.00 -39.98
CA GLY E 214 52.83 23.15 -39.11
C GLY E 214 52.02 23.09 -37.86
N SER E 215 50.90 22.35 -37.91
CA SER E 215 49.99 22.16 -36.80
C SER E 215 50.62 21.19 -35.88
N ALA E 216 50.30 21.36 -34.59
CA ALA E 216 50.85 20.54 -33.52
C ALA E 216 50.35 19.09 -33.60
N LEU E 217 49.16 18.86 -34.26
CA LEU E 217 48.53 17.56 -34.45
C LEU E 217 49.03 16.81 -35.70
N PHE E 218 50.07 17.35 -36.33
CA PHE E 218 50.76 16.74 -37.46
C PHE E 218 51.68 15.70 -36.85
N PHE E 219 52.43 16.07 -35.80
CA PHE E 219 53.32 15.18 -35.08
C PHE E 219 52.50 14.10 -34.37
N GLY E 220 51.46 14.52 -33.65
CA GLY E 220 50.52 13.65 -32.96
C GLY E 220 49.82 12.73 -33.93
N GLY E 221 49.66 13.21 -35.15
CA GLY E 221 49.07 12.42 -36.21
C GLY E 221 49.97 11.28 -36.61
N VAL E 222 51.11 11.59 -37.26
CA VAL E 222 52.09 10.65 -37.82
C VAL E 222 52.63 9.64 -36.77
N TYR E 223 52.68 10.02 -35.47
CA TYR E 223 53.08 9.09 -34.43
C TYR E 223 52.00 8.02 -34.25
N LEU E 224 50.75 8.43 -34.05
CA LEU E 224 49.66 7.48 -33.86
C LEU E 224 49.36 6.67 -35.09
N ASN E 225 49.85 7.10 -36.26
CA ASN E 225 49.65 6.37 -37.50
C ASN E 225 50.26 4.97 -37.39
N MET E 226 51.16 4.75 -36.42
CA MET E 226 51.79 3.45 -36.11
C MET E 226 50.74 2.50 -35.58
N PHE E 227 49.70 3.07 -34.93
CA PHE E 227 48.60 2.37 -34.28
C PHE E 227 47.36 2.28 -35.14
N GLY E 228 47.09 3.32 -35.93
CA GLY E 228 45.92 3.30 -36.78
C GLY E 228 45.37 4.65 -37.11
N GLU E 229 44.19 4.64 -37.75
CA GLU E 229 43.43 5.83 -38.11
C GLU E 229 43.27 6.66 -36.86
N ASN E 230 43.50 7.97 -36.98
CA ASN E 230 43.41 8.85 -35.82
C ASN E 230 43.16 10.29 -36.21
N ASP E 231 42.69 11.08 -35.25
CA ASP E 231 42.45 12.51 -35.42
C ASP E 231 43.61 13.39 -34.94
N GLY E 232 44.80 12.80 -34.83
CA GLY E 232 46.00 13.50 -34.39
C GLY E 232 46.28 13.46 -32.90
N ALA E 233 45.32 12.90 -32.11
CA ALA E 233 45.44 12.78 -30.64
C ALA E 233 44.86 11.47 -30.14
N VAL E 234 43.76 11.04 -30.75
CA VAL E 234 43.05 9.83 -30.37
C VAL E 234 42.82 8.94 -31.58
N THR E 235 43.16 7.65 -31.47
CA THR E 235 42.92 6.69 -32.55
C THR E 235 41.44 6.48 -32.65
N GLU E 236 40.93 6.30 -33.88
CA GLU E 236 39.51 6.12 -34.09
C GLU E 236 38.98 4.94 -33.27
N LYS E 237 39.74 3.84 -33.20
CA LYS E 237 39.32 2.67 -32.43
C LYS E 237 39.28 2.92 -30.92
N ASN E 238 40.15 3.81 -30.40
CA ASN E 238 40.14 4.16 -28.97
C ASN E 238 39.09 5.20 -28.62
N ALA E 239 38.44 5.80 -29.62
CA ALA E 239 37.40 6.81 -29.43
C ALA E 239 35.99 6.23 -29.36
N ARG E 240 35.90 4.88 -29.41
CA ARG E 240 34.64 4.14 -29.41
C ARG E 240 34.36 3.37 -28.12
N LEU E 241 33.07 3.06 -27.91
CA LEU E 241 32.59 2.24 -26.80
C LEU E 241 31.86 1.07 -27.45
N PRO E 242 32.10 -0.17 -26.98
CA PRO E 242 31.48 -1.33 -27.62
C PRO E 242 29.95 -1.31 -27.72
N TYR E 243 29.28 -0.77 -26.72
CA TYR E 243 27.82 -0.68 -26.61
C TYR E 243 27.22 0.66 -27.10
N ALA E 244 28.07 1.56 -27.60
CA ALA E 244 27.60 2.87 -28.06
C ALA E 244 27.18 2.84 -29.50
N THR E 245 26.39 3.86 -29.91
CA THR E 245 26.03 4.08 -31.30
C THR E 245 27.27 4.82 -31.82
N ASN E 246 28.16 4.08 -32.50
CA ASN E 246 29.40 4.66 -32.96
C ASN E 246 29.19 5.24 -34.35
N LEU E 247 28.95 6.55 -34.40
CA LEU E 247 28.72 7.26 -35.66
C LEU E 247 29.96 7.29 -36.53
N ASP E 248 29.76 6.99 -37.81
CA ASP E 248 30.78 6.93 -38.85
C ASP E 248 31.86 7.99 -38.66
N THR E 249 33.12 7.52 -38.65
CA THR E 249 34.31 8.34 -38.52
C THR E 249 34.20 9.45 -39.57
N GLY E 250 34.44 10.68 -39.15
CA GLY E 250 34.38 11.85 -40.03
C GLY E 250 35.75 12.44 -40.26
N LYS E 251 35.87 13.28 -41.30
CA LYS E 251 37.14 13.89 -41.59
C LYS E 251 37.36 15.11 -40.71
N TRP E 252 37.60 14.82 -39.42
CA TRP E 252 37.87 15.86 -38.44
C TRP E 252 39.17 15.55 -37.75
N ASP E 253 39.90 16.59 -37.35
CA ASP E 253 41.10 16.42 -36.54
C ASP E 253 40.63 16.66 -35.12
N HIS E 254 41.45 16.33 -34.11
CA HIS E 254 41.09 16.48 -32.71
C HIS E 254 40.60 17.90 -32.33
N PHE E 255 41.06 18.95 -33.03
CA PHE E 255 40.61 20.29 -32.69
C PHE E 255 39.40 20.73 -33.51
N SER E 256 39.29 20.29 -34.81
CA SER E 256 38.15 20.59 -35.74
C SER E 256 36.81 19.89 -35.30
N ILE E 257 36.93 18.74 -34.58
CA ILE E 257 35.79 17.93 -34.14
C ILE E 257 34.85 18.68 -33.20
N ILE E 258 35.30 19.75 -32.55
CA ILE E 258 34.42 20.50 -31.68
C ILE E 258 33.87 21.75 -32.34
N LYS E 259 34.25 22.00 -33.61
CA LYS E 259 33.74 23.16 -34.30
C LYS E 259 32.27 22.94 -34.60
N GLY E 260 31.43 23.76 -33.96
CA GLY E 260 29.98 23.73 -34.09
C GLY E 260 29.45 23.49 -35.49
N ASN E 261 29.80 24.40 -36.45
CA ASN E 261 29.38 24.31 -37.84
C ASN E 261 29.71 22.96 -38.49
N LEU E 262 30.75 22.28 -38.00
CA LEU E 262 31.18 20.98 -38.52
C LEU E 262 30.47 19.79 -37.93
N THR E 263 30.35 19.71 -36.59
CA THR E 263 29.81 18.51 -35.98
C THR E 263 28.43 18.67 -35.38
N PHE E 264 28.00 19.90 -34.98
CA PHE E 264 26.65 20.08 -34.45
C PHE E 264 25.58 19.51 -35.40
N PRO E 265 25.61 19.80 -36.73
CA PRO E 265 24.59 19.23 -37.62
C PRO E 265 24.66 17.71 -37.69
N VAL E 266 25.86 17.14 -37.49
CA VAL E 266 26.07 15.70 -37.50
C VAL E 266 25.36 15.00 -36.31
N PHE E 267 25.54 15.51 -35.08
CA PHE E 267 24.93 14.91 -33.90
C PHE E 267 23.55 15.51 -33.56
N MET E 268 23.15 16.59 -34.27
CA MET E 268 21.84 17.23 -34.06
C MET E 268 20.67 16.25 -34.09
N PRO E 269 20.60 15.30 -35.07
CA PRO E 269 19.52 14.30 -35.05
C PRO E 269 19.45 13.51 -33.75
N LEU E 270 20.60 13.29 -33.09
CA LEU E 270 20.67 12.55 -31.83
C LEU E 270 20.10 13.35 -30.67
N LEU E 271 20.02 14.67 -30.81
CA LEU E 271 19.52 15.52 -29.74
C LEU E 271 17.97 15.49 -29.62
N THR E 272 17.39 14.32 -29.26
CA THR E 272 15.94 14.10 -29.13
C THR E 272 15.60 13.31 -27.84
N ILE E 273 14.33 12.82 -27.73
CA ILE E 273 13.77 12.05 -26.60
C ILE E 273 13.88 12.85 -25.29
N GLY F 29 -14.07 -5.73 -8.74
CA GLY F 29 -13.00 -4.84 -8.27
C GLY F 29 -12.99 -4.71 -6.77
N ASN F 30 -12.45 -3.58 -6.27
CA ASN F 30 -12.32 -3.30 -4.82
C ASN F 30 -13.10 -2.00 -4.44
N PRO F 31 -14.40 -2.10 -4.01
CA PRO F 31 -15.19 -0.89 -3.72
C PRO F 31 -14.52 0.15 -2.86
N GLY F 32 -14.62 1.40 -3.30
CA GLY F 32 -14.02 2.55 -2.62
C GLY F 32 -12.69 2.93 -3.23
N TYR F 33 -11.98 1.94 -3.82
CA TYR F 33 -10.67 2.16 -4.42
C TYR F 33 -10.74 3.00 -5.70
N TRP F 34 -9.85 3.98 -5.76
CA TRP F 34 -9.72 4.81 -6.93
C TRP F 34 -8.25 5.10 -7.16
N PHE F 35 -7.91 5.39 -8.40
CA PHE F 35 -6.55 5.74 -8.78
C PHE F 35 -6.58 6.76 -9.90
N ALA F 36 -5.53 7.57 -9.98
CA ALA F 36 -5.42 8.57 -11.01
C ALA F 36 -4.75 7.93 -12.20
N GLY F 37 -5.24 8.31 -13.36
CA GLY F 37 -4.65 7.86 -14.61
C GLY F 37 -3.40 8.66 -14.84
N ASP F 38 -2.64 8.26 -15.88
CA ASP F 38 -1.38 8.87 -16.26
C ASP F 38 -1.44 10.39 -16.34
N PRO F 39 -0.43 11.04 -15.74
CA PRO F 39 -0.41 12.50 -15.71
C PRO F 39 -0.22 13.13 -17.08
N VAL F 40 -0.94 14.22 -17.34
CA VAL F 40 -0.84 14.98 -18.58
C VAL F 40 0.35 15.90 -18.36
N GLU F 41 1.36 15.82 -19.27
CA GLU F 41 2.66 16.52 -19.18
C GLU F 41 2.48 17.97 -18.73
N HIS F 42 1.82 18.77 -19.58
CA HIS F 42 1.57 20.18 -19.37
C HIS F 42 0.03 20.39 -19.38
N PRO F 43 -0.57 20.32 -18.18
CA PRO F 43 -2.03 20.43 -18.07
C PRO F 43 -2.61 21.76 -18.53
N ASP F 44 -3.88 21.73 -18.91
CA ASP F 44 -4.64 22.88 -19.38
C ASP F 44 -5.76 23.18 -18.38
N PRO F 45 -5.83 24.40 -17.80
CA PRO F 45 -6.90 24.69 -16.81
C PRO F 45 -8.30 24.57 -17.37
N ALA F 46 -8.46 24.84 -18.68
CA ALA F 46 -9.72 24.77 -19.41
C ALA F 46 -10.19 23.31 -19.60
N LYS F 47 -9.32 22.33 -19.33
CA LYS F 47 -9.59 20.89 -19.45
C LYS F 47 -9.71 20.22 -18.06
N PRO F 48 -10.96 20.10 -17.55
CA PRO F 48 -11.15 19.51 -16.20
C PRO F 48 -10.75 18.04 -16.14
N PRO F 49 -10.33 17.49 -14.98
CA PRO F 49 -10.03 16.06 -14.92
C PRO F 49 -11.32 15.23 -15.07
N ILE F 50 -11.22 14.02 -15.64
CA ILE F 50 -12.38 13.18 -15.84
C ILE F 50 -12.37 12.02 -14.88
N VAL F 51 -13.49 11.82 -14.19
CA VAL F 51 -13.64 10.67 -13.32
C VAL F 51 -14.52 9.69 -14.08
N PHE F 52 -13.95 8.50 -14.36
CA PHE F 52 -14.67 7.46 -15.07
C PHE F 52 -15.34 6.51 -14.08
N VAL F 53 -16.69 6.49 -14.14
CA VAL F 53 -17.54 5.69 -13.26
C VAL F 53 -18.04 4.40 -13.92
N HIS F 54 -17.59 3.24 -13.37
CA HIS F 54 -17.97 1.93 -13.89
C HIS F 54 -19.44 1.58 -13.64
N GLY F 55 -19.94 0.64 -14.42
CA GLY F 55 -21.34 0.28 -14.41
C GLY F 55 -21.77 -0.71 -13.36
N LEU F 56 -22.74 -1.52 -13.75
CA LEU F 56 -23.33 -2.55 -12.93
C LEU F 56 -22.46 -3.80 -12.98
N ASN F 57 -22.22 -4.45 -11.82
CA ASN F 57 -21.42 -5.66 -11.68
C ASN F 57 -20.03 -5.55 -12.29
N GLY F 58 -19.51 -4.32 -12.36
CA GLY F 58 -18.21 -4.05 -12.93
C GLY F 58 -17.17 -3.46 -11.99
N SER F 59 -16.08 -2.98 -12.59
CA SER F 59 -14.94 -2.33 -11.94
C SER F 59 -14.30 -1.37 -12.93
N SER F 60 -13.35 -0.56 -12.45
CA SER F 60 -12.60 0.37 -13.28
C SER F 60 -11.90 -0.31 -14.50
N SER F 61 -11.66 -1.65 -14.44
CA SER F 61 -11.04 -2.41 -15.52
C SER F 61 -11.79 -2.28 -16.86
N ALA F 62 -13.02 -1.71 -16.85
CA ALA F 62 -13.84 -1.52 -18.06
C ALA F 62 -13.23 -0.56 -19.10
N TRP F 63 -12.68 0.57 -18.63
CA TRP F 63 -12.05 1.59 -19.47
C TRP F 63 -10.61 1.16 -19.82
N PHE F 64 -10.29 -0.10 -19.47
CA PHE F 64 -8.98 -0.72 -19.59
C PHE F 64 -8.94 -1.94 -20.48
N ASP F 65 -9.54 -3.07 -20.05
CA ASP F 65 -9.57 -4.33 -20.81
CA ASP F 65 -9.56 -4.33 -20.79
C ASP F 65 -10.26 -4.12 -22.15
N GLU F 66 -9.48 -4.29 -23.24
CA GLU F 66 -9.86 -4.10 -24.63
C GLU F 66 -10.37 -2.65 -24.85
N ASN F 67 -9.91 -1.65 -24.08
CA ASN F 67 -10.41 -0.28 -24.26
C ASN F 67 -9.35 0.81 -24.28
N ASP F 68 -9.54 1.82 -25.15
CA ASP F 68 -8.61 2.92 -25.24
C ASP F 68 -9.13 4.22 -24.62
N MET F 69 -10.25 4.17 -23.85
CA MET F 69 -10.83 5.36 -23.21
C MET F 69 -9.82 6.14 -22.39
N ALA F 70 -9.03 5.43 -21.55
CA ALA F 70 -7.98 6.03 -20.73
C ALA F 70 -6.97 6.80 -21.63
N GLU F 71 -6.51 6.15 -22.72
CA GLU F 71 -5.60 6.72 -23.68
C GLU F 71 -6.20 7.90 -24.40
N GLN F 72 -7.50 7.82 -24.76
CA GLN F 72 -8.27 8.88 -25.43
C GLN F 72 -8.25 10.14 -24.60
N ALA F 73 -8.49 10.00 -23.30
CA ALA F 73 -8.48 11.13 -22.36
C ALA F 73 -7.10 11.75 -22.27
N TRP F 74 -6.09 10.94 -21.95
CA TRP F 74 -4.70 11.37 -21.79
C TRP F 74 -4.11 12.03 -23.06
N LYS F 75 -4.27 11.37 -24.24
CA LYS F 75 -3.73 11.88 -25.50
C LYS F 75 -4.43 13.16 -25.97
N ASN F 76 -5.62 13.42 -25.46
CA ASN F 76 -6.34 14.63 -25.80
C ASN F 76 -6.12 15.71 -24.75
N GLY F 77 -5.18 15.48 -23.83
CA GLY F 77 -4.79 16.42 -22.79
C GLY F 77 -5.67 16.49 -21.54
N TYR F 78 -6.44 15.42 -21.28
CA TYR F 78 -7.31 15.35 -20.10
C TYR F 78 -6.74 14.47 -19.00
N ASP F 79 -6.73 14.99 -17.78
CA ASP F 79 -6.28 14.22 -16.63
C ASP F 79 -7.44 13.35 -16.21
N ALA F 80 -7.17 12.21 -15.58
CA ALA F 80 -8.26 11.32 -15.24
C ALA F 80 -8.06 10.55 -13.95
N ALA F 81 -9.18 10.01 -13.42
CA ALA F 81 -9.24 9.15 -12.25
C ALA F 81 -10.24 8.08 -12.53
N PHE F 82 -10.00 6.89 -11.97
CA PHE F 82 -10.84 5.73 -12.18
C PHE F 82 -11.23 5.16 -10.85
N ILE F 83 -12.54 4.91 -10.68
CA ILE F 83 -13.08 4.44 -9.41
C ILE F 83 -13.80 3.09 -9.52
N ASP F 84 -13.66 2.36 -8.41
CA ASP F 84 -14.29 1.11 -8.06
C ASP F 84 -15.37 1.51 -7.05
N LEU F 85 -16.58 1.03 -7.31
CA LEU F 85 -17.75 1.24 -6.47
C LEU F 85 -18.30 -0.16 -6.28
N HIS F 86 -19.39 -0.29 -5.51
CA HIS F 86 -19.94 -1.62 -5.31
C HIS F 86 -20.53 -2.13 -6.60
N PRO F 87 -20.14 -3.34 -7.02
CA PRO F 87 -20.70 -3.91 -8.23
C PRO F 87 -22.12 -4.42 -7.96
N ASP F 88 -22.42 -4.71 -6.69
CA ASP F 88 -23.62 -5.36 -6.20
C ASP F 88 -24.55 -4.56 -5.30
N LYS F 89 -24.29 -3.27 -5.09
CA LYS F 89 -25.14 -2.46 -4.21
C LYS F 89 -25.89 -1.41 -4.98
N ASP F 90 -27.00 -0.90 -4.42
CA ASP F 90 -27.85 0.13 -5.05
C ASP F 90 -27.17 1.51 -5.24
N MET F 91 -27.88 2.49 -5.83
CA MET F 91 -27.38 3.84 -6.08
C MET F 91 -27.24 4.68 -4.82
N GLN F 92 -27.94 4.32 -3.74
CA GLN F 92 -27.84 5.05 -2.49
C GLN F 92 -26.47 4.78 -1.82
N ASP F 93 -26.06 3.50 -1.72
CA ASP F 93 -24.78 3.08 -1.14
C ASP F 93 -23.64 3.52 -2.06
N ASN F 94 -23.83 3.39 -3.38
CA ASN F 94 -22.84 3.81 -4.34
C ASN F 94 -22.73 5.30 -4.42
N GLY F 95 -23.86 6.00 -4.31
CA GLY F 95 -23.92 7.46 -4.31
C GLY F 95 -23.14 8.03 -3.15
N ALA F 96 -23.34 7.44 -1.94
CA ALA F 96 -22.64 7.87 -0.72
C ALA F 96 -21.13 7.68 -0.85
N MET F 97 -20.70 6.50 -1.37
CA MET F 97 -19.30 6.13 -1.58
C MET F 97 -18.65 7.04 -2.61
N LEU F 98 -19.30 7.19 -3.77
CA LEU F 98 -18.82 8.03 -4.86
C LEU F 98 -18.66 9.46 -4.39
N ALA F 99 -19.68 10.00 -3.65
CA ALA F 99 -19.63 11.36 -3.12
C ALA F 99 -18.41 11.53 -2.20
N ALA F 100 -18.15 10.50 -1.37
CA ALA F 100 -17.01 10.47 -0.45
C ALA F 100 -15.66 10.47 -1.20
N LYS F 101 -15.47 9.61 -2.21
CA LYS F 101 -14.17 9.62 -2.88
C LYS F 101 -14.05 10.83 -3.81
N LEU F 102 -15.17 11.43 -4.33
CA LEU F 102 -15.11 12.64 -5.17
C LEU F 102 -14.49 13.79 -4.41
N ARG F 103 -14.73 13.82 -3.08
CA ARG F 103 -14.15 14.77 -2.15
C ARG F 103 -12.61 14.60 -2.24
N GLU F 104 -12.10 13.35 -2.10
CA GLU F 104 -10.67 12.97 -2.19
C GLU F 104 -10.05 13.33 -3.54
N ILE F 105 -10.77 13.01 -4.63
CA ILE F 105 -10.33 13.28 -6.01
C ILE F 105 -10.26 14.79 -6.25
N TYR F 106 -11.25 15.54 -5.74
CA TYR F 106 -11.28 17.00 -5.86
C TYR F 106 -10.04 17.59 -5.21
N GLN F 107 -9.68 17.12 -3.99
CA GLN F 107 -8.49 17.58 -3.22
C GLN F 107 -7.18 17.18 -3.91
N TYR F 108 -7.21 16.03 -4.61
CA TYR F 108 -6.07 15.50 -5.36
C TYR F 108 -5.75 16.37 -6.58
N PHE F 109 -6.78 16.77 -7.35
CA PHE F 109 -6.60 17.58 -8.55
C PHE F 109 -6.67 19.07 -8.29
N GLY F 110 -7.17 19.45 -7.13
CA GLY F 110 -7.31 20.83 -6.72
C GLY F 110 -8.39 21.60 -7.48
N ARG F 111 -9.29 20.87 -8.19
CA ARG F 111 -10.35 21.48 -8.99
C ARG F 111 -11.50 20.52 -9.28
N LYS F 112 -12.65 21.12 -9.74
CA LYS F 112 -13.88 20.41 -10.10
C LYS F 112 -13.64 19.49 -11.30
N VAL F 113 -14.23 18.27 -11.23
CA VAL F 113 -14.07 17.19 -12.21
C VAL F 113 -15.33 17.03 -13.07
N ILE F 114 -15.17 16.32 -14.18
CA ILE F 114 -16.27 15.95 -15.07
C ILE F 114 -16.51 14.44 -14.86
N LEU F 115 -17.77 14.04 -14.76
CA LEU F 115 -18.05 12.63 -14.63
C LEU F 115 -18.45 12.04 -15.97
N VAL F 116 -17.75 10.97 -16.38
CA VAL F 116 -18.08 10.17 -17.56
C VAL F 116 -18.45 8.80 -16.95
N SER F 117 -19.77 8.53 -16.88
CA SER F 117 -20.32 7.38 -16.20
C SER F 117 -21.16 6.47 -17.08
N TYR F 118 -20.94 5.15 -16.95
CA TYR F 118 -21.56 4.09 -17.74
C TYR F 118 -22.58 3.26 -16.97
N SER F 119 -23.57 2.59 -17.64
CA SER F 119 -24.56 1.66 -17.04
C SER F 119 -25.17 2.26 -15.78
N LYS F 120 -25.07 1.57 -14.60
CA LYS F 120 -25.59 2.10 -13.32
C LYS F 120 -24.76 3.29 -12.82
N GLY F 121 -23.49 3.34 -13.21
CA GLY F 121 -22.59 4.43 -12.88
C GLY F 121 -23.15 5.84 -13.08
N GLY F 122 -24.10 5.99 -13.99
CA GLY F 122 -24.74 7.28 -14.26
C GLY F 122 -25.69 7.65 -13.16
N ILE F 123 -26.44 6.64 -12.69
CA ILE F 123 -27.42 6.77 -11.61
C ILE F 123 -26.68 6.99 -10.28
N ASP F 124 -25.62 6.20 -10.02
CA ASP F 124 -24.78 6.36 -8.82
C ASP F 124 -24.21 7.78 -8.80
N SER F 125 -23.85 8.32 -9.99
CA SER F 125 -23.31 9.68 -10.17
C SER F 125 -24.31 10.72 -9.72
N GLN F 126 -25.57 10.60 -10.17
CA GLN F 126 -26.64 11.52 -9.82
C GLN F 126 -26.94 11.47 -8.36
N SER F 127 -26.98 10.26 -7.77
CA SER F 127 -27.23 10.08 -6.35
C SER F 127 -26.15 10.77 -5.57
N ALA F 128 -24.88 10.59 -5.97
CA ALA F 128 -23.72 11.23 -5.34
C ALA F 128 -23.86 12.74 -5.37
N LEU F 129 -24.13 13.32 -6.54
CA LEU F 129 -24.25 14.76 -6.71
C LEU F 129 -25.44 15.41 -6.03
N ILE F 130 -26.63 14.80 -6.19
CA ILE F 130 -27.90 15.35 -5.72
C ILE F 130 -28.21 14.96 -4.28
N HIS F 131 -28.23 13.67 -3.99
CA HIS F 131 -28.59 13.22 -2.65
C HIS F 131 -27.43 13.18 -1.68
N HIS F 132 -26.18 13.24 -2.17
CA HIS F 132 -25.03 13.20 -1.27
C HIS F 132 -24.13 14.42 -1.44
N ASN F 133 -24.69 15.48 -2.04
CA ASN F 133 -24.12 16.81 -2.22
C ASN F 133 -22.70 16.87 -2.81
N ALA F 134 -22.36 15.94 -3.71
CA ALA F 134 -21.05 15.92 -4.37
C ALA F 134 -20.98 16.94 -5.50
N TYR F 135 -22.08 17.67 -5.75
CA TYR F 135 -22.15 18.69 -6.82
C TYR F 135 -21.05 19.77 -6.70
N HIS F 136 -20.55 19.97 -5.47
CA HIS F 136 -19.49 20.91 -5.13
C HIS F 136 -18.16 20.59 -5.84
N TYR F 137 -17.93 19.32 -6.24
CA TYR F 137 -16.66 18.95 -6.89
C TYR F 137 -16.82 18.53 -8.34
N VAL F 138 -18.05 18.64 -8.87
CA VAL F 138 -18.33 18.23 -10.24
C VAL F 138 -18.85 19.42 -11.07
N GLU F 139 -18.26 19.59 -12.26
CA GLU F 139 -18.63 20.62 -13.25
C GLU F 139 -19.87 20.19 -14.07
N ARG F 140 -19.84 18.93 -14.56
CA ARG F 140 -20.90 18.29 -15.38
C ARG F 140 -20.77 16.76 -15.43
N VAL F 141 -21.89 16.10 -15.79
CA VAL F 141 -22.01 14.66 -15.86
C VAL F 141 -22.45 14.23 -17.25
N ILE F 142 -21.72 13.26 -17.82
CA ILE F 142 -21.99 12.63 -19.11
C ILE F 142 -22.28 11.15 -18.84
N THR F 143 -23.49 10.72 -19.13
CA THR F 143 -23.87 9.33 -18.94
C THR F 143 -23.91 8.56 -20.25
N LEU F 144 -23.36 7.33 -20.24
CA LEU F 144 -23.28 6.44 -21.39
C LEU F 144 -24.16 5.21 -21.14
N GLY F 145 -25.26 5.12 -21.89
CA GLY F 145 -26.18 4.00 -21.81
C GLY F 145 -26.68 3.72 -20.42
N THR F 146 -26.97 4.78 -19.66
CA THR F 146 -27.46 4.68 -18.28
C THR F 146 -28.97 4.51 -18.28
N PRO F 147 -29.51 3.46 -17.64
CA PRO F 147 -30.98 3.30 -17.60
C PRO F 147 -31.62 4.22 -16.58
N HIS F 148 -31.64 5.52 -16.88
CA HIS F 148 -32.22 6.53 -16.01
C HIS F 148 -33.68 6.27 -15.68
N HIS F 149 -34.41 5.59 -16.58
CA HIS F 149 -35.82 5.23 -16.35
C HIS F 149 -36.02 3.74 -16.05
N GLY F 150 -34.92 3.04 -15.81
CA GLY F 150 -34.93 1.62 -15.48
C GLY F 150 -34.68 0.70 -16.65
N SER F 151 -34.40 -0.56 -16.34
CA SER F 151 -34.11 -1.59 -17.32
C SER F 151 -35.20 -2.62 -17.31
N GLN F 152 -35.81 -2.88 -18.47
CA GLN F 152 -36.86 -3.88 -18.62
C GLN F 152 -36.28 -5.27 -18.46
N LEU F 153 -34.96 -5.39 -18.70
CA LEU F 153 -34.20 -6.63 -18.50
C LEU F 153 -34.04 -6.88 -17.01
N ALA F 154 -33.87 -5.83 -16.19
CA ALA F 154 -33.74 -5.99 -14.77
C ALA F 154 -35.08 -6.43 -14.19
N ASP F 155 -36.20 -5.88 -14.70
CA ASP F 155 -37.56 -6.25 -14.25
C ASP F 155 -37.77 -7.72 -14.56
N LEU F 156 -37.38 -8.12 -15.80
CA LEU F 156 -37.48 -9.49 -16.30
C LEU F 156 -36.77 -10.45 -15.36
N ALA F 157 -35.76 -9.98 -14.66
CA ALA F 157 -34.97 -10.74 -13.72
C ALA F 157 -35.69 -11.09 -12.41
N TYR F 158 -36.24 -10.09 -11.72
CA TYR F 158 -36.87 -10.40 -10.46
C TYR F 158 -38.36 -10.77 -10.67
N SER F 159 -38.54 -11.90 -11.39
CA SER F 159 -39.77 -12.62 -11.76
C SER F 159 -39.33 -13.96 -12.40
N ASN F 160 -38.67 -13.91 -13.57
CA ASN F 160 -38.18 -15.10 -14.26
C ASN F 160 -36.85 -14.81 -14.91
N TRP F 161 -35.83 -14.87 -14.09
CA TRP F 161 -34.42 -14.70 -14.41
C TRP F 161 -34.01 -15.83 -15.32
N ALA F 162 -32.92 -15.66 -16.06
CA ALA F 162 -32.45 -16.70 -16.95
C ALA F 162 -31.00 -16.56 -17.31
N GLY F 163 -30.38 -17.70 -17.58
CA GLY F 163 -28.98 -17.83 -17.97
C GLY F 163 -28.42 -16.77 -18.91
N TRP F 164 -29.22 -16.35 -19.91
CA TRP F 164 -28.85 -15.37 -20.93
C TRP F 164 -28.73 -13.95 -20.47
N LEU F 165 -29.55 -13.53 -19.48
CA LEU F 165 -29.51 -12.12 -19.05
C LEU F 165 -28.46 -11.94 -17.97
N ALA F 166 -27.99 -13.06 -17.40
CA ALA F 166 -26.88 -13.00 -16.47
C ALA F 166 -25.67 -12.46 -17.22
N ASP F 167 -25.59 -12.71 -18.53
CA ASP F 167 -24.48 -12.31 -19.39
C ASP F 167 -24.48 -10.83 -19.69
N ILE F 168 -25.67 -10.23 -19.72
CA ILE F 168 -25.84 -8.81 -19.98
C ILE F 168 -25.69 -8.01 -18.68
N LEU F 169 -26.36 -8.48 -17.62
CA LEU F 169 -26.45 -7.81 -16.33
C LEU F 169 -25.49 -8.22 -15.20
N GLY F 170 -25.03 -9.47 -15.16
CA GLY F 170 -24.26 -9.99 -14.04
C GLY F 170 -25.24 -10.69 -13.13
N GLN F 171 -24.80 -11.33 -12.04
CA GLN F 171 -25.79 -12.08 -11.25
C GLN F 171 -26.63 -11.19 -10.34
N LYS F 172 -27.93 -11.58 -10.16
CA LYS F 172 -28.96 -10.96 -9.32
C LYS F 172 -28.34 -10.47 -8.02
N ASN F 173 -28.60 -9.18 -7.70
CA ASN F 173 -28.16 -8.52 -6.47
C ASN F 173 -28.95 -7.22 -6.24
N ASP F 174 -28.63 -6.50 -5.14
CA ASP F 174 -29.23 -5.22 -4.79
C ASP F 174 -29.08 -4.17 -5.91
N ALA F 175 -27.94 -4.19 -6.65
CA ALA F 175 -27.69 -3.26 -7.75
C ALA F 175 -28.61 -3.57 -8.91
N VAL F 176 -28.72 -4.86 -9.28
CA VAL F 176 -29.56 -5.40 -10.37
C VAL F 176 -31.06 -5.17 -10.02
N TYR F 177 -31.41 -5.21 -8.73
CA TYR F 177 -32.74 -4.93 -8.18
C TYR F 177 -33.06 -3.44 -8.33
N SER F 178 -32.11 -2.55 -8.02
CA SER F 178 -32.27 -1.10 -8.09
C SER F 178 -32.48 -0.56 -9.49
N LEU F 179 -32.28 -1.39 -10.51
CA LEU F 179 -32.44 -0.99 -11.91
C LEU F 179 -33.83 -1.27 -12.46
N GLN F 180 -34.70 -1.92 -11.67
CA GLN F 180 -36.07 -2.20 -12.09
C GLN F 180 -36.78 -0.89 -12.36
N THR F 181 -37.65 -0.87 -13.38
CA THR F 181 -38.35 0.35 -13.84
C THR F 181 -39.22 0.97 -12.76
N GLY F 182 -39.80 0.14 -11.91
CA GLY F 182 -40.62 0.60 -10.81
C GLY F 182 -39.78 1.37 -9.82
N PHE F 183 -38.65 0.76 -9.42
CA PHE F 183 -37.67 1.30 -8.49
C PHE F 183 -37.12 2.61 -9.02
N MET F 184 -36.76 2.64 -10.32
CA MET F 184 -36.23 3.82 -10.99
C MET F 184 -37.25 4.95 -11.10
N LYS F 185 -38.54 4.62 -11.26
CA LYS F 185 -39.60 5.64 -11.33
C LYS F 185 -39.59 6.43 -10.03
N SER F 186 -39.49 5.73 -8.89
CA SER F 186 -39.43 6.30 -7.55
C SER F 186 -38.18 7.16 -7.40
N PHE F 187 -37.01 6.64 -7.84
CA PHE F 187 -35.77 7.37 -7.77
C PHE F 187 -35.90 8.67 -8.55
N ARG F 188 -36.43 8.59 -9.79
CA ARG F 188 -36.64 9.74 -10.67
C ARG F 188 -37.47 10.82 -9.96
N ASP F 189 -38.56 10.41 -9.30
CA ASP F 189 -39.48 11.30 -8.58
C ASP F 189 -38.77 12.11 -7.50
N GLN F 190 -37.88 11.45 -6.75
CA GLN F 190 -37.12 12.07 -5.66
C GLN F 190 -35.89 12.84 -6.09
N THR F 191 -35.44 12.62 -7.33
CA THR F 191 -34.23 13.23 -7.86
C THR F 191 -34.46 14.41 -8.80
N ASP F 192 -35.35 14.22 -9.80
CA ASP F 192 -35.61 15.22 -10.85
C ASP F 192 -36.23 16.53 -10.35
N ASN F 193 -36.83 16.51 -9.16
CA ASN F 193 -37.44 17.68 -8.56
C ASN F 193 -36.64 18.25 -7.38
N HIS F 194 -35.55 17.59 -7.00
CA HIS F 194 -34.65 18.01 -5.93
C HIS F 194 -33.89 19.29 -6.35
N PRO F 195 -33.73 20.28 -5.43
CA PRO F 195 -33.02 21.52 -5.80
C PRO F 195 -31.61 21.32 -6.29
N ASN F 196 -30.90 20.28 -5.80
CA ASN F 196 -29.52 20.00 -6.22
C ASN F 196 -29.38 19.60 -7.69
N ARG F 197 -30.47 19.12 -8.32
CA ARG F 197 -30.51 18.69 -9.72
C ARG F 197 -30.10 19.81 -10.66
N LEU F 198 -30.54 21.03 -10.35
CA LEU F 198 -30.29 22.22 -11.16
C LEU F 198 -28.87 22.75 -11.08
N LYS F 199 -28.09 22.30 -10.10
CA LYS F 199 -26.73 22.75 -9.85
C LYS F 199 -25.64 22.11 -10.75
N THR F 200 -26.01 21.08 -11.53
CA THR F 200 -25.04 20.44 -12.42
C THR F 200 -25.64 20.17 -13.78
N LYS F 201 -24.82 20.33 -14.82
CA LYS F 201 -25.25 20.13 -16.21
C LYS F 201 -25.20 18.67 -16.55
N TYR F 202 -26.29 18.17 -17.16
CA TYR F 202 -26.48 16.77 -17.49
C TYR F 202 -26.49 16.46 -19.00
N PHE F 203 -25.65 15.45 -19.44
CA PHE F 203 -25.50 15.04 -20.86
C PHE F 203 -25.67 13.53 -20.98
N THR F 204 -26.51 13.09 -21.92
CA THR F 204 -26.70 11.65 -22.09
C THR F 204 -26.33 11.19 -23.48
N LEU F 205 -25.74 10.00 -23.56
CA LEU F 205 -25.41 9.30 -24.80
C LEU F 205 -26.16 8.00 -24.73
N ALA F 206 -26.69 7.56 -25.88
CA ALA F 206 -27.44 6.32 -25.98
C ALA F 206 -27.21 5.66 -27.32
N GLY F 207 -27.27 4.33 -27.34
CA GLY F 207 -27.06 3.52 -28.53
C GLY F 207 -28.35 2.91 -29.01
N ASN F 208 -28.40 2.58 -30.32
CA ASN F 208 -29.57 1.97 -30.95
C ASN F 208 -29.22 0.67 -31.63
N LYS F 209 -27.93 0.28 -31.62
CA LYS F 209 -27.42 -0.95 -32.23
C LYS F 209 -27.59 -2.11 -31.26
N ILE F 210 -28.22 -3.21 -31.70
CA ILE F 210 -28.37 -4.38 -30.84
C ILE F 210 -27.19 -5.32 -31.09
N GLY F 211 -27.02 -6.30 -30.24
CA GLY F 211 -25.92 -7.24 -30.37
C GLY F 211 -25.99 -8.08 -31.62
N GLY F 212 -24.82 -8.49 -32.06
CA GLY F 212 -24.68 -9.32 -33.24
C GLY F 212 -25.12 -10.74 -32.99
N PHE F 213 -25.41 -11.49 -34.06
CA PHE F 213 -25.82 -12.89 -33.95
C PHE F 213 -24.77 -13.66 -33.19
N GLY F 214 -25.18 -14.31 -32.11
CA GLY F 214 -24.28 -15.09 -31.27
C GLY F 214 -23.72 -14.33 -30.11
N SER F 215 -24.26 -13.15 -29.83
CA SER F 215 -23.82 -12.35 -28.70
C SER F 215 -24.97 -12.27 -27.75
N ALA F 216 -24.74 -12.09 -26.43
CA ALA F 216 -25.88 -12.06 -25.52
C ALA F 216 -26.71 -10.82 -25.71
N LEU F 217 -26.09 -9.76 -26.30
CA LEU F 217 -26.79 -8.51 -26.63
C LEU F 217 -27.80 -8.67 -27.79
N PHE F 218 -27.79 -9.83 -28.47
CA PHE F 218 -28.72 -10.16 -29.53
C PHE F 218 -30.05 -10.44 -28.86
N PHE F 219 -30.02 -11.27 -27.80
CA PHE F 219 -31.20 -11.60 -27.02
C PHE F 219 -31.74 -10.38 -26.33
N GLY F 220 -30.86 -9.71 -25.59
CA GLY F 220 -31.20 -8.48 -24.88
C GLY F 220 -31.84 -7.49 -25.81
N GLY F 221 -31.34 -7.44 -27.04
CA GLY F 221 -31.84 -6.59 -28.10
C GLY F 221 -33.26 -6.87 -28.51
N VAL F 222 -33.48 -8.00 -29.17
CA VAL F 222 -34.77 -8.45 -29.71
C VAL F 222 -35.89 -8.49 -28.64
N TYR F 223 -35.52 -8.64 -27.37
CA TYR F 223 -36.47 -8.62 -26.28
C TYR F 223 -36.92 -7.18 -26.11
N LEU F 224 -35.96 -6.26 -25.84
CA LEU F 224 -36.21 -4.84 -25.60
C LEU F 224 -36.77 -4.09 -26.78
N ASN F 225 -36.71 -4.71 -27.99
CA ASN F 225 -37.25 -4.20 -29.25
C ASN F 225 -38.73 -3.98 -29.09
N MET F 226 -39.41 -4.86 -28.31
CA MET F 226 -40.85 -4.75 -28.11
C MET F 226 -41.23 -3.48 -27.34
N PHE F 227 -40.24 -2.83 -26.74
CA PHE F 227 -40.38 -1.56 -26.02
C PHE F 227 -39.91 -0.38 -26.85
N GLY F 228 -38.91 -0.59 -27.70
CA GLY F 228 -38.37 0.45 -28.57
C GLY F 228 -36.92 0.28 -28.90
N GLU F 229 -36.35 1.30 -29.53
CA GLU F 229 -34.94 1.35 -29.92
C GLU F 229 -34.10 1.07 -28.70
N ASN F 230 -33.10 0.18 -28.80
CA ASN F 230 -32.28 -0.18 -27.64
C ASN F 230 -30.87 -0.56 -28.00
N ASP F 231 -29.93 -0.47 -27.04
CA ASP F 231 -28.53 -0.87 -27.25
C ASP F 231 -28.27 -2.30 -26.82
N GLY F 232 -29.31 -3.11 -26.78
CA GLY F 232 -29.17 -4.51 -26.37
C GLY F 232 -29.33 -4.69 -24.88
N ALA F 233 -29.42 -3.59 -24.09
CA ALA F 233 -29.59 -3.61 -22.63
C ALA F 233 -30.50 -2.48 -22.12
N VAL F 234 -30.32 -1.27 -22.65
CA VAL F 234 -31.13 -0.13 -22.25
C VAL F 234 -31.85 0.46 -23.45
N THR F 235 -33.14 0.73 -23.30
CA THR F 235 -33.87 1.36 -24.39
C THR F 235 -33.40 2.78 -24.50
N GLU F 236 -33.34 3.33 -25.71
CA GLU F 236 -32.87 4.71 -25.93
C GLU F 236 -33.69 5.69 -25.11
N LYS F 237 -35.00 5.50 -25.04
CA LYS F 237 -35.85 6.39 -24.25
C LYS F 237 -35.57 6.30 -22.75
N ASN F 238 -35.17 5.12 -22.22
CA ASN F 238 -34.86 4.97 -20.80
C ASN F 238 -33.45 5.42 -20.47
N ALA F 239 -32.65 5.76 -21.48
CA ALA F 239 -31.27 6.24 -21.32
C ALA F 239 -31.16 7.76 -21.23
N ARG F 240 -32.31 8.44 -21.25
CA ARG F 240 -32.43 9.89 -21.25
C ARG F 240 -32.95 10.50 -19.95
N LEU F 241 -32.67 11.78 -19.75
CA LEU F 241 -33.15 12.58 -18.63
C LEU F 241 -33.87 13.76 -19.28
N PRO F 242 -35.04 14.14 -18.76
CA PRO F 242 -35.81 15.25 -19.38
C PRO F 242 -35.08 16.59 -19.53
N TYR F 243 -34.26 16.94 -18.53
CA TYR F 243 -33.50 18.19 -18.45
C TYR F 243 -32.08 18.10 -18.97
N ALA F 244 -31.68 16.92 -19.47
CA ALA F 244 -30.31 16.73 -19.97
C ALA F 244 -30.18 17.10 -21.43
N THR F 245 -28.94 17.35 -21.84
CA THR F 245 -28.60 17.57 -23.24
C THR F 245 -28.50 16.13 -23.74
N ASN F 246 -29.55 15.67 -24.39
CA ASN F 246 -29.61 14.30 -24.86
C ASN F 246 -29.01 14.20 -26.25
N LEU F 247 -27.73 13.84 -26.33
CA LEU F 247 -27.00 13.73 -27.59
C LEU F 247 -27.56 12.62 -28.44
N ASP F 248 -27.76 12.92 -29.73
CA ASP F 248 -28.33 12.02 -30.73
C ASP F 248 -27.82 10.60 -30.64
N THR F 249 -28.77 9.65 -30.69
CA THR F 249 -28.54 8.21 -30.60
C THR F 249 -27.54 7.78 -31.63
N GLY F 250 -26.50 7.11 -31.15
CA GLY F 250 -25.44 6.61 -32.00
C GLY F 250 -25.55 5.13 -32.23
N LYS F 251 -24.85 4.63 -33.24
CA LYS F 251 -24.90 3.21 -33.52
C LYS F 251 -23.92 2.45 -32.63
N TRP F 252 -24.27 2.37 -31.35
CA TRP F 252 -23.47 1.65 -30.36
C TRP F 252 -24.36 0.65 -29.67
N ASP F 253 -23.78 -0.49 -29.29
CA ASP F 253 -24.49 -1.48 -28.47
C ASP F 253 -24.02 -1.17 -27.04
N HIS F 254 -24.66 -1.76 -26.02
CA HIS F 254 -24.33 -1.51 -24.63
C HIS F 254 -22.86 -1.71 -24.28
N PHE F 255 -22.14 -2.59 -24.99
CA PHE F 255 -20.73 -2.81 -24.67
C PHE F 255 -19.79 -1.94 -25.48
N SER F 256 -20.15 -1.66 -26.75
CA SER F 256 -19.35 -0.81 -27.62
C SER F 256 -19.39 0.67 -27.20
N ILE F 257 -20.47 1.12 -26.50
CA ILE F 257 -20.66 2.50 -26.07
C ILE F 257 -19.56 3.00 -25.13
N ILE F 258 -18.79 2.11 -24.49
CA ILE F 258 -17.72 2.59 -23.61
C ILE F 258 -16.36 2.51 -24.25
N LYS F 259 -16.28 2.04 -25.51
CA LYS F 259 -15.00 1.96 -26.20
C LYS F 259 -14.59 3.37 -26.60
N GLY F 260 -13.45 3.81 -26.07
CA GLY F 260 -12.92 5.16 -26.24
C GLY F 260 -13.14 5.68 -27.65
N ASN F 261 -12.43 5.06 -28.59
CA ASN F 261 -12.42 5.31 -30.03
C ASN F 261 -13.71 5.89 -30.55
N LEU F 262 -14.87 5.27 -30.22
CA LEU F 262 -16.18 5.62 -30.80
C LEU F 262 -17.12 6.51 -29.95
N THR F 263 -16.83 6.74 -28.68
CA THR F 263 -17.70 7.65 -27.96
C THR F 263 -16.93 8.85 -27.45
N PHE F 264 -15.64 8.67 -27.12
CA PHE F 264 -14.83 9.77 -26.61
C PHE F 264 -14.85 10.99 -27.51
N PRO F 265 -14.55 10.88 -28.82
CA PRO F 265 -14.58 12.07 -29.68
C PRO F 265 -15.96 12.72 -29.72
N VAL F 266 -17.01 11.91 -29.48
CA VAL F 266 -18.40 12.37 -29.50
C VAL F 266 -18.69 13.32 -28.31
N PHE F 267 -18.24 12.93 -27.09
CA PHE F 267 -18.45 13.69 -25.84
C PHE F 267 -17.29 14.66 -25.47
N MET F 268 -16.14 14.58 -26.22
CA MET F 268 -14.98 15.47 -26.02
C MET F 268 -15.39 16.96 -26.07
N PRO F 269 -16.23 17.43 -27.04
CA PRO F 269 -16.65 18.84 -27.00
C PRO F 269 -17.30 19.26 -25.69
N LEU F 270 -17.99 18.30 -25.02
CA LEU F 270 -18.66 18.55 -23.73
C LEU F 270 -17.68 18.67 -22.58
N LEU F 271 -16.45 18.17 -22.76
CA LEU F 271 -15.43 18.23 -21.72
C LEU F 271 -14.78 19.62 -21.60
N THR F 272 -15.57 20.64 -21.19
CA THR F 272 -15.13 22.04 -21.04
C THR F 272 -15.64 22.69 -19.74
N ILE F 273 -15.50 24.04 -19.62
CA ILE F 273 -15.91 24.87 -18.48
C ILE F 273 -15.22 24.41 -17.18
#